data_1X4U
#
_entry.id   1X4U
#
loop_
_entity.id
_entity.type
_entity.pdbx_description
1 polymer 'Zinc finger, FYVE domain containing 27 isoform b'
2 non-polymer 'ZINC ION'
#
_entity_poly.entity_id   1
_entity_poly.type   'polypeptide(L)'
_entity_poly.pdbx_seq_one_letter_code
;GSSGSSGRYPTNNFGNCTGCSATFSVLKKRRSCSNCGNSFCSRCCSFKVPKSSMGATAPEAQRETVFVCASCNQTLSKSG
PSSG
;
_entity_poly.pdbx_strand_id   A
#
# COMPACT_ATOMS: atom_id res chain seq x y z
N GLY A 1 -21.67 -18.11 14.63
CA GLY A 1 -20.28 -18.51 14.46
C GLY A 1 -19.69 -17.99 13.17
N SER A 2 -18.73 -17.07 13.30
CA SER A 2 -18.07 -16.48 12.14
C SER A 2 -16.56 -16.69 12.20
N SER A 3 -16.01 -17.23 11.11
CA SER A 3 -14.58 -17.49 11.04
C SER A 3 -13.86 -16.42 10.22
N GLY A 4 -12.64 -16.08 10.62
CA GLY A 4 -11.88 -15.07 9.92
C GLY A 4 -10.61 -14.69 10.65
N SER A 5 -9.77 -15.69 10.92
CA SER A 5 -8.51 -15.46 11.62
C SER A 5 -7.34 -16.06 10.85
N SER A 6 -6.27 -15.27 10.70
CA SER A 6 -5.08 -15.73 9.98
C SER A 6 -4.02 -16.23 10.94
N GLY A 7 -3.57 -17.46 10.72
CA GLY A 7 -2.55 -18.04 11.58
C GLY A 7 -1.22 -18.21 10.87
N ARG A 8 -0.60 -17.09 10.51
CA ARG A 8 0.68 -17.11 9.82
C ARG A 8 1.68 -16.16 10.49
N TYR A 9 2.96 -16.39 10.24
CA TYR A 9 4.00 -15.55 10.81
C TYR A 9 3.59 -14.07 10.81
N PRO A 10 3.97 -13.35 11.86
CA PRO A 10 3.65 -11.92 12.00
C PRO A 10 4.42 -11.06 11.00
N THR A 11 5.33 -11.68 10.25
CA THR A 11 6.12 -10.98 9.26
C THR A 11 5.48 -11.07 7.88
N ASN A 12 5.98 -10.26 6.95
CA ASN A 12 5.46 -10.26 5.58
C ASN A 12 6.60 -10.38 4.57
N ASN A 13 6.27 -10.87 3.38
CA ASN A 13 7.26 -11.03 2.32
C ASN A 13 8.13 -9.80 2.20
N PHE A 14 9.37 -9.99 1.76
CA PHE A 14 10.32 -8.89 1.59
C PHE A 14 11.27 -9.15 0.43
N GLY A 15 12.11 -8.16 0.13
CA GLY A 15 13.06 -8.31 -0.95
C GLY A 15 12.43 -8.07 -2.31
N ASN A 16 11.11 -8.15 -2.38
CA ASN A 16 10.39 -7.94 -3.63
C ASN A 16 9.11 -7.15 -3.39
N CYS A 17 8.41 -6.83 -4.47
CA CYS A 17 7.17 -6.07 -4.39
C CYS A 17 6.12 -6.84 -3.60
N THR A 18 5.22 -6.11 -2.94
CA THR A 18 4.17 -6.72 -2.14
C THR A 18 2.86 -6.80 -2.93
N GLY A 19 2.97 -6.74 -4.25
CA GLY A 19 1.79 -6.81 -5.10
C GLY A 19 1.95 -7.79 -6.24
N CYS A 20 3.04 -7.66 -6.98
CA CYS A 20 3.32 -8.55 -8.11
C CYS A 20 4.53 -9.43 -7.83
N SER A 21 5.09 -9.28 -6.64
CA SER A 21 6.27 -10.06 -6.25
C SER A 21 7.34 -9.99 -7.33
N ALA A 22 7.58 -8.79 -7.84
CA ALA A 22 8.59 -8.59 -8.88
C ALA A 22 9.86 -7.96 -8.30
N THR A 23 10.88 -8.80 -8.11
CA THR A 23 12.15 -8.32 -7.56
C THR A 23 12.54 -6.97 -8.15
N PHE A 24 13.25 -6.17 -7.36
CA PHE A 24 13.68 -4.85 -7.80
C PHE A 24 15.09 -4.90 -8.39
N SER A 25 15.17 -5.04 -9.71
CA SER A 25 16.45 -5.12 -10.39
C SER A 25 17.13 -3.74 -10.45
N VAL A 26 18.38 -3.72 -10.87
CA VAL A 26 19.13 -2.47 -10.97
C VAL A 26 18.27 -1.37 -11.60
N LEU A 27 17.42 -1.75 -12.53
CA LEU A 27 16.54 -0.80 -13.20
C LEU A 27 15.36 -0.42 -12.31
N LYS A 28 14.69 -1.42 -11.77
CA LYS A 28 13.55 -1.19 -10.89
C LYS A 28 14.00 -0.65 -9.54
N LYS A 29 13.28 0.34 -9.02
CA LYS A 29 13.59 0.94 -7.74
C LYS A 29 12.51 0.65 -6.71
N ARG A 30 12.90 0.07 -5.59
CA ARG A 30 11.95 -0.25 -4.53
C ARG A 30 11.27 1.01 -4.00
N ARG A 31 10.06 1.25 -4.46
CA ARG A 31 9.29 2.43 -4.03
C ARG A 31 8.64 2.18 -2.67
N SER A 32 8.02 3.22 -2.13
CA SER A 32 7.36 3.13 -0.83
C SER A 32 5.98 3.79 -0.87
N CYS A 33 4.96 3.02 -0.50
CA CYS A 33 3.59 3.53 -0.51
C CYS A 33 3.45 4.71 0.46
N SER A 34 2.36 5.45 0.31
CA SER A 34 2.11 6.62 1.16
C SER A 34 1.04 6.30 2.20
N ASN A 35 0.12 5.41 1.85
CA ASN A 35 -0.96 5.02 2.75
C ASN A 35 -0.51 3.89 3.67
N CYS A 36 -0.42 2.69 3.12
CA CYS A 36 0.00 1.52 3.89
C CYS A 36 1.46 1.65 4.33
N GLY A 37 2.28 2.22 3.45
CA GLY A 37 3.69 2.40 3.76
C GLY A 37 4.49 1.13 3.53
N ASN A 38 4.15 0.40 2.47
CA ASN A 38 4.84 -0.84 2.13
C ASN A 38 5.69 -0.67 0.88
N SER A 39 6.49 -1.68 0.58
CA SER A 39 7.36 -1.64 -0.59
C SER A 39 6.61 -2.11 -1.84
N PHE A 40 6.90 -1.48 -2.96
CA PHE A 40 6.26 -1.82 -4.23
C PHE A 40 7.15 -1.45 -5.41
N CYS A 41 6.84 -2.01 -6.58
CA CYS A 41 7.61 -1.76 -7.78
C CYS A 41 7.21 -0.42 -8.41
N SER A 42 7.78 -0.12 -9.57
CA SER A 42 7.48 1.13 -10.27
C SER A 42 6.22 0.99 -11.11
N ARG A 43 5.50 -0.11 -10.92
CA ARG A 43 4.27 -0.35 -11.66
C ARG A 43 3.07 -0.43 -10.73
N CYS A 44 3.33 -0.81 -9.48
CA CYS A 44 2.26 -0.92 -8.48
C CYS A 44 2.09 0.40 -7.72
N CYS A 45 3.20 1.08 -7.48
CA CYS A 45 3.17 2.35 -6.75
C CYS A 45 3.06 3.52 -7.72
N SER A 46 2.30 3.32 -8.80
CA SER A 46 2.12 4.36 -9.80
C SER A 46 0.67 4.87 -9.79
N PHE A 47 0.12 5.02 -8.60
CA PHE A 47 -1.25 5.51 -8.45
C PHE A 47 -1.28 6.79 -7.63
N LYS A 48 -1.86 7.83 -8.22
CA LYS A 48 -1.96 9.13 -7.55
C LYS A 48 -3.29 9.25 -6.80
N VAL A 49 -3.21 9.60 -5.53
CA VAL A 49 -4.40 9.76 -4.71
C VAL A 49 -4.23 10.86 -3.67
N PRO A 50 -5.32 11.54 -3.32
CA PRO A 50 -5.31 12.63 -2.34
C PRO A 50 -5.07 12.12 -0.92
N LYS A 51 -4.35 12.92 -0.14
CA LYS A 51 -4.03 12.55 1.24
C LYS A 51 -5.08 13.11 2.20
N SER A 52 -5.71 14.21 1.80
CA SER A 52 -6.74 14.84 2.62
C SER A 52 -7.80 13.83 3.06
N SER A 53 -8.14 12.93 2.15
CA SER A 53 -9.14 11.91 2.43
C SER A 53 -8.49 10.53 2.60
N MET A 54 -7.35 10.52 3.28
CA MET A 54 -6.62 9.28 3.52
C MET A 54 -6.82 8.79 4.95
N GLY A 55 -6.71 9.72 5.90
CA GLY A 55 -6.89 9.36 7.29
C GLY A 55 -6.99 10.58 8.20
N ALA A 56 -6.19 11.61 7.89
CA ALA A 56 -6.21 12.83 8.67
C ALA A 56 -6.45 14.05 7.79
N THR A 57 -7.53 14.79 8.09
CA THR A 57 -7.88 15.97 7.32
C THR A 57 -7.25 17.22 7.91
N ALA A 58 -6.62 18.03 7.06
CA ALA A 58 -5.98 19.25 7.50
C ALA A 58 -6.16 20.37 6.47
N PRO A 59 -6.21 21.62 6.96
CA PRO A 59 -6.38 22.79 6.10
C PRO A 59 -5.15 23.07 5.25
N GLU A 60 -4.11 22.26 5.42
CA GLU A 60 -2.88 22.41 4.68
C GLU A 60 -2.92 21.60 3.38
N ALA A 61 -3.05 20.29 3.51
CA ALA A 61 -3.10 19.41 2.35
C ALA A 61 -4.54 19.24 1.85
N GLN A 62 -4.87 19.94 0.77
CA GLN A 62 -6.20 19.87 0.19
C GLN A 62 -6.15 19.36 -1.24
N ARG A 63 -5.39 20.05 -2.08
CA ARG A 63 -5.25 19.67 -3.49
C ARG A 63 -3.91 18.99 -3.74
N GLU A 64 -3.52 18.12 -2.82
CA GLU A 64 -2.25 17.40 -2.94
C GLU A 64 -2.47 16.01 -3.53
N THR A 65 -1.44 15.47 -4.17
CA THR A 65 -1.52 14.15 -4.77
C THR A 65 -0.32 13.28 -4.36
N VAL A 66 -0.61 12.17 -3.70
CA VAL A 66 0.44 11.25 -3.26
C VAL A 66 0.41 9.96 -4.05
N PHE A 67 1.51 9.22 -4.00
CA PHE A 67 1.61 7.95 -4.71
C PHE A 67 1.34 6.78 -3.79
N VAL A 68 0.51 5.85 -4.23
CA VAL A 68 0.16 4.68 -3.44
C VAL A 68 0.20 3.40 -4.28
N CYS A 69 0.14 2.25 -3.62
CA CYS A 69 0.15 0.97 -4.31
C CYS A 69 -1.26 0.54 -4.71
N ALA A 70 -1.38 -0.05 -5.90
CA ALA A 70 -2.67 -0.50 -6.40
C ALA A 70 -3.53 -1.04 -5.26
N SER A 71 -3.02 -2.03 -4.55
CA SER A 71 -3.74 -2.64 -3.44
C SER A 71 -4.48 -1.58 -2.63
N CYS A 72 -3.81 -0.45 -2.39
CA CYS A 72 -4.40 0.64 -1.63
C CYS A 72 -5.29 1.51 -2.52
N ASN A 73 -4.70 2.07 -3.56
CA ASN A 73 -5.43 2.91 -4.49
C ASN A 73 -6.84 2.39 -4.72
N GLN A 74 -6.96 1.07 -4.79
CA GLN A 74 -8.26 0.43 -5.00
C GLN A 74 -9.14 0.57 -3.76
N THR A 75 -8.57 0.32 -2.60
CA THR A 75 -9.30 0.42 -1.34
C THR A 75 -9.72 1.86 -1.06
N LEU A 76 -8.82 2.80 -1.32
CA LEU A 76 -9.11 4.21 -1.11
C LEU A 76 -10.22 4.69 -2.03
N SER A 77 -10.09 4.39 -3.32
CA SER A 77 -11.10 4.79 -4.30
C SER A 77 -12.50 4.44 -3.83
N LYS A 78 -12.74 3.14 -3.65
CA LYS A 78 -14.05 2.66 -3.20
C LYS A 78 -14.15 2.73 -1.67
N SER A 79 -15.38 2.90 -1.19
CA SER A 79 -15.62 2.99 0.25
C SER A 79 -16.19 1.68 0.78
N GLY A 80 -16.14 1.51 2.10
CA GLY A 80 -16.65 0.30 2.73
C GLY A 80 -16.21 0.16 4.16
N PRO A 81 -15.16 -0.65 4.39
CA PRO A 81 -14.62 -0.88 5.74
C PRO A 81 -13.94 0.35 6.32
N SER A 82 -13.69 0.33 7.62
CA SER A 82 -13.04 1.45 8.29
C SER A 82 -11.55 1.49 7.96
N SER A 83 -11.15 2.52 7.21
CA SER A 83 -9.75 2.68 6.81
C SER A 83 -8.82 2.39 7.99
N GLY A 84 -7.96 1.39 7.82
CA GLY A 84 -7.02 1.04 8.87
C GLY A 84 -5.88 0.18 8.37
N GLY A 1 -20.37 -22.32 14.40
CA GLY A 1 -20.43 -21.16 13.52
C GLY A 1 -19.20 -20.28 13.61
N SER A 2 -19.35 -19.01 13.26
CA SER A 2 -18.23 -18.08 13.31
C SER A 2 -18.16 -17.38 14.67
N SER A 3 -17.21 -17.79 15.49
CA SER A 3 -17.05 -17.20 16.82
C SER A 3 -15.57 -16.97 17.14
N GLY A 4 -15.17 -15.70 17.15
CA GLY A 4 -13.79 -15.37 17.44
C GLY A 4 -12.96 -15.22 16.18
N SER A 5 -12.03 -14.26 16.20
CA SER A 5 -11.17 -14.01 15.04
C SER A 5 -10.71 -15.33 14.43
N SER A 6 -10.31 -15.26 13.15
CA SER A 6 -9.84 -16.44 12.44
C SER A 6 -8.55 -16.99 13.07
N GLY A 7 -7.59 -16.11 13.25
CA GLY A 7 -6.31 -16.51 13.83
C GLY A 7 -5.14 -16.19 12.94
N ARG A 8 -5.10 -16.80 11.76
CA ARG A 8 -4.02 -16.58 10.81
C ARG A 8 -3.83 -15.09 10.55
N TYR A 9 -2.61 -14.60 10.78
CA TYR A 9 -2.30 -13.19 10.56
C TYR A 9 -1.60 -12.99 9.23
N PRO A 10 -1.90 -11.86 8.57
CA PRO A 10 -1.31 -11.52 7.27
C PRO A 10 0.16 -11.17 7.38
N THR A 11 1.01 -11.90 6.66
CA THR A 11 2.44 -11.66 6.68
C THR A 11 3.04 -11.79 5.29
N ASN A 12 4.07 -10.99 5.01
CA ASN A 12 4.73 -11.01 3.72
C ASN A 12 6.22 -10.77 3.86
N ASN A 13 7.02 -11.44 3.03
CA ASN A 13 8.46 -11.30 3.07
C ASN A 13 8.92 -10.09 2.26
N PHE A 14 10.16 -9.68 2.46
CA PHE A 14 10.72 -8.53 1.75
C PHE A 14 11.56 -8.97 0.56
N GLY A 15 12.08 -8.01 -0.18
CA GLY A 15 12.89 -8.32 -1.34
C GLY A 15 12.13 -8.17 -2.64
N ASN A 16 10.86 -8.54 -2.64
CA ASN A 16 10.02 -8.44 -3.83
C ASN A 16 8.79 -7.58 -3.56
N CYS A 17 8.27 -6.95 -4.61
CA CYS A 17 7.10 -6.10 -4.49
C CYS A 17 6.00 -6.79 -3.70
N THR A 18 5.20 -5.99 -2.99
CA THR A 18 4.11 -6.52 -2.18
C THR A 18 2.78 -6.49 -2.95
N GLY A 19 2.89 -6.44 -4.28
CA GLY A 19 1.69 -6.41 -5.10
C GLY A 19 1.73 -7.43 -6.22
N CYS A 20 2.75 -7.33 -7.07
CA CYS A 20 2.91 -8.26 -8.18
C CYS A 20 4.00 -9.29 -7.90
N SER A 21 4.65 -9.15 -6.74
CA SER A 21 5.71 -10.07 -6.35
C SER A 21 6.83 -10.07 -7.39
N ALA A 22 7.16 -8.89 -7.90
CA ALA A 22 8.21 -8.75 -8.89
C ALA A 22 9.49 -8.19 -8.25
N THR A 23 10.46 -9.07 -8.03
CA THR A 23 11.73 -8.66 -7.44
C THR A 23 12.21 -7.33 -8.00
N PHE A 24 12.92 -6.56 -7.19
CA PHE A 24 13.43 -5.26 -7.61
C PHE A 24 14.81 -5.40 -8.25
N SER A 25 14.84 -5.49 -9.57
CA SER A 25 16.10 -5.63 -10.30
C SER A 25 16.82 -4.30 -10.39
N VAL A 26 17.94 -4.28 -11.13
CA VAL A 26 18.73 -3.07 -11.30
C VAL A 26 17.90 -1.96 -11.93
N LEU A 27 16.85 -2.34 -12.64
CA LEU A 27 15.98 -1.37 -13.30
C LEU A 27 14.67 -1.22 -12.54
N LYS A 28 14.69 -1.53 -11.24
CA LYS A 28 13.51 -1.42 -10.40
C LYS A 28 13.86 -0.85 -9.04
N LYS A 29 13.47 0.39 -8.80
CA LYS A 29 13.74 1.05 -7.53
C LYS A 29 12.65 0.76 -6.52
N ARG A 30 13.01 0.10 -5.42
CA ARG A 30 12.05 -0.24 -4.38
C ARG A 30 11.34 1.00 -3.87
N ARG A 31 10.14 1.24 -4.39
CA ARG A 31 9.35 2.41 -3.98
C ARG A 31 8.55 2.10 -2.72
N SER A 32 8.26 3.14 -1.95
CA SER A 32 7.51 2.99 -0.71
C SER A 32 6.14 3.67 -0.82
N CYS A 33 5.08 2.90 -0.58
CA CYS A 33 3.72 3.42 -0.66
C CYS A 33 3.58 4.66 0.21
N SER A 34 2.49 5.40 -0.01
CA SER A 34 2.24 6.62 0.76
C SER A 34 1.21 6.36 1.86
N ASN A 35 0.28 5.46 1.60
CA ASN A 35 -0.76 5.12 2.57
C ASN A 35 -0.25 4.05 3.54
N CYS A 36 -0.18 2.81 3.06
CA CYS A 36 0.28 1.70 3.88
C CYS A 36 1.76 1.85 4.23
N GLY A 37 2.51 2.45 3.31
CA GLY A 37 3.93 2.65 3.53
C GLY A 37 4.73 1.36 3.38
N ASN A 38 4.34 0.54 2.41
CA ASN A 38 5.02 -0.73 2.16
C ASN A 38 5.88 -0.64 0.90
N SER A 39 6.63 -1.70 0.63
CA SER A 39 7.49 -1.75 -0.55
C SER A 39 6.69 -2.12 -1.80
N PHE A 40 7.05 -1.51 -2.92
CA PHE A 40 6.37 -1.77 -4.18
C PHE A 40 7.25 -1.39 -5.37
N CYS A 41 6.90 -1.88 -6.55
CA CYS A 41 7.66 -1.58 -7.76
C CYS A 41 7.29 -0.20 -8.31
N SER A 42 7.84 0.13 -9.47
CA SER A 42 7.58 1.43 -10.09
C SER A 42 6.28 1.38 -10.91
N ARG A 43 5.63 0.23 -10.89
CA ARG A 43 4.39 0.05 -11.64
C ARG A 43 3.20 -0.08 -10.69
N CYS A 44 3.49 -0.44 -9.44
CA CYS A 44 2.45 -0.58 -8.43
C CYS A 44 2.30 0.69 -7.60
N CYS A 45 3.43 1.33 -7.31
CA CYS A 45 3.43 2.55 -6.52
C CYS A 45 3.38 3.78 -7.42
N SER A 46 2.50 3.73 -8.43
CA SER A 46 2.36 4.84 -9.36
C SER A 46 0.89 5.27 -9.47
N PHE A 47 0.18 5.16 -8.36
CA PHE A 47 -1.23 5.55 -8.33
C PHE A 47 -1.42 6.86 -7.58
N LYS A 48 -1.72 7.92 -8.32
CA LYS A 48 -1.94 9.23 -7.73
C LYS A 48 -3.29 9.30 -7.02
N VAL A 49 -3.25 9.55 -5.71
CA VAL A 49 -4.47 9.64 -4.91
C VAL A 49 -4.39 10.79 -3.92
N PRO A 50 -5.55 11.43 -3.66
CA PRO A 50 -5.64 12.55 -2.72
C PRO A 50 -5.43 12.12 -1.28
N LYS A 51 -4.51 12.79 -0.59
CA LYS A 51 -4.21 12.47 0.80
C LYS A 51 -5.23 13.15 1.73
N SER A 52 -5.78 14.26 1.29
CA SER A 52 -6.76 15.00 2.08
C SER A 52 -7.98 14.13 2.37
N SER A 53 -8.47 13.45 1.34
CA SER A 53 -9.64 12.59 1.48
C SER A 53 -9.22 11.16 1.79
N MET A 54 -8.26 11.01 2.68
CA MET A 54 -7.77 9.69 3.08
C MET A 54 -8.23 9.33 4.48
N GLY A 55 -7.90 10.18 5.45
CA GLY A 55 -8.29 9.94 6.82
C GLY A 55 -8.29 11.20 7.66
N ALA A 56 -7.11 11.64 8.07
CA ALA A 56 -6.97 12.84 8.89
C ALA A 56 -6.54 14.03 8.04
N THR A 57 -7.51 14.67 7.40
CA THR A 57 -7.23 15.83 6.55
C THR A 57 -6.56 16.94 7.34
N ALA A 58 -5.48 17.48 6.78
CA ALA A 58 -4.73 18.56 7.45
C ALA A 58 -5.09 19.92 6.83
N PRO A 59 -4.73 21.00 7.54
CA PRO A 59 -4.99 22.36 7.10
C PRO A 59 -4.14 22.76 5.89
N GLU A 60 -3.08 22.00 5.66
CA GLU A 60 -2.18 22.27 4.55
C GLU A 60 -2.34 21.21 3.46
N ALA A 61 -2.83 20.04 3.84
CA ALA A 61 -3.03 18.95 2.90
C ALA A 61 -4.48 18.88 2.44
N GLN A 62 -4.83 19.70 1.46
CA GLN A 62 -6.19 19.74 0.93
C GLN A 62 -6.22 19.30 -0.53
N ARG A 63 -5.32 19.85 -1.33
CA ARG A 63 -5.25 19.51 -2.75
C ARG A 63 -3.91 18.87 -3.08
N GLU A 64 -3.46 17.96 -2.22
CA GLU A 64 -2.19 17.28 -2.42
C GLU A 64 -2.41 15.86 -2.96
N THR A 65 -1.51 15.41 -3.82
CA THR A 65 -1.62 14.08 -4.41
C THR A 65 -0.41 13.23 -4.05
N VAL A 66 -0.65 11.97 -3.70
CA VAL A 66 0.41 11.05 -3.33
C VAL A 66 0.34 9.77 -4.16
N PHE A 67 1.39 8.96 -4.06
CA PHE A 67 1.45 7.70 -4.80
C PHE A 67 1.28 6.51 -3.86
N VAL A 68 0.32 5.64 -4.19
CA VAL A 68 0.05 4.46 -3.38
C VAL A 68 0.20 3.18 -4.20
N CYS A 69 -0.01 2.05 -3.55
CA CYS A 69 0.10 0.75 -4.22
C CYS A 69 -1.27 0.24 -4.64
N ALA A 70 -1.31 -0.39 -5.82
CA ALA A 70 -2.57 -0.93 -6.35
C ALA A 70 -3.46 -1.43 -5.22
N SER A 71 -2.88 -2.21 -4.30
CA SER A 71 -3.64 -2.75 -3.18
C SER A 71 -4.44 -1.66 -2.48
N CYS A 72 -3.77 -0.56 -2.18
CA CYS A 72 -4.42 0.57 -1.51
C CYS A 72 -5.31 1.34 -2.47
N ASN A 73 -4.71 1.86 -3.54
CA ASN A 73 -5.44 2.63 -4.54
C ASN A 73 -6.84 2.05 -4.75
N GLN A 74 -6.93 0.72 -4.72
CA GLN A 74 -8.21 0.04 -4.91
C GLN A 74 -9.14 0.29 -3.73
N THR A 75 -8.59 0.19 -2.52
CA THR A 75 -9.37 0.41 -1.31
C THR A 75 -9.78 1.88 -1.18
N LEU A 76 -8.84 2.77 -1.38
CA LEU A 76 -9.10 4.21 -1.29
C LEU A 76 -10.25 4.61 -2.21
N SER A 77 -10.10 4.31 -3.50
CA SER A 77 -11.11 4.65 -4.49
C SER A 77 -12.44 3.97 -4.15
N LYS A 78 -12.38 2.67 -3.88
CA LYS A 78 -13.56 1.89 -3.54
C LYS A 78 -13.88 2.00 -2.06
N SER A 79 -14.75 2.93 -1.70
CA SER A 79 -15.15 3.14 -0.32
C SER A 79 -16.62 2.84 -0.11
N GLY A 80 -16.91 1.63 0.35
CA GLY A 80 -18.30 1.23 0.58
C GLY A 80 -18.74 1.48 2.01
N PRO A 81 -18.64 0.44 2.85
CA PRO A 81 -19.03 0.53 4.26
C PRO A 81 -18.08 1.38 5.08
N SER A 82 -18.39 2.68 5.16
CA SER A 82 -17.56 3.62 5.91
C SER A 82 -18.22 4.00 7.23
N SER A 83 -18.80 3.02 7.90
CA SER A 83 -19.47 3.25 9.17
C SER A 83 -19.44 2.00 10.04
N GLY A 84 -19.01 2.18 11.30
CA GLY A 84 -18.94 1.05 12.22
C GLY A 84 -17.51 0.63 12.51
N GLY A 1 -7.43 -37.06 26.76
CA GLY A 1 -6.89 -35.84 27.34
C GLY A 1 -5.90 -35.15 26.44
N SER A 2 -6.25 -33.96 25.95
CA SER A 2 -5.37 -33.21 25.07
C SER A 2 -3.96 -33.13 25.63
N SER A 3 -2.97 -33.10 24.75
CA SER A 3 -1.57 -33.03 25.16
C SER A 3 -0.67 -32.70 23.96
N GLY A 4 0.33 -31.86 24.20
CA GLY A 4 1.24 -31.48 23.14
C GLY A 4 1.34 -29.97 22.97
N SER A 5 2.19 -29.54 22.05
CA SER A 5 2.36 -28.11 21.79
C SER A 5 2.28 -27.81 20.30
N SER A 6 1.68 -26.68 19.96
CA SER A 6 1.52 -26.28 18.56
C SER A 6 2.15 -24.91 18.32
N GLY A 7 2.83 -24.77 17.18
CA GLY A 7 3.46 -23.50 16.85
C GLY A 7 4.14 -23.52 15.50
N ARG A 8 4.10 -22.40 14.79
CA ARG A 8 4.72 -22.30 13.48
C ARG A 8 4.88 -20.85 13.07
N TYR A 9 5.95 -20.57 12.32
CA TYR A 9 6.23 -19.22 11.86
C TYR A 9 6.93 -19.23 10.51
N PRO A 10 6.48 -18.37 9.58
CA PRO A 10 7.05 -18.27 8.24
C PRO A 10 8.44 -17.65 8.26
N THR A 11 9.13 -17.72 7.12
CA THR A 11 10.47 -17.17 7.00
C THR A 11 10.98 -17.25 5.56
N ASN A 12 11.31 -16.11 4.99
CA ASN A 12 11.80 -16.05 3.62
C ASN A 12 12.28 -14.65 3.27
N ASN A 13 13.51 -14.56 2.76
CA ASN A 13 14.09 -13.28 2.37
C ASN A 13 13.05 -12.39 1.70
N PHE A 14 12.55 -11.40 2.44
CA PHE A 14 11.55 -10.47 1.92
C PHE A 14 12.23 -9.29 1.23
N GLY A 15 12.36 -9.38 -0.09
CA GLY A 15 12.98 -8.31 -0.85
C GLY A 15 12.35 -8.12 -2.21
N ASN A 16 11.02 -8.19 -2.26
CA ASN A 16 10.29 -8.03 -3.51
C ASN A 16 9.00 -7.25 -3.29
N CYS A 17 8.35 -6.88 -4.39
CA CYS A 17 7.09 -6.13 -4.32
C CYS A 17 6.07 -6.87 -3.47
N THR A 18 5.08 -6.13 -2.96
CA THR A 18 4.04 -6.71 -2.14
C THR A 18 2.78 -7.01 -2.95
N GLY A 19 2.88 -6.81 -4.26
CA GLY A 19 1.74 -7.06 -5.14
C GLY A 19 2.07 -8.05 -6.23
N CYS A 20 3.10 -7.74 -7.02
CA CYS A 20 3.52 -8.61 -8.12
C CYS A 20 4.77 -9.39 -7.75
N SER A 21 5.16 -9.30 -6.48
CA SER A 21 6.35 -10.00 -6.00
C SER A 21 7.46 -9.96 -7.05
N ALA A 22 7.64 -8.81 -7.68
CA ALA A 22 8.66 -8.64 -8.69
C ALA A 22 9.93 -8.02 -8.10
N THR A 23 10.92 -8.85 -7.83
CA THR A 23 12.17 -8.39 -7.26
C THR A 23 12.60 -7.06 -7.87
N PHE A 24 13.26 -6.23 -7.07
CA PHE A 24 13.71 -4.92 -7.54
C PHE A 24 15.14 -5.00 -8.06
N SER A 25 15.29 -4.99 -9.38
CA SER A 25 16.59 -5.06 -10.02
C SER A 25 17.35 -3.75 -9.86
N VAL A 26 18.58 -3.71 -10.38
CA VAL A 26 19.41 -2.51 -10.29
C VAL A 26 18.67 -1.30 -10.84
N LEU A 27 17.82 -1.53 -11.85
CA LEU A 27 17.06 -0.45 -12.47
C LEU A 27 15.83 -0.11 -11.63
N LYS A 28 14.98 -1.11 -11.42
CA LYS A 28 13.76 -0.91 -10.64
C LYS A 28 14.09 -0.43 -9.22
N LYS A 29 13.67 0.79 -8.91
CA LYS A 29 13.92 1.37 -7.60
C LYS A 29 12.76 1.08 -6.65
N ARG A 30 13.04 0.32 -5.60
CA ARG A 30 12.02 -0.03 -4.62
C ARG A 30 11.25 1.22 -4.17
N ARG A 31 9.98 1.28 -4.56
CA ARG A 31 9.13 2.40 -4.20
C ARG A 31 8.44 2.17 -2.85
N SER A 32 8.11 3.25 -2.16
CA SER A 32 7.45 3.16 -0.87
C SER A 32 6.07 3.82 -0.90
N CYS A 33 5.04 3.03 -0.59
CA CYS A 33 3.67 3.54 -0.59
C CYS A 33 3.53 4.73 0.35
N SER A 34 2.44 5.47 0.20
CA SER A 34 2.18 6.64 1.03
C SER A 34 1.15 6.34 2.10
N ASN A 35 0.23 5.43 1.79
CA ASN A 35 -0.82 5.05 2.73
C ASN A 35 -0.33 3.94 3.66
N CYS A 36 -0.25 2.72 3.12
CA CYS A 36 0.20 1.58 3.90
C CYS A 36 1.67 1.71 4.27
N GLY A 37 2.45 2.30 3.37
CA GLY A 37 3.87 2.48 3.61
C GLY A 37 4.67 1.21 3.41
N ASN A 38 4.28 0.44 2.40
CA ASN A 38 4.96 -0.82 2.09
C ASN A 38 5.82 -0.69 0.84
N SER A 39 6.58 -1.73 0.53
CA SER A 39 7.44 -1.72 -0.65
C SER A 39 6.66 -2.17 -1.89
N PHE A 40 6.88 -1.47 -3.00
CA PHE A 40 6.21 -1.78 -4.25
C PHE A 40 7.08 -1.42 -5.44
N CYS A 41 6.75 -1.97 -6.60
CA CYS A 41 7.50 -1.71 -7.82
C CYS A 41 7.06 -0.41 -8.47
N SER A 42 7.63 -0.10 -9.63
CA SER A 42 7.30 1.13 -10.35
C SER A 42 6.06 0.93 -11.21
N ARG A 43 5.34 -0.16 -10.98
CA ARG A 43 4.13 -0.46 -11.73
C ARG A 43 2.93 -0.57 -10.81
N CYS A 44 3.18 -0.95 -9.56
CA CYS A 44 2.12 -1.10 -8.57
C CYS A 44 1.92 0.18 -7.78
N CYS A 45 3.01 0.93 -7.60
CA CYS A 45 2.95 2.19 -6.86
C CYS A 45 2.91 3.38 -7.81
N SER A 46 2.21 3.21 -8.92
CA SER A 46 2.09 4.27 -9.92
C SER A 46 0.68 4.86 -9.92
N PHE A 47 0.07 4.89 -8.74
CA PHE A 47 -1.28 5.43 -8.60
C PHE A 47 -1.29 6.62 -7.64
N LYS A 48 -1.80 7.75 -8.11
CA LYS A 48 -1.87 8.96 -7.30
C LYS A 48 -3.24 9.11 -6.66
N VAL A 49 -3.25 9.37 -5.36
CA VAL A 49 -4.50 9.54 -4.63
C VAL A 49 -4.41 10.70 -3.64
N PRO A 50 -5.56 11.34 -3.38
CA PRO A 50 -5.64 12.47 -2.45
C PRO A 50 -5.43 12.05 -1.00
N LYS A 51 -4.43 12.65 -0.36
CA LYS A 51 -4.12 12.34 1.03
C LYS A 51 -5.09 13.07 1.97
N SER A 52 -5.27 14.36 1.72
CA SER A 52 -6.16 15.17 2.55
C SER A 52 -7.55 14.55 2.62
N SER A 53 -8.05 14.09 1.49
CA SER A 53 -9.37 13.47 1.43
C SER A 53 -9.26 11.95 1.40
N MET A 54 -8.33 11.41 2.17
CA MET A 54 -8.12 9.97 2.23
C MET A 54 -8.94 9.34 3.36
N GLY A 55 -8.68 9.79 4.58
CA GLY A 55 -9.39 9.27 5.72
C GLY A 55 -9.33 10.19 6.93
N ALA A 56 -8.17 10.81 7.13
CA ALA A 56 -7.99 11.74 8.25
C ALA A 56 -7.66 13.14 7.75
N THR A 57 -8.70 13.94 7.52
CA THR A 57 -8.53 15.30 7.05
C THR A 57 -7.66 16.11 8.01
N ALA A 58 -6.41 16.32 7.63
CA ALA A 58 -5.48 17.09 8.45
C ALA A 58 -5.35 18.52 7.96
N PRO A 59 -5.17 19.46 8.90
CA PRO A 59 -5.03 20.89 8.57
C PRO A 59 -3.71 21.19 7.87
N GLU A 60 -2.76 20.26 7.95
CA GLU A 60 -1.47 20.43 7.32
C GLU A 60 -1.49 19.98 5.87
N ALA A 61 -2.36 19.01 5.58
CA ALA A 61 -2.49 18.48 4.22
C ALA A 61 -3.87 18.77 3.65
N GLN A 62 -3.90 19.55 2.57
CA GLN A 62 -5.16 19.90 1.93
C GLN A 62 -5.03 19.89 0.40
N ARG A 63 -6.01 19.30 -0.27
CA ARG A 63 -6.00 19.21 -1.72
C ARG A 63 -4.62 18.80 -2.22
N GLU A 64 -4.00 17.83 -1.54
CA GLU A 64 -2.69 17.34 -1.92
C GLU A 64 -2.78 15.96 -2.54
N THR A 65 -1.74 15.57 -3.28
CA THR A 65 -1.71 14.27 -3.93
C THR A 65 -0.53 13.43 -3.42
N VAL A 66 -0.69 12.11 -3.49
CA VAL A 66 0.36 11.20 -3.03
C VAL A 66 0.34 9.91 -3.84
N PHE A 67 1.48 9.23 -3.88
CA PHE A 67 1.60 7.98 -4.62
C PHE A 67 1.36 6.78 -3.70
N VAL A 68 0.49 5.88 -4.14
CA VAL A 68 0.16 4.69 -3.36
C VAL A 68 0.23 3.43 -4.23
N CYS A 69 0.09 2.28 -3.60
CA CYS A 69 0.13 1.00 -4.31
C CYS A 69 -1.27 0.57 -4.74
N ALA A 70 -1.35 -0.07 -5.90
CA ALA A 70 -2.63 -0.54 -6.42
C ALA A 70 -3.52 -1.07 -5.30
N SER A 71 -2.99 -2.00 -4.52
CA SER A 71 -3.75 -2.59 -3.42
C SER A 71 -4.48 -1.52 -2.62
N CYS A 72 -3.81 -0.38 -2.42
CA CYS A 72 -4.40 0.72 -1.68
C CYS A 72 -5.27 1.59 -2.57
N ASN A 73 -4.66 2.19 -3.59
CA ASN A 73 -5.38 3.05 -4.52
C ASN A 73 -6.77 2.48 -4.81
N GLN A 74 -6.86 1.16 -4.92
CA GLN A 74 -8.13 0.50 -5.20
C GLN A 74 -9.07 0.63 -4.01
N THR A 75 -8.54 0.45 -2.81
CA THR A 75 -9.33 0.54 -1.59
C THR A 75 -9.74 1.98 -1.31
N LEU A 76 -8.79 2.90 -1.47
CA LEU A 76 -9.05 4.32 -1.23
C LEU A 76 -10.13 4.84 -2.18
N SER A 77 -9.86 4.74 -3.47
CA SER A 77 -10.80 5.21 -4.49
C SER A 77 -12.24 4.95 -4.05
N LYS A 78 -12.49 3.76 -3.51
CA LYS A 78 -13.82 3.39 -3.05
C LYS A 78 -14.49 4.56 -2.33
N SER A 79 -15.82 4.64 -2.45
CA SER A 79 -16.57 5.71 -1.81
C SER A 79 -17.59 5.14 -0.83
N GLY A 80 -18.21 6.02 -0.04
CA GLY A 80 -19.19 5.59 0.94
C GLY A 80 -19.40 6.61 2.02
N PRO A 81 -20.26 6.28 3.00
CA PRO A 81 -20.58 7.16 4.13
C PRO A 81 -19.41 7.32 5.08
N SER A 82 -18.25 6.81 4.68
CA SER A 82 -17.05 6.89 5.51
C SER A 82 -16.51 8.32 5.56
N SER A 83 -17.28 9.21 6.19
CA SER A 83 -16.90 10.61 6.31
C SER A 83 -17.45 11.22 7.59
N GLY A 84 -16.63 12.02 8.26
CA GLY A 84 -17.06 12.65 9.49
C GLY A 84 -15.93 13.42 10.17
N GLY A 1 -12.19 -28.11 24.48
CA GLY A 1 -12.02 -28.15 23.04
C GLY A 1 -10.72 -27.52 22.59
N SER A 2 -9.97 -28.26 21.77
CA SER A 2 -8.69 -27.77 21.27
C SER A 2 -8.76 -27.48 19.77
N SER A 3 -8.33 -26.30 19.39
CA SER A 3 -8.34 -25.89 17.98
C SER A 3 -6.95 -25.97 17.38
N GLY A 4 -6.85 -26.63 16.21
CA GLY A 4 -5.57 -26.76 15.55
C GLY A 4 -5.30 -25.66 14.56
N SER A 5 -5.02 -24.47 15.06
CA SER A 5 -4.76 -23.31 14.21
C SER A 5 -3.25 -23.09 14.04
N SER A 6 -2.51 -24.19 13.89
CA SER A 6 -1.07 -24.11 13.74
C SER A 6 -0.70 -23.56 12.36
N GLY A 7 0.55 -23.13 12.21
CA GLY A 7 1.01 -22.59 10.94
C GLY A 7 2.12 -21.58 11.11
N ARG A 8 3.36 -22.00 10.85
CA ARG A 8 4.51 -21.13 10.98
C ARG A 8 5.50 -21.35 9.83
N TYR A 9 5.94 -20.25 9.22
CA TYR A 9 6.88 -20.33 8.10
C TYR A 9 7.68 -19.04 7.99
N PRO A 10 8.91 -19.16 7.45
CA PRO A 10 9.81 -18.02 7.27
C PRO A 10 9.32 -17.07 6.18
N THR A 11 9.31 -15.78 6.49
CA THR A 11 8.87 -14.77 5.54
C THR A 11 9.43 -15.04 4.15
N ASN A 12 8.61 -14.83 3.12
CA ASN A 12 9.03 -15.06 1.74
C ASN A 12 8.60 -13.89 0.85
N ASN A 13 7.40 -13.37 1.10
CA ASN A 13 6.87 -12.27 0.31
C ASN A 13 7.88 -11.12 0.26
N PHE A 14 8.46 -10.79 1.41
CA PHE A 14 9.43 -9.71 1.48
C PHE A 14 10.49 -9.84 0.38
N GLY A 15 11.35 -8.84 0.26
CA GLY A 15 12.38 -8.86 -0.75
C GLY A 15 11.89 -8.40 -2.11
N ASN A 16 10.63 -8.71 -2.40
CA ASN A 16 10.03 -8.32 -3.67
C ASN A 16 8.72 -7.56 -3.45
N CYS A 17 8.26 -6.87 -4.49
CA CYS A 17 7.02 -6.11 -4.41
C CYS A 17 5.96 -6.87 -3.63
N THR A 18 4.98 -6.14 -3.11
CA THR A 18 3.90 -6.74 -2.34
C THR A 18 2.71 -7.09 -3.23
N GLY A 19 2.83 -6.76 -4.52
CA GLY A 19 1.75 -7.04 -5.45
C GLY A 19 2.18 -8.02 -6.53
N CYS A 20 3.17 -7.63 -7.33
CA CYS A 20 3.66 -8.47 -8.41
C CYS A 20 4.97 -9.14 -8.02
N SER A 21 5.23 -9.21 -6.71
CA SER A 21 6.45 -9.82 -6.21
C SER A 21 7.63 -9.54 -7.14
N ALA A 22 7.58 -8.40 -7.81
CA ALA A 22 8.65 -8.01 -8.73
C ALA A 22 9.96 -7.76 -7.98
N THR A 23 10.85 -8.75 -8.02
CA THR A 23 12.13 -8.65 -7.35
C THR A 23 12.86 -7.36 -7.75
N PHE A 24 13.60 -6.79 -6.81
CA PHE A 24 14.34 -5.56 -7.06
C PHE A 24 15.84 -5.83 -7.14
N SER A 25 16.39 -5.71 -8.34
CA SER A 25 17.82 -5.96 -8.56
C SER A 25 18.45 -4.79 -9.32
N VAL A 26 18.08 -4.64 -10.58
CA VAL A 26 18.61 -3.57 -11.42
C VAL A 26 17.51 -2.88 -12.21
N LEU A 27 16.71 -3.68 -12.90
CA LEU A 27 15.60 -3.15 -13.71
C LEU A 27 14.33 -3.01 -12.86
N LYS A 28 14.50 -2.62 -11.61
CA LYS A 28 13.37 -2.45 -10.71
C LYS A 28 13.83 -1.83 -9.39
N LYS A 29 13.19 -0.72 -9.01
CA LYS A 29 13.53 -0.03 -7.76
C LYS A 29 12.41 -0.19 -6.74
N ARG A 30 12.79 -0.59 -5.53
CA ARG A 30 11.81 -0.79 -4.46
C ARG A 30 11.32 0.55 -3.92
N ARG A 31 10.09 0.92 -4.27
CA ARG A 31 9.50 2.17 -3.83
C ARG A 31 8.82 2.01 -2.48
N SER A 32 8.18 3.07 -2.00
CA SER A 32 7.49 3.04 -0.72
C SER A 32 6.12 3.73 -0.83
N CYS A 33 5.07 2.97 -0.54
CA CYS A 33 3.71 3.49 -0.61
C CYS A 33 3.56 4.71 0.28
N SER A 34 2.48 5.47 0.08
CA SER A 34 2.22 6.67 0.86
C SER A 34 1.17 6.41 1.94
N ASN A 35 0.24 5.51 1.63
CA ASN A 35 -0.82 5.16 2.57
C ASN A 35 -0.37 4.07 3.52
N CYS A 36 -0.31 2.83 3.03
CA CYS A 36 0.11 1.70 3.84
C CYS A 36 1.58 1.84 4.25
N GLY A 37 2.39 2.38 3.34
CA GLY A 37 3.80 2.56 3.63
C GLY A 37 4.59 1.27 3.46
N ASN A 38 4.22 0.48 2.46
CA ASN A 38 4.90 -0.79 2.20
C ASN A 38 5.78 -0.70 0.95
N SER A 39 6.51 -1.77 0.67
CA SER A 39 7.39 -1.80 -0.49
C SER A 39 6.62 -2.19 -1.75
N PHE A 40 6.90 -1.50 -2.85
CA PHE A 40 6.23 -1.77 -4.12
C PHE A 40 7.14 -1.43 -5.29
N CYS A 41 6.75 -1.87 -6.49
CA CYS A 41 7.52 -1.60 -7.69
C CYS A 41 7.11 -0.28 -8.32
N SER A 42 7.68 0.02 -9.49
CA SER A 42 7.39 1.26 -10.19
C SER A 42 6.14 1.11 -11.05
N ARG A 43 5.41 0.02 -10.84
CA ARG A 43 4.19 -0.24 -11.60
C ARG A 43 2.98 -0.33 -10.68
N CYS A 44 3.21 -0.74 -9.44
CA CYS A 44 2.15 -0.87 -8.45
C CYS A 44 1.99 0.42 -7.65
N CYS A 45 3.11 1.08 -7.35
CA CYS A 45 3.09 2.32 -6.60
C CYS A 45 3.07 3.52 -7.53
N SER A 46 2.27 3.44 -8.58
CA SER A 46 2.16 4.51 -9.56
C SER A 46 0.73 5.02 -9.66
N PHE A 47 0.07 5.15 -8.52
CA PHE A 47 -1.31 5.62 -8.49
C PHE A 47 -1.43 6.92 -7.70
N LYS A 48 -1.85 7.98 -8.38
CA LYS A 48 -2.00 9.29 -7.75
C LYS A 48 -3.33 9.38 -7.00
N VAL A 49 -3.25 9.55 -5.69
CA VAL A 49 -4.45 9.66 -4.87
C VAL A 49 -4.31 10.76 -3.82
N PRO A 50 -5.44 11.36 -3.43
CA PRO A 50 -5.46 12.44 -2.43
C PRO A 50 -5.12 11.94 -1.04
N LYS A 51 -4.20 12.62 -0.37
CA LYS A 51 -3.80 12.24 0.98
C LYS A 51 -4.75 12.84 2.02
N SER A 52 -5.26 14.03 1.74
CA SER A 52 -6.17 14.71 2.65
C SER A 52 -7.14 13.71 3.29
N SER A 53 -7.78 12.91 2.45
CA SER A 53 -8.73 11.91 2.93
C SER A 53 -8.09 11.01 3.99
N MET A 54 -6.97 10.39 3.63
CA MET A 54 -6.26 9.50 4.53
C MET A 54 -5.94 10.21 5.84
N GLY A 55 -6.00 9.47 6.94
CA GLY A 55 -5.72 10.05 8.24
C GLY A 55 -6.76 11.05 8.67
N ALA A 56 -6.32 12.27 8.95
CA ALA A 56 -7.22 13.34 9.38
C ALA A 56 -6.99 14.61 8.58
N THR A 57 -7.97 15.00 7.77
CA THR A 57 -7.86 16.20 6.96
C THR A 57 -7.18 17.34 7.73
N ALA A 58 -6.17 17.93 7.11
CA ALA A 58 -5.44 19.03 7.74
C ALA A 58 -5.46 20.28 6.86
N PRO A 59 -5.24 21.44 7.49
CA PRO A 59 -5.24 22.73 6.79
C PRO A 59 -4.03 22.88 5.86
N GLU A 60 -3.20 21.84 5.81
CA GLU A 60 -2.02 21.86 4.96
C GLU A 60 -2.28 21.14 3.64
N ALA A 61 -2.93 19.99 3.71
CA ALA A 61 -3.25 19.21 2.52
C ALA A 61 -4.76 19.12 2.31
N GLN A 62 -5.23 19.67 1.19
CA GLN A 62 -6.65 19.65 0.87
C GLN A 62 -6.90 18.93 -0.45
N ARG A 63 -6.08 19.23 -1.45
CA ARG A 63 -6.22 18.61 -2.77
C ARG A 63 -4.88 18.07 -3.25
N GLU A 64 -3.99 17.77 -2.31
CA GLU A 64 -2.67 17.25 -2.65
C GLU A 64 -2.79 15.87 -3.30
N THR A 65 -1.69 15.42 -3.90
CA THR A 65 -1.66 14.11 -4.57
C THR A 65 -0.44 13.31 -4.15
N VAL A 66 -0.64 12.03 -3.88
CA VAL A 66 0.45 11.15 -3.47
C VAL A 66 0.43 9.85 -4.26
N PHE A 67 1.52 9.09 -4.17
CA PHE A 67 1.63 7.83 -4.88
C PHE A 67 1.38 6.65 -3.94
N VAL A 68 0.40 5.82 -4.28
CA VAL A 68 0.07 4.66 -3.47
C VAL A 68 0.13 3.37 -4.29
N CYS A 69 0.03 2.23 -3.61
CA CYS A 69 0.08 0.94 -4.27
C CYS A 69 -1.31 0.51 -4.72
N ALA A 70 -1.38 -0.14 -5.88
CA ALA A 70 -2.64 -0.62 -6.43
C ALA A 70 -3.55 -1.15 -5.31
N SER A 71 -3.02 -2.05 -4.50
CA SER A 71 -3.78 -2.63 -3.40
C SER A 71 -4.52 -1.55 -2.63
N CYS A 72 -3.85 -0.45 -2.38
CA CYS A 72 -4.44 0.66 -1.63
C CYS A 72 -5.36 1.49 -2.54
N ASN A 73 -4.79 2.06 -3.60
CA ASN A 73 -5.56 2.86 -4.53
C ASN A 73 -6.97 2.30 -4.71
N GLN A 74 -7.06 0.98 -4.80
CA GLN A 74 -8.34 0.31 -4.97
C GLN A 74 -9.23 0.51 -3.74
N THR A 75 -8.66 0.29 -2.57
CA THR A 75 -9.39 0.45 -1.31
C THR A 75 -9.75 1.90 -1.07
N LEU A 76 -8.76 2.78 -1.16
CA LEU A 76 -8.97 4.21 -0.93
C LEU A 76 -10.13 4.72 -1.79
N SER A 77 -10.01 4.54 -3.11
CA SER A 77 -11.04 4.99 -4.03
C SER A 77 -12.43 4.66 -3.50
N LYS A 78 -12.58 3.45 -2.97
CA LYS A 78 -13.86 3.00 -2.43
C LYS A 78 -14.16 3.69 -1.10
N SER A 79 -15.35 3.45 -0.56
CA SER A 79 -15.75 4.04 0.71
C SER A 79 -14.63 3.93 1.74
N GLY A 80 -14.14 2.71 1.93
CA GLY A 80 -13.07 2.49 2.89
C GLY A 80 -13.48 2.85 4.30
N PRO A 81 -14.14 1.92 4.99
CA PRO A 81 -14.61 2.13 6.37
C PRO A 81 -13.45 2.19 7.37
N SER A 82 -12.32 1.60 6.99
CA SER A 82 -11.15 1.59 7.85
C SER A 82 -10.07 2.51 7.31
N SER A 83 -9.26 3.07 8.22
CA SER A 83 -8.20 3.98 7.85
C SER A 83 -7.56 3.56 6.53
N GLY A 84 -7.30 2.26 6.40
CA GLY A 84 -6.68 1.75 5.19
C GLY A 84 -7.51 2.04 3.96
N GLY A 1 -8.90 -34.06 22.51
CA GLY A 1 -9.05 -34.56 21.16
C GLY A 1 -8.06 -33.93 20.19
N SER A 2 -8.55 -33.01 19.36
CA SER A 2 -7.71 -32.33 18.38
C SER A 2 -6.59 -31.56 19.08
N SER A 3 -5.56 -31.21 18.32
CA SER A 3 -4.43 -30.47 18.87
C SER A 3 -4.03 -29.32 17.94
N GLY A 4 -3.35 -28.33 18.50
CA GLY A 4 -2.93 -27.19 17.71
C GLY A 4 -1.45 -26.91 17.83
N SER A 5 -1.08 -25.64 17.84
CA SER A 5 0.32 -25.24 17.96
C SER A 5 0.44 -23.77 18.35
N SER A 6 1.61 -23.40 18.87
CA SER A 6 1.85 -22.03 19.29
C SER A 6 3.07 -21.44 18.58
N GLY A 7 2.84 -20.37 17.82
CA GLY A 7 3.92 -19.74 17.09
C GLY A 7 3.49 -19.28 15.71
N ARG A 8 2.80 -18.15 15.65
CA ARG A 8 2.34 -17.62 14.37
C ARG A 8 3.51 -17.25 13.47
N TYR A 9 3.20 -16.81 12.26
CA TYR A 9 4.23 -16.42 11.30
C TYR A 9 5.12 -15.33 11.87
N PRO A 10 6.44 -15.45 11.65
CA PRO A 10 7.43 -14.48 12.13
C PRO A 10 7.33 -13.15 11.40
N THR A 11 8.25 -12.24 11.73
CA THR A 11 8.27 -10.92 11.10
C THR A 11 9.58 -10.67 10.37
N ASN A 12 9.49 -10.09 9.18
CA ASN A 12 10.67 -9.80 8.38
C ASN A 12 10.32 -8.91 7.19
N ASN A 13 11.31 -8.17 6.70
CA ASN A 13 11.10 -7.28 5.56
C ASN A 13 10.44 -8.03 4.39
N PHE A 14 9.94 -7.27 3.44
CA PHE A 14 9.28 -7.86 2.26
C PHE A 14 10.32 -8.35 1.26
N GLY A 15 11.14 -7.44 0.77
CA GLY A 15 12.16 -7.80 -0.20
C GLY A 15 11.72 -7.57 -1.63
N ASN A 16 10.44 -7.83 -1.89
CA ASN A 16 9.89 -7.66 -3.23
C ASN A 16 8.52 -6.97 -3.18
N CYS A 17 8.05 -6.50 -4.33
CA CYS A 17 6.76 -5.84 -4.41
C CYS A 17 5.69 -6.61 -3.65
N THR A 18 4.67 -5.90 -3.20
CA THR A 18 3.58 -6.52 -2.45
C THR A 18 2.36 -6.76 -3.35
N GLY A 19 2.55 -6.60 -4.65
CA GLY A 19 1.46 -6.80 -5.59
C GLY A 19 1.82 -7.78 -6.68
N CYS A 20 3.07 -7.73 -7.14
CA CYS A 20 3.53 -8.62 -8.19
C CYS A 20 4.80 -9.35 -7.77
N SER A 21 5.10 -9.30 -6.48
CA SER A 21 6.29 -9.95 -5.94
C SER A 21 7.47 -9.81 -6.91
N ALA A 22 7.78 -8.57 -7.27
CA ALA A 22 8.89 -8.30 -8.19
C ALA A 22 10.10 -7.78 -7.44
N THR A 23 11.16 -8.58 -7.39
CA THR A 23 12.39 -8.19 -6.70
C THR A 23 13.00 -6.95 -7.34
N PHE A 24 13.48 -6.04 -6.51
CA PHE A 24 14.10 -4.81 -7.00
C PHE A 24 15.62 -4.93 -6.98
N SER A 25 16.20 -5.26 -8.12
CA SER A 25 17.65 -5.42 -8.24
C SER A 25 18.16 -4.73 -9.50
N VAL A 26 17.69 -5.20 -10.65
CA VAL A 26 18.11 -4.64 -11.94
C VAL A 26 17.35 -3.35 -12.24
N LEU A 27 16.04 -3.37 -12.03
CA LEU A 27 15.21 -2.21 -12.27
C LEU A 27 14.03 -2.16 -11.31
N LYS A 28 13.15 -1.19 -11.50
CA LYS A 28 11.97 -1.04 -10.65
C LYS A 28 12.39 -0.71 -9.22
N LYS A 29 13.17 0.35 -9.06
CA LYS A 29 13.63 0.77 -7.74
C LYS A 29 12.58 0.50 -6.68
N ARG A 30 12.99 -0.14 -5.59
CA ARG A 30 12.08 -0.47 -4.51
C ARG A 30 11.38 0.78 -3.98
N ARG A 31 10.21 1.08 -4.55
CA ARG A 31 9.45 2.25 -4.14
C ARG A 31 8.74 2.00 -2.81
N SER A 32 8.23 3.07 -2.21
CA SER A 32 7.53 2.98 -0.94
C SER A 32 6.17 3.65 -1.01
N CYS A 33 5.13 2.91 -0.67
CA CYS A 33 3.77 3.43 -0.68
C CYS A 33 3.63 4.64 0.24
N SER A 34 2.55 5.40 0.06
CA SER A 34 2.31 6.58 0.87
C SER A 34 1.26 6.30 1.95
N ASN A 35 0.33 5.40 1.63
CA ASN A 35 -0.72 5.04 2.58
C ASN A 35 -0.26 3.93 3.51
N CYS A 36 -0.20 2.71 3.00
CA CYS A 36 0.23 1.56 3.79
C CYS A 36 1.71 1.68 4.16
N GLY A 37 2.50 2.26 3.24
CA GLY A 37 3.92 2.41 3.49
C GLY A 37 4.68 1.12 3.31
N ASN A 38 4.28 0.33 2.32
CA ASN A 38 4.94 -0.94 2.04
C ASN A 38 5.88 -0.83 0.84
N SER A 39 6.45 -1.96 0.43
CA SER A 39 7.37 -1.98 -0.69
C SER A 39 6.63 -2.31 -1.99
N PHE A 40 6.87 -1.53 -3.02
CA PHE A 40 6.23 -1.75 -4.32
C PHE A 40 7.16 -1.35 -5.46
N CYS A 41 6.79 -1.74 -6.68
CA CYS A 41 7.60 -1.43 -7.85
C CYS A 41 7.14 -0.12 -8.49
N SER A 42 7.81 0.26 -9.58
CA SER A 42 7.48 1.49 -10.28
C SER A 42 6.29 1.29 -11.21
N ARG A 43 5.57 0.19 -11.01
CA ARG A 43 4.40 -0.12 -11.83
C ARG A 43 3.17 -0.33 -10.96
N CYS A 44 3.40 -0.72 -9.70
CA CYS A 44 2.30 -0.96 -8.77
C CYS A 44 2.01 0.29 -7.94
N CYS A 45 3.08 1.02 -7.59
CA CYS A 45 2.93 2.23 -6.79
C CYS A 45 2.82 3.46 -7.69
N SER A 46 2.14 3.30 -8.83
CA SER A 46 1.96 4.39 -9.77
C SER A 46 0.54 4.93 -9.72
N PHE A 47 -0.04 4.94 -8.51
CA PHE A 47 -1.40 5.44 -8.32
C PHE A 47 -1.41 6.74 -7.53
N LYS A 48 -1.90 7.80 -8.15
CA LYS A 48 -1.95 9.11 -7.50
C LYS A 48 -3.29 9.30 -6.80
N VAL A 49 -3.24 9.46 -5.48
CA VAL A 49 -4.45 9.65 -4.68
C VAL A 49 -4.27 10.78 -3.69
N PRO A 50 -5.39 11.46 -3.35
CA PRO A 50 -5.38 12.58 -2.40
C PRO A 50 -5.11 12.13 -0.98
N LYS A 51 -4.03 12.63 -0.39
CA LYS A 51 -3.66 12.29 0.98
C LYS A 51 -4.57 12.99 1.98
N SER A 52 -5.05 14.17 1.62
CA SER A 52 -5.93 14.94 2.50
C SER A 52 -7.08 14.08 3.00
N SER A 53 -7.47 13.10 2.20
CA SER A 53 -8.57 12.21 2.57
C SER A 53 -8.03 10.86 3.05
N MET A 54 -7.30 10.89 4.16
CA MET A 54 -6.73 9.67 4.73
C MET A 54 -6.89 9.66 6.24
N GLY A 55 -7.34 8.52 6.77
CA GLY A 55 -7.53 8.39 8.21
C GLY A 55 -8.01 9.69 8.84
N ALA A 56 -7.08 10.47 9.34
CA ALA A 56 -7.41 11.75 9.98
C ALA A 56 -6.96 12.93 9.14
N THR A 57 -7.86 13.87 8.91
CA THR A 57 -7.55 15.05 8.12
C THR A 57 -6.59 15.97 8.84
N ALA A 58 -5.81 16.73 8.08
CA ALA A 58 -4.84 17.65 8.66
C ALA A 58 -4.89 19.01 7.96
N PRO A 59 -4.52 20.07 8.70
CA PRO A 59 -4.52 21.44 8.17
C PRO A 59 -3.42 21.65 7.13
N GLU A 60 -2.41 20.79 7.15
CA GLU A 60 -1.31 20.89 6.20
C GLU A 60 -1.66 20.21 4.88
N ALA A 61 -2.05 18.95 4.96
CA ALA A 61 -2.41 18.19 3.77
C ALA A 61 -3.72 18.69 3.18
N GLN A 62 -3.62 19.57 2.19
CA GLN A 62 -4.80 20.13 1.53
C GLN A 62 -4.62 20.16 0.02
N ARG A 63 -5.28 19.25 -0.67
CA ARG A 63 -5.19 19.18 -2.12
C ARG A 63 -3.83 18.65 -2.56
N GLU A 64 -3.33 17.65 -1.83
CA GLU A 64 -2.03 17.05 -2.14
C GLU A 64 -2.20 15.64 -2.69
N THR A 65 -1.44 15.32 -3.73
CA THR A 65 -1.50 14.01 -4.35
C THR A 65 -0.29 13.16 -3.98
N VAL A 66 -0.55 11.91 -3.58
CA VAL A 66 0.52 11.00 -3.19
C VAL A 66 0.50 9.75 -4.04
N PHE A 67 1.60 9.01 -4.03
CA PHE A 67 1.71 7.77 -4.81
C PHE A 67 1.50 6.55 -3.91
N VAL A 68 0.39 5.86 -4.14
CA VAL A 68 0.07 4.66 -3.36
C VAL A 68 0.13 3.41 -4.22
N CYS A 69 -0.04 2.26 -3.59
CA CYS A 69 -0.01 0.99 -4.30
C CYS A 69 -1.41 0.58 -4.75
N ALA A 70 -1.48 -0.19 -5.83
CA ALA A 70 -2.74 -0.66 -6.36
C ALA A 70 -3.65 -1.17 -5.25
N SER A 71 -3.11 -2.01 -4.39
CA SER A 71 -3.86 -2.58 -3.28
C SER A 71 -4.60 -1.49 -2.51
N CYS A 72 -3.90 -0.38 -2.24
CA CYS A 72 -4.48 0.73 -1.51
C CYS A 72 -5.38 1.57 -2.43
N ASN A 73 -4.79 2.12 -3.48
CA ASN A 73 -5.53 2.95 -4.42
C ASN A 73 -6.93 2.38 -4.65
N GLN A 74 -7.03 1.05 -4.70
CA GLN A 74 -8.31 0.39 -4.92
C GLN A 74 -9.21 0.54 -3.69
N THR A 75 -8.62 0.41 -2.51
CA THR A 75 -9.35 0.53 -1.26
C THR A 75 -9.80 1.97 -1.02
N LEU A 76 -8.90 2.91 -1.27
CA LEU A 76 -9.20 4.32 -1.07
C LEU A 76 -10.31 4.78 -2.02
N SER A 77 -10.16 4.45 -3.30
CA SER A 77 -11.15 4.82 -4.30
C SER A 77 -12.45 4.03 -4.11
N LYS A 78 -12.32 2.71 -4.01
CA LYS A 78 -13.48 1.86 -3.83
C LYS A 78 -14.39 2.39 -2.72
N SER A 79 -15.66 2.55 -3.04
CA SER A 79 -16.64 3.05 -2.07
C SER A 79 -17.05 1.95 -1.09
N GLY A 80 -17.04 2.28 0.20
CA GLY A 80 -17.41 1.31 1.21
C GLY A 80 -16.95 1.73 2.60
N PRO A 81 -17.54 1.10 3.63
CA PRO A 81 -17.22 1.39 5.03
C PRO A 81 -15.81 0.92 5.40
N SER A 82 -15.09 0.38 4.42
CA SER A 82 -13.74 -0.11 4.65
C SER A 82 -13.03 0.71 5.72
N SER A 83 -12.43 0.02 6.69
CA SER A 83 -11.72 0.67 7.78
C SER A 83 -10.37 0.02 8.02
N GLY A 84 -9.32 0.63 7.50
CA GLY A 84 -7.99 0.10 7.67
C GLY A 84 -7.62 -0.11 9.13
N GLY A 1 -17.96 -37.98 8.03
CA GLY A 1 -16.56 -38.03 8.37
C GLY A 1 -15.79 -36.82 7.89
N SER A 2 -15.67 -35.82 8.76
CA SER A 2 -14.96 -34.59 8.41
C SER A 2 -13.51 -34.88 8.04
N SER A 3 -13.10 -34.40 6.88
CA SER A 3 -11.73 -34.62 6.40
C SER A 3 -11.33 -33.55 5.39
N GLY A 4 -10.16 -32.96 5.59
CA GLY A 4 -9.68 -31.94 4.68
C GLY A 4 -8.24 -32.16 4.25
N SER A 5 -7.80 -31.38 3.28
CA SER A 5 -6.43 -31.51 2.77
C SER A 5 -5.59 -30.31 3.17
N SER A 6 -4.27 -30.46 3.10
CA SER A 6 -3.35 -29.38 3.46
C SER A 6 -3.07 -28.48 2.26
N GLY A 7 -2.39 -27.37 2.51
CA GLY A 7 -2.06 -26.45 1.44
C GLY A 7 -1.20 -25.30 1.91
N ARG A 8 -0.16 -24.98 1.14
CA ARG A 8 0.74 -23.89 1.48
C ARG A 8 1.45 -23.34 0.24
N TYR A 9 2.16 -22.23 0.41
CA TYR A 9 2.87 -21.62 -0.70
C TYR A 9 4.36 -21.51 -0.39
N PRO A 10 5.20 -21.78 -1.41
CA PRO A 10 6.65 -21.71 -1.27
C PRO A 10 7.16 -20.28 -1.11
N THR A 11 8.21 -20.12 -0.30
CA THR A 11 8.78 -18.80 -0.06
C THR A 11 10.28 -18.90 0.21
N ASN A 12 11.07 -18.22 -0.61
CA ASN A 12 12.53 -18.24 -0.45
C ASN A 12 13.00 -16.97 0.25
N ASN A 13 12.57 -15.82 -0.25
CA ASN A 13 12.95 -14.53 0.33
C ASN A 13 11.76 -13.58 0.37
N PHE A 14 11.90 -12.49 1.12
CA PHE A 14 10.85 -11.50 1.25
C PHE A 14 11.33 -10.13 0.77
N GLY A 15 12.10 -10.13 -0.31
CA GLY A 15 12.62 -8.88 -0.84
C GLY A 15 12.03 -8.55 -2.20
N ASN A 16 10.71 -8.55 -2.30
CA ASN A 16 10.03 -8.26 -3.55
C ASN A 16 8.76 -7.44 -3.30
N CYS A 17 8.19 -6.91 -4.37
CA CYS A 17 6.97 -6.11 -4.27
C CYS A 17 5.92 -6.82 -3.44
N THR A 18 4.94 -6.07 -2.96
CA THR A 18 3.87 -6.63 -2.14
C THR A 18 2.59 -6.82 -2.95
N GLY A 19 2.73 -6.72 -4.28
CA GLY A 19 1.58 -6.88 -5.15
C GLY A 19 1.84 -7.87 -6.28
N CYS A 20 2.97 -7.70 -6.95
CA CYS A 20 3.32 -8.59 -8.06
C CYS A 20 4.61 -9.34 -7.74
N SER A 21 5.04 -9.30 -6.49
CA SER A 21 6.25 -9.97 -6.06
C SER A 21 7.39 -9.74 -7.05
N ALA A 22 7.36 -8.59 -7.71
CA ALA A 22 8.38 -8.24 -8.68
C ALA A 22 9.67 -7.80 -8.00
N THR A 23 10.64 -8.71 -7.95
CA THR A 23 11.93 -8.41 -7.32
C THR A 23 12.46 -7.05 -7.76
N PHE A 24 13.21 -6.41 -6.88
CA PHE A 24 13.79 -5.10 -7.18
C PHE A 24 15.27 -5.23 -7.56
N SER A 25 15.54 -5.36 -8.85
CA SER A 25 16.90 -5.50 -9.33
C SER A 25 17.61 -4.15 -9.35
N VAL A 26 18.94 -4.17 -9.31
CA VAL A 26 19.73 -2.95 -9.33
C VAL A 26 19.06 -1.87 -10.18
N LEU A 27 18.52 -2.28 -11.33
CA LEU A 27 17.85 -1.36 -12.23
C LEU A 27 16.58 -0.80 -11.59
N LYS A 28 15.68 -1.70 -11.19
CA LYS A 28 14.42 -1.30 -10.56
C LYS A 28 14.67 -0.76 -9.16
N LYS A 29 14.09 0.39 -8.87
CA LYS A 29 14.24 1.02 -7.56
C LYS A 29 13.00 0.76 -6.70
N ARG A 30 13.20 0.10 -5.56
CA ARG A 30 12.11 -0.21 -4.65
C ARG A 30 11.40 1.06 -4.21
N ARG A 31 10.12 1.17 -4.55
CA ARG A 31 9.32 2.33 -4.20
C ARG A 31 8.60 2.12 -2.86
N SER A 32 8.19 3.22 -2.23
CA SER A 32 7.50 3.14 -0.96
C SER A 32 6.11 3.77 -1.06
N CYS A 33 5.12 3.09 -0.50
CA CYS A 33 3.75 3.58 -0.52
C CYS A 33 3.58 4.78 0.40
N SER A 34 2.47 5.51 0.23
CA SER A 34 2.21 6.69 1.05
C SER A 34 1.13 6.37 2.10
N ASN A 35 0.23 5.46 1.76
CA ASN A 35 -0.84 5.08 2.68
C ASN A 35 -0.38 3.98 3.63
N CYS A 36 -0.27 2.76 3.12
CA CYS A 36 0.16 1.62 3.93
C CYS A 36 1.61 1.79 4.36
N GLY A 37 2.44 2.34 3.47
CA GLY A 37 3.83 2.54 3.78
C GLY A 37 4.66 1.29 3.57
N ASN A 38 4.33 0.53 2.52
CA ASN A 38 5.05 -0.70 2.20
C ASN A 38 5.82 -0.55 0.89
N SER A 39 6.63 -1.56 0.58
CA SER A 39 7.43 -1.54 -0.63
C SER A 39 6.60 -1.98 -1.83
N PHE A 40 6.90 -1.42 -3.00
CA PHE A 40 6.19 -1.75 -4.22
C PHE A 40 7.01 -1.40 -5.46
N CYS A 41 6.63 -1.97 -6.60
CA CYS A 41 7.34 -1.72 -7.84
C CYS A 41 6.91 -0.38 -8.45
N SER A 42 7.43 -0.09 -9.65
CA SER A 42 7.11 1.15 -10.33
C SER A 42 5.79 1.04 -11.09
N ARG A 43 5.18 -0.15 -11.01
CA ARG A 43 3.91 -0.40 -11.69
C ARG A 43 2.76 -0.42 -10.70
N CYS A 44 3.05 -0.77 -9.45
CA CYS A 44 2.04 -0.84 -8.41
C CYS A 44 1.97 0.48 -7.64
N CYS A 45 3.14 1.10 -7.42
CA CYS A 45 3.21 2.36 -6.71
C CYS A 45 3.14 3.54 -7.67
N SER A 46 2.26 3.43 -8.65
CA SER A 46 2.10 4.50 -9.65
C SER A 46 0.66 4.98 -9.69
N PHE A 47 0.05 5.16 -8.52
CA PHE A 47 -1.32 5.62 -8.43
C PHE A 47 -1.41 6.90 -7.59
N LYS A 48 -1.82 7.99 -8.24
CA LYS A 48 -1.95 9.27 -7.57
C LYS A 48 -3.28 9.36 -6.81
N VAL A 49 -3.19 9.61 -5.51
CA VAL A 49 -4.37 9.72 -4.67
C VAL A 49 -4.18 10.77 -3.58
N PRO A 50 -5.30 11.38 -3.15
CA PRO A 50 -5.28 12.42 -2.11
C PRO A 50 -4.94 11.85 -0.73
N LYS A 51 -3.83 12.30 -0.16
CA LYS A 51 -3.40 11.84 1.14
C LYS A 51 -4.54 11.92 2.16
N SER A 52 -5.40 12.93 1.99
CA SER A 52 -6.53 13.13 2.89
C SER A 52 -7.50 11.96 2.81
N SER A 53 -8.33 11.82 3.83
CA SER A 53 -9.31 10.74 3.88
C SER A 53 -8.62 9.38 3.93
N MET A 54 -7.48 9.33 4.61
CA MET A 54 -6.72 8.10 4.73
C MET A 54 -6.40 7.80 6.20
N GLY A 55 -7.39 7.99 7.07
CA GLY A 55 -7.20 7.73 8.48
C GLY A 55 -7.07 9.01 9.29
N ALA A 56 -5.84 9.40 9.57
CA ALA A 56 -5.58 10.62 10.34
C ALA A 56 -4.92 11.69 9.47
N THR A 57 -5.73 12.59 8.94
CA THR A 57 -5.23 13.67 8.09
C THR A 57 -5.89 15.00 8.44
N ALA A 58 -5.51 16.04 7.71
CA ALA A 58 -6.07 17.37 7.94
C ALA A 58 -6.84 17.86 6.72
N PRO A 59 -7.80 18.77 6.95
CA PRO A 59 -8.63 19.34 5.88
C PRO A 59 -7.83 20.27 4.97
N GLU A 60 -6.54 20.42 5.26
CA GLU A 60 -5.68 21.29 4.47
C GLU A 60 -5.08 20.52 3.29
N ALA A 61 -4.53 19.35 3.57
CA ALA A 61 -3.93 18.53 2.52
C ALA A 61 -5.00 17.87 1.67
N GLN A 62 -5.67 18.66 0.84
CA GLN A 62 -6.73 18.15 -0.03
C GLN A 62 -6.25 18.09 -1.48
N ARG A 63 -5.85 19.24 -2.02
CA ARG A 63 -5.38 19.32 -3.39
C ARG A 63 -4.14 18.46 -3.59
N GLU A 64 -3.33 18.35 -2.54
CA GLU A 64 -2.10 17.56 -2.60
C GLU A 64 -2.40 16.12 -3.01
N THR A 65 -1.42 15.47 -3.61
CA THR A 65 -1.58 14.09 -4.05
C THR A 65 -0.35 13.25 -3.70
N VAL A 66 -0.54 11.94 -3.61
CA VAL A 66 0.55 11.02 -3.28
C VAL A 66 0.47 9.75 -4.11
N PHE A 67 1.58 9.03 -4.18
CA PHE A 67 1.63 7.78 -4.94
C PHE A 67 1.50 6.58 -4.00
N VAL A 68 0.42 5.82 -4.19
CA VAL A 68 0.17 4.65 -3.37
C VAL A 68 0.29 3.36 -4.19
N CYS A 69 0.15 2.22 -3.52
CA CYS A 69 0.24 0.93 -4.19
C CYS A 69 -1.14 0.47 -4.66
N ALA A 70 -1.18 -0.14 -5.84
CA ALA A 70 -2.44 -0.63 -6.40
C ALA A 70 -3.37 -1.13 -5.31
N SER A 71 -2.87 -2.08 -4.51
CA SER A 71 -3.67 -2.64 -3.42
C SER A 71 -4.43 -1.55 -2.67
N CYS A 72 -3.74 -0.46 -2.37
CA CYS A 72 -4.35 0.66 -1.66
C CYS A 72 -5.22 1.50 -2.60
N ASN A 73 -4.59 2.10 -3.60
CA ASN A 73 -5.30 2.92 -4.56
C ASN A 73 -6.69 2.35 -4.85
N GLN A 74 -6.76 1.03 -4.97
CA GLN A 74 -8.02 0.36 -5.24
C GLN A 74 -8.96 0.47 -4.06
N THR A 75 -8.43 0.23 -2.86
CA THR A 75 -9.23 0.31 -1.64
C THR A 75 -9.72 1.72 -1.39
N LEU A 76 -8.82 2.69 -1.55
CA LEU A 76 -9.17 4.10 -1.33
C LEU A 76 -10.31 4.52 -2.26
N SER A 77 -10.10 4.34 -3.56
CA SER A 77 -11.10 4.71 -4.55
C SER A 77 -12.14 3.61 -4.72
N LYS A 78 -12.65 3.11 -3.60
CA LYS A 78 -13.65 2.06 -3.61
C LYS A 78 -14.93 2.50 -2.91
N SER A 79 -15.81 3.16 -3.66
CA SER A 79 -17.07 3.64 -3.10
C SER A 79 -17.86 2.50 -2.47
N GLY A 80 -18.99 2.84 -1.86
CA GLY A 80 -19.82 1.83 -1.23
C GLY A 80 -19.62 1.77 0.28
N PRO A 81 -19.86 0.59 0.87
CA PRO A 81 -19.71 0.38 2.31
C PRO A 81 -18.25 0.41 2.75
N SER A 82 -18.03 0.38 4.06
CA SER A 82 -16.68 0.41 4.61
C SER A 82 -16.03 -0.97 4.52
N SER A 83 -15.12 -1.12 3.56
CA SER A 83 -14.43 -2.39 3.36
C SER A 83 -12.99 -2.31 3.87
N GLY A 84 -12.24 -1.34 3.37
CA GLY A 84 -10.86 -1.17 3.79
C GLY A 84 -10.75 -0.84 5.27
N GLY A 1 2.59 -38.72 26.60
CA GLY A 1 2.83 -38.22 25.25
C GLY A 1 3.99 -37.24 25.20
N SER A 2 3.69 -35.97 25.37
CA SER A 2 4.71 -34.92 25.34
C SER A 2 5.76 -35.24 24.28
N SER A 3 5.30 -35.69 23.11
CA SER A 3 6.20 -36.03 22.02
C SER A 3 5.95 -35.13 20.82
N GLY A 4 6.87 -34.20 20.57
CA GLY A 4 6.73 -33.29 19.45
C GLY A 4 6.99 -31.85 19.84
N SER A 5 8.09 -31.61 20.55
CA SER A 5 8.45 -30.28 20.99
C SER A 5 9.41 -29.63 20.00
N SER A 6 8.85 -29.05 18.93
CA SER A 6 9.66 -28.39 17.91
C SER A 6 9.42 -26.88 17.91
N GLY A 7 10.26 -26.16 17.19
CA GLY A 7 10.13 -24.72 17.12
C GLY A 7 10.59 -24.15 15.79
N ARG A 8 9.72 -23.39 15.14
CA ARG A 8 10.03 -22.80 13.84
C ARG A 8 10.30 -21.30 13.99
N TYR A 9 10.86 -20.70 12.94
CA TYR A 9 11.16 -19.28 12.96
C TYR A 9 10.62 -18.59 11.70
N PRO A 10 10.18 -17.34 11.86
CA PRO A 10 9.63 -16.55 10.75
C PRO A 10 10.71 -16.14 9.74
N THR A 11 10.28 -15.57 8.63
CA THR A 11 11.21 -15.14 7.59
C THR A 11 10.87 -13.72 7.11
N ASN A 12 11.83 -12.82 7.22
CA ASN A 12 11.65 -11.44 6.80
C ASN A 12 12.69 -11.03 5.76
N ASN A 13 12.95 -11.94 4.82
CA ASN A 13 13.92 -11.68 3.77
C ASN A 13 13.33 -11.98 2.40
N PHE A 14 12.62 -11.01 1.85
CA PHE A 14 11.99 -11.17 0.53
C PHE A 14 12.61 -10.22 -0.48
N GLY A 15 12.47 -8.92 -0.23
CA GLY A 15 13.02 -7.93 -1.13
C GLY A 15 12.30 -7.88 -2.46
N ASN A 16 10.98 -8.07 -2.43
CA ASN A 16 10.16 -8.05 -3.63
C ASN A 16 8.86 -7.29 -3.40
N CYS A 17 8.22 -6.87 -4.49
CA CYS A 17 6.97 -6.13 -4.40
C CYS A 17 5.95 -6.87 -3.55
N THR A 18 4.95 -6.16 -3.06
CA THR A 18 3.91 -6.74 -2.23
C THR A 18 2.63 -6.95 -3.01
N GLY A 19 2.69 -6.74 -4.33
CA GLY A 19 1.52 -6.90 -5.17
C GLY A 19 1.79 -7.79 -6.36
N CYS A 20 3.03 -7.75 -6.86
CA CYS A 20 3.41 -8.56 -8.01
C CYS A 20 4.71 -9.33 -7.73
N SER A 21 5.06 -9.42 -6.46
CA SER A 21 6.28 -10.13 -6.05
C SER A 21 7.37 -9.96 -7.11
N ALA A 22 7.67 -8.72 -7.45
CA ALA A 22 8.70 -8.43 -8.44
C ALA A 22 9.97 -7.89 -7.78
N THR A 23 11.00 -8.73 -7.74
CA THR A 23 12.28 -8.35 -7.13
C THR A 23 12.76 -7.01 -7.67
N PHE A 24 13.33 -6.20 -6.79
CA PHE A 24 13.83 -4.89 -7.16
C PHE A 24 15.30 -4.96 -7.56
N SER A 25 15.58 -4.69 -8.83
CA SER A 25 16.95 -4.72 -9.34
C SER A 25 17.50 -3.31 -9.51
N VAL A 26 18.77 -3.23 -9.88
CA VAL A 26 19.43 -1.94 -10.08
C VAL A 26 18.58 -1.03 -10.97
N LEU A 27 17.65 -1.63 -11.70
CA LEU A 27 16.78 -0.86 -12.58
C LEU A 27 15.49 -0.46 -11.86
N LYS A 28 14.78 -1.46 -11.34
CA LYS A 28 13.54 -1.21 -10.62
C LYS A 28 13.81 -0.62 -9.24
N LYS A 29 13.59 0.68 -9.11
CA LYS A 29 13.80 1.37 -7.84
C LYS A 29 12.69 1.04 -6.85
N ARG A 30 13.07 0.43 -5.73
CA ARG A 30 12.11 0.07 -4.70
C ARG A 30 11.30 1.28 -4.25
N ARG A 31 10.02 1.30 -4.62
CA ARG A 31 9.14 2.41 -4.26
C ARG A 31 8.40 2.11 -2.96
N SER A 32 8.17 3.15 -2.16
CA SER A 32 7.49 3.00 -0.89
C SER A 32 6.12 3.69 -0.92
N CYS A 33 5.08 2.92 -0.62
CA CYS A 33 3.72 3.46 -0.61
C CYS A 33 3.61 4.66 0.30
N SER A 34 2.53 5.42 0.16
CA SER A 34 2.29 6.60 0.98
C SER A 34 1.24 6.33 2.05
N ASN A 35 0.29 5.46 1.71
CA ASN A 35 -0.79 5.11 2.64
C ASN A 35 -0.35 3.99 3.59
N CYS A 36 -0.27 2.78 3.07
CA CYS A 36 0.14 1.62 3.87
C CYS A 36 1.59 1.76 4.30
N GLY A 37 2.43 2.25 3.41
CA GLY A 37 3.84 2.42 3.72
C GLY A 37 4.64 1.15 3.49
N ASN A 38 4.29 0.41 2.45
CA ASN A 38 4.98 -0.83 2.12
C ASN A 38 5.81 -0.68 0.86
N SER A 39 6.57 -1.72 0.52
CA SER A 39 7.41 -1.69 -0.67
C SER A 39 6.63 -2.09 -1.91
N PHE A 40 6.93 -1.45 -3.02
CA PHE A 40 6.24 -1.73 -4.29
C PHE A 40 7.10 -1.32 -5.48
N CYS A 41 6.76 -1.84 -6.65
CA CYS A 41 7.50 -1.54 -7.88
C CYS A 41 6.99 -0.25 -8.51
N SER A 42 7.56 0.10 -9.65
CA SER A 42 7.16 1.30 -10.36
C SER A 42 5.89 1.07 -11.17
N ARG A 43 5.30 -0.11 -11.01
CA ARG A 43 4.08 -0.46 -11.73
C ARG A 43 2.90 -0.55 -10.77
N CYS A 44 3.17 -0.93 -9.53
CA CYS A 44 2.12 -1.05 -8.51
C CYS A 44 1.95 0.26 -7.75
N CYS A 45 3.06 0.96 -7.54
CA CYS A 45 3.02 2.24 -6.82
C CYS A 45 2.94 3.40 -7.79
N SER A 46 2.24 3.19 -8.91
CA SER A 46 2.09 4.22 -9.92
C SER A 46 0.66 4.78 -9.93
N PHE A 47 0.07 4.88 -8.74
CA PHE A 47 -1.28 5.40 -8.61
C PHE A 47 -1.32 6.60 -7.67
N LYS A 48 -1.91 7.69 -8.14
CA LYS A 48 -2.01 8.91 -7.35
C LYS A 48 -3.38 9.01 -6.66
N VAL A 49 -3.37 9.40 -5.39
CA VAL A 49 -4.61 9.53 -4.63
C VAL A 49 -4.48 10.61 -3.57
N PRO A 50 -5.63 11.22 -3.21
CA PRO A 50 -5.67 12.29 -2.20
C PRO A 50 -5.39 11.77 -0.80
N LYS A 51 -4.44 12.41 -0.11
CA LYS A 51 -4.08 12.02 1.24
C LYS A 51 -5.06 12.60 2.26
N SER A 52 -5.61 13.77 1.94
CA SER A 52 -6.56 14.42 2.83
C SER A 52 -7.74 13.51 3.14
N SER A 53 -8.15 12.72 2.16
CA SER A 53 -9.27 11.80 2.32
C SER A 53 -8.77 10.42 2.74
N MET A 54 -7.79 10.39 3.64
CA MET A 54 -7.23 9.13 4.13
C MET A 54 -6.25 9.38 5.26
N GLY A 55 -5.77 8.30 5.87
CA GLY A 55 -4.83 8.42 6.96
C GLY A 55 -5.30 9.38 8.04
N ALA A 56 -4.38 9.87 8.84
CA ALA A 56 -4.71 10.80 9.92
C ALA A 56 -5.02 12.19 9.36
N THR A 57 -6.24 12.65 9.57
CA THR A 57 -6.66 13.96 9.09
C THR A 57 -5.95 15.08 9.84
N ALA A 58 -4.96 15.69 9.20
CA ALA A 58 -4.21 16.77 9.81
C ALA A 58 -4.51 18.10 9.13
N PRO A 59 -4.44 19.19 9.90
CA PRO A 59 -4.70 20.54 9.40
C PRO A 59 -3.61 21.02 8.45
N GLU A 60 -2.60 20.18 8.23
CA GLU A 60 -1.50 20.53 7.34
C GLU A 60 -1.75 19.99 5.94
N ALA A 61 -2.08 18.71 5.85
CA ALA A 61 -2.34 18.07 4.56
C ALA A 61 -3.76 18.37 4.08
N GLN A 62 -3.87 19.13 3.00
CA GLN A 62 -5.17 19.48 2.44
C GLN A 62 -5.10 19.56 0.92
N ARG A 63 -5.93 18.76 0.26
CA ARG A 63 -5.97 18.74 -1.20
C ARG A 63 -4.59 18.41 -1.77
N GLU A 64 -3.97 17.35 -1.26
CA GLU A 64 -2.66 16.93 -1.72
C GLU A 64 -2.74 15.63 -2.52
N THR A 65 -1.68 15.32 -3.25
CA THR A 65 -1.64 14.11 -4.06
C THR A 65 -0.45 13.24 -3.68
N VAL A 66 -0.73 11.98 -3.36
CA VAL A 66 0.32 11.03 -2.97
C VAL A 66 0.31 9.80 -3.87
N PHE A 67 1.42 9.07 -3.88
CA PHE A 67 1.53 7.87 -4.70
C PHE A 67 1.43 6.61 -3.83
N VAL A 68 0.35 5.86 -4.01
CA VAL A 68 0.13 4.64 -3.25
C VAL A 68 0.25 3.41 -4.14
N CYS A 69 0.04 2.24 -3.56
CA CYS A 69 0.12 0.98 -4.30
C CYS A 69 -1.26 0.52 -4.73
N ALA A 70 -1.35 -0.07 -5.92
CA ALA A 70 -2.61 -0.56 -6.45
C ALA A 70 -3.51 -1.07 -5.33
N SER A 71 -2.98 -1.99 -4.52
CA SER A 71 -3.74 -2.55 -3.41
C SER A 71 -4.49 -1.47 -2.65
N CYS A 72 -3.79 -0.38 -2.32
CA CYS A 72 -4.40 0.73 -1.60
C CYS A 72 -5.25 1.58 -2.53
N ASN A 73 -4.62 2.11 -3.58
CA ASN A 73 -5.33 2.94 -4.55
C ASN A 73 -6.74 2.43 -4.78
N GLN A 74 -6.88 1.10 -4.86
CA GLN A 74 -8.18 0.49 -5.10
C GLN A 74 -9.11 0.71 -3.91
N THR A 75 -8.58 0.54 -2.71
CA THR A 75 -9.37 0.72 -1.49
C THR A 75 -9.71 2.20 -1.28
N LEU A 76 -8.70 3.06 -1.38
CA LEU A 76 -8.88 4.49 -1.20
C LEU A 76 -9.82 5.05 -2.27
N SER A 77 -9.49 4.79 -3.53
CA SER A 77 -10.30 5.27 -4.65
C SER A 77 -11.48 4.33 -4.91
N LYS A 78 -12.19 3.99 -3.85
CA LYS A 78 -13.35 3.09 -3.96
C LYS A 78 -14.64 3.89 -4.00
N SER A 79 -15.04 4.31 -5.20
CA SER A 79 -16.26 5.08 -5.38
C SER A 79 -17.39 4.19 -5.90
N GLY A 80 -18.48 4.15 -5.15
CA GLY A 80 -19.62 3.34 -5.55
C GLY A 80 -20.93 3.84 -4.95
N PRO A 81 -22.02 3.72 -5.72
CA PRO A 81 -23.34 4.16 -5.29
C PRO A 81 -23.92 3.26 -4.18
N SER A 82 -24.53 3.89 -3.18
CA SER A 82 -25.11 3.15 -2.07
C SER A 82 -26.63 3.18 -2.14
N SER A 83 -27.19 4.35 -2.44
CA SER A 83 -28.63 4.50 -2.54
C SER A 83 -28.99 5.75 -3.34
N GLY A 84 -30.22 5.79 -3.85
CA GLY A 84 -30.67 6.94 -4.63
C GLY A 84 -30.99 8.14 -3.76
N GLY A 1 -10.96 -32.38 26.45
CA GLY A 1 -9.81 -31.83 27.12
C GLY A 1 -8.86 -31.11 26.18
N SER A 2 -7.97 -30.29 26.74
CA SER A 2 -7.01 -29.54 25.93
C SER A 2 -5.69 -29.38 26.68
N SER A 3 -4.61 -29.83 26.04
CA SER A 3 -3.28 -29.75 26.63
C SER A 3 -2.73 -28.33 26.53
N GLY A 4 -2.87 -27.74 25.34
CA GLY A 4 -2.38 -26.39 25.12
C GLY A 4 -1.28 -26.34 24.09
N SER A 5 -1.53 -25.63 22.99
CA SER A 5 -0.56 -25.52 21.92
C SER A 5 -0.49 -24.08 21.40
N SER A 6 0.44 -23.83 20.49
CA SER A 6 0.61 -22.50 19.92
C SER A 6 1.64 -22.52 18.79
N GLY A 7 1.66 -21.45 17.99
CA GLY A 7 2.59 -21.37 16.88
C GLY A 7 1.93 -20.88 15.61
N ARG A 8 1.85 -19.57 15.46
CA ARG A 8 1.23 -18.96 14.28
C ARG A 8 1.76 -17.56 14.05
N TYR A 9 2.34 -17.33 12.87
CA TYR A 9 2.88 -16.01 12.52
C TYR A 9 3.00 -15.87 11.01
N PRO A 10 2.84 -14.62 10.53
CA PRO A 10 2.93 -14.31 9.11
C PRO A 10 4.35 -14.43 8.57
N THR A 11 4.54 -14.01 7.32
CA THR A 11 5.86 -14.08 6.69
C THR A 11 6.67 -12.82 6.96
N ASN A 12 7.55 -12.89 7.96
CA ASN A 12 8.39 -11.76 8.32
C ASN A 12 9.65 -11.71 7.47
N ASN A 13 9.52 -11.17 6.26
CA ASN A 13 10.64 -11.07 5.34
C ASN A 13 10.27 -10.27 4.10
N PHE A 14 11.10 -9.30 3.75
CA PHE A 14 10.84 -8.46 2.58
C PHE A 14 11.91 -8.67 1.52
N GLY A 15 11.77 -7.98 0.39
CA GLY A 15 12.73 -8.11 -0.69
C GLY A 15 12.12 -7.81 -2.04
N ASN A 16 10.88 -8.22 -2.24
CA ASN A 16 10.19 -8.00 -3.50
C ASN A 16 8.93 -7.15 -3.29
N CYS A 17 8.29 -6.77 -4.38
CA CYS A 17 7.07 -5.96 -4.32
C CYS A 17 5.97 -6.70 -3.57
N THR A 18 5.06 -5.94 -2.97
CA THR A 18 3.96 -6.51 -2.22
C THR A 18 2.68 -6.53 -3.05
N GLY A 19 2.83 -6.60 -4.37
CA GLY A 19 1.68 -6.62 -5.26
C GLY A 19 1.86 -7.59 -6.41
N CYS A 20 2.95 -7.45 -7.14
CA CYS A 20 3.23 -8.32 -8.28
C CYS A 20 4.36 -9.29 -7.96
N SER A 21 4.96 -9.11 -6.79
CA SER A 21 6.06 -9.97 -6.36
C SER A 21 7.24 -9.86 -7.31
N ALA A 22 7.50 -8.65 -7.79
CA ALA A 22 8.61 -8.41 -8.71
C ALA A 22 9.83 -7.86 -7.98
N THR A 23 10.93 -8.60 -8.04
CA THR A 23 12.15 -8.18 -7.37
C THR A 23 12.71 -6.90 -7.99
N PHE A 24 13.31 -6.06 -7.15
CA PHE A 24 13.88 -4.79 -7.62
C PHE A 24 15.36 -4.96 -7.95
N SER A 25 15.65 -5.08 -9.25
CA SER A 25 17.03 -5.25 -9.69
C SER A 25 17.54 -3.97 -10.37
N VAL A 26 16.97 -3.65 -11.52
CA VAL A 26 17.37 -2.45 -12.26
C VAL A 26 16.14 -1.68 -12.74
N LEU A 27 15.29 -2.35 -13.50
CA LEU A 27 14.08 -1.72 -14.02
C LEU A 27 13.17 -1.25 -12.89
N LYS A 28 12.76 -2.17 -12.03
CA LYS A 28 11.90 -1.85 -10.90
C LYS A 28 12.72 -1.39 -9.71
N LYS A 29 12.34 -0.25 -9.13
CA LYS A 29 13.04 0.30 -7.98
C LYS A 29 12.17 0.22 -6.72
N ARG A 30 12.66 -0.50 -5.72
CA ARG A 30 11.93 -0.66 -4.47
C ARG A 30 11.36 0.67 -4.00
N ARG A 31 10.07 0.89 -4.27
CA ARG A 31 9.40 2.13 -3.89
C ARG A 31 8.60 1.94 -2.61
N SER A 32 8.28 3.03 -1.95
CA SER A 32 7.52 2.98 -0.70
C SER A 32 6.16 3.66 -0.87
N CYS A 33 5.10 2.97 -0.47
CA CYS A 33 3.75 3.50 -0.58
C CYS A 33 3.57 4.73 0.32
N SER A 34 2.50 5.48 0.08
CA SER A 34 2.23 6.68 0.86
C SER A 34 1.19 6.40 1.94
N ASN A 35 0.27 5.50 1.64
CA ASN A 35 -0.78 5.14 2.59
C ASN A 35 -0.30 4.04 3.55
N CYS A 36 -0.24 2.81 3.05
CA CYS A 36 0.20 1.68 3.85
C CYS A 36 1.69 1.80 4.18
N GLY A 37 2.44 2.43 3.29
CA GLY A 37 3.87 2.60 3.50
C GLY A 37 4.63 1.30 3.33
N ASN A 38 4.21 0.49 2.37
CA ASN A 38 4.87 -0.79 2.11
C ASN A 38 5.74 -0.71 0.87
N SER A 39 6.48 -1.79 0.61
CA SER A 39 7.37 -1.84 -0.55
C SER A 39 6.60 -2.23 -1.81
N PHE A 40 6.91 -1.56 -2.92
CA PHE A 40 6.24 -1.85 -4.18
C PHE A 40 7.14 -1.47 -5.36
N CYS A 41 6.81 -1.99 -6.54
CA CYS A 41 7.58 -1.71 -7.74
C CYS A 41 7.23 -0.36 -8.32
N SER A 42 7.82 -0.03 -9.47
CA SER A 42 7.56 1.25 -10.13
C SER A 42 6.32 1.17 -11.01
N ARG A 43 5.60 0.05 -10.92
CA ARG A 43 4.40 -0.15 -11.70
C ARG A 43 3.18 -0.30 -10.79
N CYS A 44 3.41 -0.67 -9.55
CA CYS A 44 2.35 -0.85 -8.58
C CYS A 44 2.12 0.42 -7.77
N CYS A 45 3.22 1.10 -7.43
CA CYS A 45 3.14 2.33 -6.65
C CYS A 45 3.05 3.55 -7.57
N SER A 46 2.23 3.43 -8.61
CA SER A 46 2.05 4.52 -9.57
C SER A 46 0.60 5.00 -9.59
N PHE A 47 0.02 5.14 -8.41
CA PHE A 47 -1.37 5.59 -8.28
C PHE A 47 -1.45 6.91 -7.53
N LYS A 48 -1.94 7.94 -8.21
CA LYS A 48 -2.08 9.26 -7.60
C LYS A 48 -3.39 9.36 -6.82
N VAL A 49 -3.29 9.67 -5.53
CA VAL A 49 -4.46 9.81 -4.69
C VAL A 49 -4.25 10.91 -3.64
N PRO A 50 -5.36 11.57 -3.27
CA PRO A 50 -5.33 12.65 -2.27
C PRO A 50 -5.05 12.14 -0.87
N LYS A 51 -4.14 12.82 -0.17
CA LYS A 51 -3.78 12.45 1.19
C LYS A 51 -4.65 13.16 2.21
N SER A 52 -5.89 13.46 1.83
CA SER A 52 -6.82 14.15 2.70
C SER A 52 -7.97 13.24 3.10
N SER A 53 -8.49 12.49 2.13
CA SER A 53 -9.60 11.58 2.36
C SER A 53 -9.16 10.43 3.27
N MET A 54 -7.96 9.93 3.05
CA MET A 54 -7.42 8.84 3.85
C MET A 54 -7.88 8.93 5.30
N GLY A 55 -7.72 10.12 5.88
CA GLY A 55 -8.12 10.33 7.27
C GLY A 55 -7.98 11.78 7.69
N ALA A 56 -8.89 12.22 8.55
CA ALA A 56 -8.87 13.60 9.05
C ALA A 56 -7.48 13.97 9.56
N THR A 57 -7.05 15.19 9.25
CA THR A 57 -5.74 15.67 9.68
C THR A 57 -5.60 17.17 9.42
N ALA A 58 -4.56 17.76 10.00
CA ALA A 58 -4.30 19.18 9.84
C ALA A 58 -4.66 19.65 8.43
N PRO A 59 -5.18 20.88 8.32
CA PRO A 59 -5.57 21.46 7.04
C PRO A 59 -4.36 21.79 6.16
N GLU A 60 -3.17 21.49 6.66
CA GLU A 60 -1.95 21.75 5.92
C GLU A 60 -1.88 20.89 4.65
N ALA A 61 -2.19 19.61 4.80
CA ALA A 61 -2.16 18.68 3.68
C ALA A 61 -3.52 18.64 2.98
N GLN A 62 -3.77 19.62 2.12
CA GLN A 62 -5.03 19.69 1.38
C GLN A 62 -4.78 19.89 -0.10
N ARG A 63 -5.56 19.21 -0.93
CA ARG A 63 -5.43 19.31 -2.38
C ARG A 63 -4.06 18.83 -2.83
N GLU A 64 -3.54 17.82 -2.15
CA GLU A 64 -2.24 17.26 -2.48
C GLU A 64 -2.38 15.90 -3.16
N THR A 65 -1.36 15.51 -3.91
CA THR A 65 -1.37 14.23 -4.61
C THR A 65 -0.16 13.38 -4.22
N VAL A 66 -0.42 12.14 -3.84
CA VAL A 66 0.64 11.22 -3.45
C VAL A 66 0.57 9.92 -4.24
N PHE A 67 1.65 9.14 -4.19
CA PHE A 67 1.70 7.86 -4.90
C PHE A 67 1.44 6.70 -3.95
N VAL A 68 0.49 5.85 -4.31
CA VAL A 68 0.14 4.70 -3.49
C VAL A 68 0.21 3.40 -4.30
N CYS A 69 0.00 2.28 -3.62
CA CYS A 69 0.04 0.98 -4.29
C CYS A 69 -1.37 0.50 -4.64
N ALA A 70 -1.48 -0.21 -5.75
CA ALA A 70 -2.76 -0.72 -6.20
C ALA A 70 -3.61 -1.21 -5.03
N SER A 71 -3.07 -2.17 -4.28
CA SER A 71 -3.77 -2.71 -3.13
C SER A 71 -4.50 -1.62 -2.35
N CYS A 72 -3.85 -0.46 -2.23
CA CYS A 72 -4.43 0.67 -1.52
C CYS A 72 -5.35 1.47 -2.43
N ASN A 73 -4.79 2.00 -3.51
CA ASN A 73 -5.57 2.79 -4.45
C ASN A 73 -6.95 2.18 -4.67
N GLN A 74 -7.01 0.86 -4.73
CA GLN A 74 -8.26 0.15 -4.93
C GLN A 74 -9.18 0.32 -3.72
N THR A 75 -8.61 0.18 -2.53
CA THR A 75 -9.38 0.32 -1.30
C THR A 75 -9.84 1.76 -1.09
N LEU A 76 -8.96 2.71 -1.40
CA LEU A 76 -9.28 4.12 -1.25
C LEU A 76 -10.40 4.53 -2.21
N SER A 77 -10.25 4.17 -3.47
CA SER A 77 -11.23 4.50 -4.49
C SER A 77 -12.29 3.39 -4.61
N LYS A 78 -12.77 2.92 -3.46
CA LYS A 78 -13.77 1.87 -3.43
C LYS A 78 -15.15 2.44 -3.06
N SER A 79 -16.19 1.78 -3.54
CA SER A 79 -17.56 2.23 -3.27
C SER A 79 -18.29 1.22 -2.37
N GLY A 80 -18.35 1.54 -1.08
CA GLY A 80 -19.01 0.66 -0.13
C GLY A 80 -20.44 1.09 0.15
N PRO A 81 -21.19 0.23 0.85
CA PRO A 81 -22.58 0.50 1.21
C PRO A 81 -22.72 1.61 2.24
N SER A 82 -23.95 2.08 2.45
CA SER A 82 -24.20 3.15 3.40
C SER A 82 -25.69 3.22 3.75
N SER A 83 -25.99 3.09 5.04
CA SER A 83 -27.37 3.14 5.51
C SER A 83 -27.44 3.68 6.94
N GLY A 84 -28.59 4.25 7.28
CA GLY A 84 -28.77 4.81 8.61
C GLY A 84 -28.80 3.74 9.68
N GLY A 1 -11.15 -31.53 23.26
CA GLY A 1 -9.85 -31.67 22.63
C GLY A 1 -9.53 -30.55 21.67
N SER A 2 -9.25 -29.38 22.21
CA SER A 2 -8.93 -28.21 21.39
C SER A 2 -7.45 -27.89 21.44
N SER A 3 -6.75 -28.15 20.35
CA SER A 3 -5.31 -27.90 20.28
C SER A 3 -4.90 -27.47 18.87
N GLY A 4 -4.04 -26.47 18.79
CA GLY A 4 -3.59 -25.98 17.51
C GLY A 4 -2.22 -25.32 17.58
N SER A 5 -1.88 -24.55 16.55
CA SER A 5 -0.59 -23.86 16.50
C SER A 5 -0.73 -22.41 16.95
N SER A 6 -1.52 -22.20 18.00
CA SER A 6 -1.75 -20.86 18.53
C SER A 6 -0.45 -20.06 18.53
N GLY A 7 -0.32 -19.16 17.56
CA GLY A 7 0.87 -18.34 17.46
C GLY A 7 1.38 -18.22 16.04
N ARG A 8 1.49 -16.99 15.55
CA ARG A 8 1.96 -16.74 14.19
C ARG A 8 3.20 -15.86 14.20
N TYR A 9 3.93 -15.87 13.09
CA TYR A 9 5.15 -15.07 12.98
C TYR A 9 4.98 -13.96 11.94
N PRO A 10 5.47 -12.77 12.26
CA PRO A 10 5.39 -11.60 11.37
C PRO A 10 6.28 -11.74 10.14
N THR A 11 6.33 -10.70 9.32
CA THR A 11 7.15 -10.71 8.12
C THR A 11 8.62 -10.47 8.44
N ASN A 12 9.42 -11.53 8.37
CA ASN A 12 10.84 -11.43 8.67
C ASN A 12 11.42 -10.14 8.08
N ASN A 13 11.40 -10.03 6.76
CA ASN A 13 11.93 -8.85 6.09
C ASN A 13 11.34 -8.72 4.69
N PHE A 14 11.75 -7.67 3.98
CA PHE A 14 11.26 -7.43 2.62
C PHE A 14 12.22 -8.01 1.59
N GLY A 15 11.84 -7.95 0.32
CA GLY A 15 12.66 -8.48 -0.75
C GLY A 15 12.09 -8.22 -2.12
N ASN A 16 10.77 -8.32 -2.24
CA ASN A 16 10.09 -8.10 -3.51
C ASN A 16 8.83 -7.27 -3.31
N CYS A 17 8.23 -6.82 -4.42
CA CYS A 17 7.02 -6.03 -4.37
C CYS A 17 5.91 -6.77 -3.63
N THR A 18 5.04 -6.02 -2.97
CA THR A 18 3.93 -6.60 -2.21
C THR A 18 2.67 -6.66 -3.05
N GLY A 19 2.84 -6.65 -4.37
CA GLY A 19 1.70 -6.70 -5.27
C GLY A 19 1.89 -7.72 -6.38
N CYS A 20 3.03 -7.66 -7.05
CA CYS A 20 3.34 -8.57 -8.15
C CYS A 20 4.54 -9.45 -7.81
N SER A 21 5.11 -9.23 -6.63
CA SER A 21 6.27 -10.00 -6.18
C SER A 21 7.39 -9.92 -7.21
N ALA A 22 7.63 -8.72 -7.74
CA ALA A 22 8.68 -8.52 -8.73
C ALA A 22 9.93 -7.93 -8.09
N THR A 23 10.93 -8.76 -7.87
CA THR A 23 12.18 -8.31 -7.27
C THR A 23 12.60 -6.95 -7.81
N PHE A 24 13.24 -6.15 -6.96
CA PHE A 24 13.69 -4.82 -7.36
C PHE A 24 15.13 -4.87 -7.88
N SER A 25 15.33 -4.32 -9.07
CA SER A 25 16.66 -4.30 -9.68
C SER A 25 17.27 -2.90 -9.62
N VAL A 26 18.47 -2.76 -10.18
CA VAL A 26 19.16 -1.47 -10.19
C VAL A 26 18.26 -0.36 -10.72
N LEU A 27 17.53 -0.65 -11.79
CA LEU A 27 16.63 0.32 -12.39
C LEU A 27 15.37 0.49 -11.54
N LYS A 28 14.64 -0.60 -11.35
CA LYS A 28 13.42 -0.57 -10.55
C LYS A 28 13.73 -0.24 -9.09
N LYS A 29 13.73 1.04 -8.77
CA LYS A 29 14.00 1.49 -7.41
C LYS A 29 12.83 1.16 -6.48
N ARG A 30 13.12 0.37 -5.44
CA ARG A 30 12.10 -0.02 -4.48
C ARG A 30 11.30 1.19 -4.00
N ARG A 31 10.05 1.29 -4.45
CA ARG A 31 9.18 2.40 -4.07
C ARG A 31 8.41 2.08 -2.80
N SER A 32 8.14 3.10 -2.00
CA SER A 32 7.41 2.93 -0.75
C SER A 32 6.05 3.62 -0.82
N CYS A 33 4.99 2.87 -0.59
CA CYS A 33 3.64 3.40 -0.62
C CYS A 33 3.52 4.63 0.27
N SER A 34 2.45 5.40 0.09
CA SER A 34 2.21 6.60 0.88
C SER A 34 1.22 6.32 2.01
N ASN A 35 0.29 5.40 1.75
CA ASN A 35 -0.72 5.05 2.74
C ASN A 35 -0.22 3.94 3.66
N CYS A 36 -0.20 2.72 3.12
CA CYS A 36 0.26 1.56 3.89
C CYS A 36 1.75 1.68 4.23
N GLY A 37 2.49 2.33 3.33
CA GLY A 37 3.92 2.50 3.56
C GLY A 37 4.69 1.21 3.36
N ASN A 38 4.28 0.42 2.37
CA ASN A 38 4.95 -0.85 2.08
C ASN A 38 5.81 -0.74 0.83
N SER A 39 6.55 -1.80 0.54
CA SER A 39 7.41 -1.83 -0.64
C SER A 39 6.63 -2.21 -1.89
N PHE A 40 6.95 -1.55 -3.00
CA PHE A 40 6.27 -1.82 -4.27
C PHE A 40 7.15 -1.44 -5.45
N CYS A 41 6.82 -1.97 -6.62
CA CYS A 41 7.58 -1.68 -7.83
C CYS A 41 7.15 -0.35 -8.44
N SER A 42 7.78 0.02 -9.56
CA SER A 42 7.47 1.27 -10.23
C SER A 42 6.24 1.11 -11.11
N ARG A 43 5.53 0.00 -10.95
CA ARG A 43 4.33 -0.27 -11.73
C ARG A 43 3.11 -0.41 -10.82
N CYS A 44 3.35 -0.75 -9.56
CA CYS A 44 2.28 -0.92 -8.60
C CYS A 44 2.08 0.36 -7.78
N CYS A 45 3.18 1.06 -7.51
CA CYS A 45 3.13 2.31 -6.75
C CYS A 45 3.02 3.51 -7.67
N SER A 46 2.27 3.35 -8.75
CA SER A 46 2.10 4.43 -9.73
C SER A 46 0.64 4.90 -9.75
N PHE A 47 0.02 4.92 -8.57
CA PHE A 47 -1.37 5.36 -8.45
C PHE A 47 -1.47 6.63 -7.61
N LYS A 48 -1.85 7.73 -8.26
CA LYS A 48 -1.99 9.01 -7.58
C LYS A 48 -3.33 9.10 -6.86
N VAL A 49 -3.28 9.28 -5.54
CA VAL A 49 -4.50 9.39 -4.74
C VAL A 49 -4.40 10.55 -3.75
N PRO A 50 -5.53 11.21 -3.52
CA PRO A 50 -5.61 12.36 -2.59
C PRO A 50 -5.44 11.93 -1.14
N LYS A 51 -4.51 12.57 -0.44
CA LYS A 51 -4.25 12.27 0.96
C LYS A 51 -5.28 12.93 1.86
N SER A 52 -5.73 14.11 1.47
CA SER A 52 -6.72 14.85 2.25
C SER A 52 -7.89 13.96 2.64
N SER A 53 -8.08 12.89 1.88
CA SER A 53 -9.16 11.95 2.15
C SER A 53 -8.62 10.63 2.67
N MET A 54 -7.86 10.70 3.76
CA MET A 54 -7.28 9.50 4.37
C MET A 54 -7.62 9.43 5.86
N GLY A 55 -8.85 9.04 6.16
CA GLY A 55 -9.28 8.93 7.54
C GLY A 55 -9.41 10.28 8.22
N ALA A 56 -8.35 10.70 8.92
CA ALA A 56 -8.33 11.97 9.61
C ALA A 56 -7.54 13.02 8.83
N THR A 57 -8.25 13.92 8.16
CA THR A 57 -7.61 14.97 7.37
C THR A 57 -6.97 16.01 8.28
N ALA A 58 -5.86 16.59 7.81
CA ALA A 58 -5.15 17.62 8.58
C ALA A 58 -5.14 18.94 7.84
N PRO A 59 -5.08 20.05 8.60
CA PRO A 59 -5.05 21.40 8.02
C PRO A 59 -3.74 21.71 7.31
N GLU A 60 -2.85 20.72 7.28
CA GLU A 60 -1.56 20.89 6.63
C GLU A 60 -1.51 20.13 5.31
N ALA A 61 -2.36 19.11 5.19
CA ALA A 61 -2.42 18.29 3.98
C ALA A 61 -3.78 18.40 3.32
N GLN A 62 -3.90 19.32 2.37
CA GLN A 62 -5.16 19.53 1.66
C GLN A 62 -4.94 19.53 0.16
N ARG A 63 -5.97 19.16 -0.60
CA ARG A 63 -5.89 19.12 -2.05
C ARG A 63 -4.51 18.64 -2.50
N GLU A 64 -3.96 17.66 -1.79
CA GLU A 64 -2.66 17.10 -2.12
C GLU A 64 -2.80 15.72 -2.74
N THR A 65 -1.80 15.33 -3.53
CA THR A 65 -1.80 14.03 -4.19
C THR A 65 -0.57 13.22 -3.81
N VAL A 66 -0.76 11.93 -3.56
CA VAL A 66 0.34 11.04 -3.19
C VAL A 66 0.34 9.78 -4.03
N PHE A 67 1.42 9.01 -3.95
CA PHE A 67 1.54 7.77 -4.71
C PHE A 67 1.37 6.56 -3.81
N VAL A 68 0.38 5.73 -4.11
CA VAL A 68 0.11 4.54 -3.32
C VAL A 68 0.21 3.28 -4.19
N CYS A 69 -0.01 2.12 -3.56
CA CYS A 69 0.05 0.85 -4.27
C CYS A 69 -1.35 0.40 -4.71
N ALA A 70 -1.40 -0.31 -5.83
CA ALA A 70 -2.67 -0.80 -6.35
C ALA A 70 -3.60 -1.25 -5.23
N SER A 71 -3.07 -2.09 -4.34
CA SER A 71 -3.85 -2.60 -3.22
C SER A 71 -4.60 -1.47 -2.52
N CYS A 72 -3.87 -0.41 -2.18
CA CYS A 72 -4.46 0.73 -1.49
C CYS A 72 -5.29 1.58 -2.47
N ASN A 73 -4.62 2.07 -3.52
CA ASN A 73 -5.29 2.89 -4.52
C ASN A 73 -6.72 2.42 -4.75
N GLN A 74 -6.91 1.10 -4.78
CA GLN A 74 -8.23 0.52 -4.99
C GLN A 74 -9.13 0.77 -3.78
N THR A 75 -8.59 0.56 -2.59
CA THR A 75 -9.35 0.78 -1.36
C THR A 75 -9.70 2.25 -1.18
N LEU A 76 -8.72 3.11 -1.42
CA LEU A 76 -8.93 4.56 -1.27
C LEU A 76 -10.02 5.04 -2.22
N SER A 77 -9.83 4.77 -3.51
CA SER A 77 -10.80 5.20 -4.52
C SER A 77 -12.23 4.96 -4.04
N LYS A 78 -12.55 3.69 -3.77
CA LYS A 78 -13.88 3.33 -3.30
C LYS A 78 -14.17 3.96 -1.94
N SER A 79 -15.38 4.48 -1.78
CA SER A 79 -15.78 5.11 -0.52
C SER A 79 -16.33 4.08 0.45
N GLY A 80 -15.83 4.10 1.68
CA GLY A 80 -16.29 3.16 2.69
C GLY A 80 -15.37 3.10 3.89
N PRO A 81 -15.96 3.19 5.09
CA PRO A 81 -15.20 3.16 6.35
C PRO A 81 -14.61 1.78 6.62
N SER A 82 -13.67 1.72 7.57
CA SER A 82 -13.02 0.47 7.93
C SER A 82 -13.92 -0.35 8.85
N SER A 83 -14.16 -1.61 8.47
CA SER A 83 -15.00 -2.49 9.25
C SER A 83 -14.21 -3.11 10.41
N GLY A 84 -13.08 -3.72 10.09
CA GLY A 84 -12.25 -4.33 11.11
C GLY A 84 -11.74 -3.33 12.13
N GLY A 1 -22.02 -22.05 18.22
CA GLY A 1 -21.07 -21.11 17.66
C GLY A 1 -20.32 -21.68 16.48
N SER A 2 -21.01 -21.84 15.35
CA SER A 2 -20.39 -22.39 14.14
C SER A 2 -19.23 -21.51 13.69
N SER A 3 -18.02 -21.90 14.08
CA SER A 3 -16.83 -21.15 13.71
C SER A 3 -16.11 -21.81 12.53
N GLY A 4 -16.03 -21.08 11.42
CA GLY A 4 -15.38 -21.60 10.23
C GLY A 4 -14.81 -20.50 9.35
N SER A 5 -13.66 -19.96 9.75
CA SER A 5 -13.02 -18.89 8.99
C SER A 5 -11.72 -19.38 8.36
N SER A 6 -11.37 -18.79 7.22
CA SER A 6 -10.15 -19.17 6.51
C SER A 6 -8.91 -18.63 7.23
N GLY A 7 -8.99 -17.38 7.66
CA GLY A 7 -7.87 -16.76 8.36
C GLY A 7 -6.72 -16.44 7.43
N ARG A 8 -6.19 -15.22 7.54
CA ARG A 8 -5.08 -14.78 6.71
C ARG A 8 -4.32 -13.64 7.37
N TYR A 9 -3.15 -13.31 6.82
CA TYR A 9 -2.33 -12.24 7.36
C TYR A 9 -1.68 -11.44 6.24
N PRO A 10 -1.63 -10.11 6.42
CA PRO A 10 -1.04 -9.20 5.44
C PRO A 10 0.48 -9.35 5.35
N THR A 11 1.06 -10.10 6.28
CA THR A 11 2.50 -10.32 6.31
C THR A 11 2.98 -10.94 5.01
N ASN A 12 3.86 -10.23 4.30
CA ASN A 12 4.40 -10.72 3.04
C ASN A 12 5.91 -10.80 3.10
N ASN A 13 6.49 -11.60 2.21
CA ASN A 13 7.93 -11.78 2.15
C ASN A 13 8.62 -10.53 1.60
N PHE A 14 9.30 -9.79 2.47
CA PHE A 14 10.00 -8.57 2.08
C PHE A 14 11.00 -8.86 0.96
N GLY A 15 11.70 -7.82 0.52
CA GLY A 15 12.69 -7.98 -0.53
C GLY A 15 12.09 -7.86 -1.91
N ASN A 16 10.82 -8.27 -2.05
CA ASN A 16 10.13 -8.20 -3.32
C ASN A 16 8.83 -7.42 -3.20
N CYS A 17 8.43 -6.78 -4.29
CA CYS A 17 7.19 -5.99 -4.30
C CYS A 17 6.10 -6.68 -3.49
N THR A 18 5.24 -5.89 -2.86
CA THR A 18 4.15 -6.43 -2.06
C THR A 18 2.84 -6.42 -2.84
N GLY A 19 2.95 -6.48 -4.16
CA GLY A 19 1.77 -6.47 -5.01
C GLY A 19 1.83 -7.53 -6.10
N CYS A 20 2.94 -7.57 -6.81
CA CYS A 20 3.12 -8.53 -7.89
C CYS A 20 4.20 -9.56 -7.53
N SER A 21 5.00 -9.23 -6.53
CA SER A 21 6.07 -10.12 -6.09
C SER A 21 7.24 -10.11 -7.07
N ALA A 22 7.50 -8.93 -7.63
CA ALA A 22 8.60 -8.78 -8.59
C ALA A 22 9.86 -8.29 -7.90
N THR A 23 10.86 -9.18 -7.82
CA THR A 23 12.13 -8.85 -7.18
C THR A 23 12.79 -7.66 -7.87
N PHE A 24 13.57 -6.89 -7.11
CA PHE A 24 14.26 -5.73 -7.64
C PHE A 24 15.76 -6.01 -7.79
N SER A 25 16.31 -5.62 -8.93
CA SER A 25 17.73 -5.83 -9.19
C SER A 25 18.39 -4.55 -9.67
N VAL A 26 18.01 -4.11 -10.87
CA VAL A 26 18.56 -2.88 -11.45
C VAL A 26 17.46 -1.96 -11.95
N LEU A 27 16.78 -2.38 -13.02
CA LEU A 27 15.70 -1.59 -13.60
C LEU A 27 14.64 -1.27 -12.55
N LYS A 28 13.93 -2.30 -12.09
CA LYS A 28 12.89 -2.13 -11.09
C LYS A 28 13.48 -1.55 -9.80
N LYS A 29 12.87 -0.48 -9.30
CA LYS A 29 13.31 0.16 -8.07
C LYS A 29 12.29 -0.01 -6.96
N ARG A 30 12.74 -0.47 -5.80
CA ARG A 30 11.86 -0.67 -4.66
C ARG A 30 11.34 0.67 -4.14
N ARG A 31 10.11 1.00 -4.48
CA ARG A 31 9.49 2.24 -4.06
C ARG A 31 8.84 2.08 -2.68
N SER A 32 8.19 3.14 -2.21
CA SER A 32 7.53 3.12 -0.91
C SER A 32 6.15 3.79 -0.99
N CYS A 33 5.13 3.05 -0.61
CA CYS A 33 3.76 3.56 -0.63
C CYS A 33 3.63 4.77 0.29
N SER A 34 2.53 5.52 0.13
CA SER A 34 2.28 6.70 0.95
C SER A 34 1.22 6.41 2.01
N ASN A 35 0.33 5.47 1.71
CA ASN A 35 -0.74 5.10 2.63
C ASN A 35 -0.29 3.96 3.54
N CYS A 36 -0.24 2.76 3.01
CA CYS A 36 0.16 1.59 3.79
C CYS A 36 1.65 1.67 4.15
N GLY A 37 2.43 2.31 3.29
CA GLY A 37 3.86 2.45 3.54
C GLY A 37 4.61 1.14 3.34
N ASN A 38 4.23 0.40 2.31
CA ASN A 38 4.88 -0.87 2.00
C ASN A 38 5.81 -0.74 0.80
N SER A 39 6.49 -1.83 0.47
CA SER A 39 7.42 -1.84 -0.66
C SER A 39 6.71 -2.29 -1.93
N PHE A 40 6.91 -1.53 -3.01
CA PHE A 40 6.29 -1.84 -4.29
C PHE A 40 7.21 -1.45 -5.45
N CYS A 41 6.89 -1.94 -6.64
CA CYS A 41 7.68 -1.65 -7.82
C CYS A 41 7.26 -0.32 -8.45
N SER A 42 7.87 0.01 -9.59
CA SER A 42 7.56 1.26 -10.28
C SER A 42 6.34 1.09 -11.17
N ARG A 43 5.63 -0.02 -11.00
CA ARG A 43 4.44 -0.31 -11.79
C ARG A 43 3.21 -0.43 -10.89
N CYS A 44 3.44 -0.84 -9.64
CA CYS A 44 2.35 -1.02 -8.69
C CYS A 44 2.10 0.27 -7.92
N CYS A 45 3.17 1.01 -7.63
CA CYS A 45 3.07 2.26 -6.90
C CYS A 45 3.02 3.45 -7.85
N SER A 46 2.23 3.31 -8.91
CA SER A 46 2.09 4.37 -9.91
C SER A 46 0.67 4.90 -9.95
N PHE A 47 0.04 4.98 -8.79
CA PHE A 47 -1.33 5.47 -8.69
C PHE A 47 -1.43 6.63 -7.71
N LYS A 48 -2.03 7.73 -8.16
CA LYS A 48 -2.18 8.92 -7.33
C LYS A 48 -3.45 8.83 -6.48
N VAL A 49 -3.45 9.53 -5.36
CA VAL A 49 -4.60 9.54 -4.46
C VAL A 49 -4.60 10.77 -3.57
N PRO A 50 -5.80 11.20 -3.15
CA PRO A 50 -5.96 12.37 -2.28
C PRO A 50 -5.44 12.12 -0.86
N LYS A 51 -4.44 12.90 -0.46
CA LYS A 51 -3.85 12.76 0.87
C LYS A 51 -4.82 13.25 1.94
N SER A 52 -5.83 14.01 1.52
CA SER A 52 -6.82 14.53 2.45
C SER A 52 -7.94 13.52 2.68
N SER A 53 -7.58 12.24 2.67
CA SER A 53 -8.55 11.17 2.88
C SER A 53 -8.04 10.17 3.90
N MET A 54 -6.84 9.66 3.67
CA MET A 54 -6.23 8.69 4.57
C MET A 54 -5.36 9.38 5.62
N GLY A 55 -5.42 8.88 6.85
CA GLY A 55 -4.64 9.47 7.93
C GLY A 55 -5.32 10.67 8.55
N ALA A 56 -4.63 11.31 9.49
CA ALA A 56 -5.18 12.49 10.16
C ALA A 56 -4.39 13.74 9.80
N THR A 57 -3.94 13.82 8.56
CA THR A 57 -3.18 14.97 8.09
C THR A 57 -3.80 16.28 8.57
N ALA A 58 -2.99 17.33 8.60
CA ALA A 58 -3.46 18.64 9.02
C ALA A 58 -4.46 19.22 8.03
N PRO A 59 -5.18 20.28 8.46
CA PRO A 59 -6.17 20.95 7.62
C PRO A 59 -5.54 21.71 6.46
N GLU A 60 -4.22 21.68 6.38
CA GLU A 60 -3.50 22.36 5.32
C GLU A 60 -3.42 21.49 4.07
N ALA A 61 -3.15 20.21 4.26
CA ALA A 61 -3.06 19.27 3.15
C ALA A 61 -4.44 18.80 2.70
N GLN A 62 -5.14 19.67 1.98
CA GLN A 62 -6.47 19.34 1.49
C GLN A 62 -6.43 18.95 0.02
N ARG A 63 -5.88 19.82 -0.80
CA ARG A 63 -5.78 19.57 -2.24
C ARG A 63 -4.44 18.94 -2.59
N GLU A 64 -3.98 18.03 -1.73
CA GLU A 64 -2.71 17.35 -1.95
C GLU A 64 -2.92 15.97 -2.57
N THR A 65 -1.92 15.50 -3.30
CA THR A 65 -2.00 14.20 -3.95
C THR A 65 -0.74 13.37 -3.68
N VAL A 66 -0.93 12.17 -3.15
CA VAL A 66 0.18 11.28 -2.84
C VAL A 66 0.09 9.98 -3.64
N PHE A 67 1.24 9.39 -3.94
CA PHE A 67 1.29 8.16 -4.70
C PHE A 67 1.18 6.94 -3.77
N VAL A 68 0.36 5.97 -4.17
CA VAL A 68 0.17 4.76 -3.38
C VAL A 68 0.28 3.52 -4.25
N CYS A 69 0.09 2.36 -3.62
CA CYS A 69 0.17 1.09 -4.34
C CYS A 69 -1.21 0.65 -4.82
N ALA A 70 -1.26 0.06 -6.00
CA ALA A 70 -2.52 -0.41 -6.58
C ALA A 70 -3.45 -0.95 -5.48
N SER A 71 -2.92 -1.87 -4.67
CA SER A 71 -3.70 -2.47 -3.59
C SER A 71 -4.44 -1.40 -2.80
N CYS A 72 -3.75 -0.33 -2.45
CA CYS A 72 -4.34 0.77 -1.70
C CYS A 72 -5.23 1.62 -2.59
N ASN A 73 -4.64 2.23 -3.61
CA ASN A 73 -5.39 3.07 -4.55
C ASN A 73 -6.76 2.49 -4.81
N GLN A 74 -6.84 1.17 -4.92
CA GLN A 74 -8.10 0.49 -5.17
C GLN A 74 -9.04 0.62 -3.99
N THR A 75 -8.51 0.43 -2.79
CA THR A 75 -9.30 0.53 -1.56
C THR A 75 -9.70 1.98 -1.28
N LEU A 76 -8.71 2.87 -1.33
CA LEU A 76 -8.95 4.29 -1.08
C LEU A 76 -10.05 4.82 -1.99
N SER A 77 -9.95 4.52 -3.28
CA SER A 77 -10.93 4.98 -4.25
C SER A 77 -12.08 3.98 -4.37
N LYS A 78 -12.70 3.66 -3.23
CA LYS A 78 -13.81 2.73 -3.19
C LYS A 78 -14.95 3.26 -2.33
N SER A 79 -16.18 2.89 -2.68
CA SER A 79 -17.35 3.35 -1.94
C SER A 79 -17.68 2.37 -0.81
N GLY A 80 -17.44 2.81 0.42
CA GLY A 80 -17.73 1.96 1.58
C GLY A 80 -17.06 2.46 2.84
N PRO A 81 -15.87 1.92 3.14
CA PRO A 81 -15.11 2.30 4.33
C PRO A 81 -14.54 3.71 4.23
N SER A 82 -15.13 4.64 4.99
CA SER A 82 -14.69 6.02 4.99
C SER A 82 -13.51 6.22 5.93
N SER A 83 -13.69 5.84 7.18
CA SER A 83 -12.63 5.98 8.18
C SER A 83 -12.35 4.65 8.87
N GLY A 84 -11.07 4.33 9.04
CA GLY A 84 -10.69 3.08 9.68
C GLY A 84 -10.11 3.29 11.06
N GLY A 1 -6.96 -8.73 36.81
CA GLY A 1 -6.71 -10.15 36.71
C GLY A 1 -5.80 -10.49 35.55
N SER A 2 -6.19 -11.50 34.78
CA SER A 2 -5.39 -11.93 33.63
C SER A 2 -6.05 -11.52 32.33
N SER A 3 -5.54 -10.44 31.73
CA SER A 3 -6.09 -9.93 30.48
C SER A 3 -5.76 -10.87 29.33
N GLY A 4 -4.47 -11.03 29.05
CA GLY A 4 -4.03 -11.90 27.98
C GLY A 4 -4.41 -11.37 26.61
N SER A 5 -3.58 -10.48 26.08
CA SER A 5 -3.82 -9.88 24.78
C SER A 5 -2.56 -9.26 24.20
N SER A 6 -2.15 -9.74 23.03
CA SER A 6 -0.94 -9.24 22.38
C SER A 6 -1.29 -8.22 21.30
N GLY A 7 -0.28 -7.49 20.84
CA GLY A 7 -0.51 -6.49 19.80
C GLY A 7 0.79 -5.93 19.26
N ARG A 8 1.11 -6.29 18.02
CA ARG A 8 2.33 -5.83 17.38
C ARG A 8 2.13 -5.67 15.87
N TYR A 9 3.04 -4.95 15.23
CA TYR A 9 2.96 -4.71 13.79
C TYR A 9 3.59 -5.87 13.02
N PRO A 10 2.94 -6.27 11.92
CA PRO A 10 3.42 -7.36 11.07
C PRO A 10 4.68 -7.00 10.30
N THR A 11 5.22 -5.81 10.60
CA THR A 11 6.43 -5.34 9.93
C THR A 11 7.36 -6.51 9.60
N ASN A 12 8.04 -6.41 8.45
CA ASN A 12 8.95 -7.45 8.02
C ASN A 12 9.69 -7.03 6.75
N ASN A 13 10.91 -7.53 6.59
CA ASN A 13 11.71 -7.21 5.41
C ASN A 13 10.99 -7.58 4.13
N PHE A 14 11.03 -6.70 3.14
CA PHE A 14 10.36 -6.94 1.86
C PHE A 14 11.37 -6.89 0.72
N GLY A 15 11.75 -8.06 0.21
CA GLY A 15 12.71 -8.13 -0.87
C GLY A 15 12.05 -7.89 -2.22
N ASN A 16 10.80 -8.29 -2.36
CA ASN A 16 10.07 -8.13 -3.61
C ASN A 16 8.78 -7.34 -3.38
N CYS A 17 8.32 -6.66 -4.42
CA CYS A 17 7.10 -5.87 -4.35
C CYS A 17 6.01 -6.62 -3.60
N THR A 18 5.11 -5.87 -2.96
CA THR A 18 4.01 -6.46 -2.20
C THR A 18 2.75 -6.52 -3.04
N GLY A 19 2.90 -6.59 -4.35
CA GLY A 19 1.76 -6.67 -5.24
C GLY A 19 1.95 -7.66 -6.37
N CYS A 20 3.00 -7.48 -7.15
CA CYS A 20 3.29 -8.37 -8.27
C CYS A 20 4.51 -9.24 -7.96
N SER A 21 5.08 -9.05 -6.77
CA SER A 21 6.25 -9.82 -6.37
C SER A 21 7.43 -9.56 -7.29
N ALA A 22 7.47 -8.36 -7.86
CA ALA A 22 8.55 -7.98 -8.77
C ALA A 22 9.81 -7.64 -8.00
N THR A 23 10.80 -8.53 -8.06
CA THR A 23 12.07 -8.33 -7.37
C THR A 23 12.78 -7.08 -7.89
N PHE A 24 13.51 -6.41 -6.99
CA PHE A 24 14.24 -5.21 -7.37
C PHE A 24 15.73 -5.49 -7.49
N SER A 25 16.26 -5.39 -8.70
CA SER A 25 17.66 -5.64 -8.96
C SER A 25 18.37 -4.36 -9.41
N VAL A 26 18.15 -3.97 -10.65
CA VAL A 26 18.77 -2.77 -11.21
C VAL A 26 17.74 -1.91 -11.93
N LEU A 27 16.74 -2.56 -12.51
CA LEU A 27 15.68 -1.86 -13.24
C LEU A 27 14.61 -1.35 -12.29
N LYS A 28 13.89 -2.27 -11.67
CA LYS A 28 12.83 -1.92 -10.73
C LYS A 28 13.41 -1.30 -9.46
N LYS A 29 12.85 -0.18 -9.04
CA LYS A 29 13.31 0.50 -7.84
C LYS A 29 12.35 0.25 -6.66
N ARG A 30 12.92 0.00 -5.49
CA ARG A 30 12.12 -0.25 -4.30
C ARG A 30 11.32 0.99 -3.90
N ARG A 31 10.09 1.07 -4.41
CA ARG A 31 9.22 2.21 -4.12
C ARG A 31 8.43 1.97 -2.83
N SER A 32 8.17 3.04 -2.10
CA SER A 32 7.43 2.95 -0.85
C SER A 32 6.05 3.61 -0.98
N CYS A 33 5.03 2.92 -0.46
CA CYS A 33 3.67 3.44 -0.51
C CYS A 33 3.50 4.66 0.38
N SER A 34 2.42 5.40 0.17
CA SER A 34 2.14 6.59 0.95
C SER A 34 1.11 6.31 2.04
N ASN A 35 0.19 5.40 1.74
CA ASN A 35 -0.86 5.04 2.69
C ASN A 35 -0.38 3.96 3.65
N CYS A 36 -0.29 2.73 3.16
CA CYS A 36 0.16 1.61 3.97
C CYS A 36 1.63 1.77 4.36
N GLY A 37 2.41 2.34 3.46
CA GLY A 37 3.83 2.55 3.72
C GLY A 37 4.64 1.28 3.54
N ASN A 38 4.28 0.49 2.54
CA ASN A 38 4.99 -0.75 2.26
C ASN A 38 5.82 -0.63 0.99
N SER A 39 6.55 -1.70 0.66
CA SER A 39 7.39 -1.71 -0.53
C SER A 39 6.58 -2.11 -1.76
N PHE A 40 6.93 -1.52 -2.90
CA PHE A 40 6.23 -1.82 -4.15
C PHE A 40 7.10 -1.45 -5.35
N CYS A 41 6.68 -1.88 -6.54
CA CYS A 41 7.41 -1.61 -7.76
C CYS A 41 6.97 -0.28 -8.37
N SER A 42 7.53 0.05 -9.53
CA SER A 42 7.20 1.29 -10.22
C SER A 42 5.91 1.14 -11.02
N ARG A 43 5.28 -0.02 -10.90
CA ARG A 43 4.04 -0.30 -11.62
C ARG A 43 2.85 -0.36 -10.66
N CYS A 44 3.13 -0.72 -9.41
CA CYS A 44 2.09 -0.82 -8.40
C CYS A 44 1.98 0.47 -7.61
N CYS A 45 3.11 1.11 -7.35
CA CYS A 45 3.14 2.37 -6.60
C CYS A 45 3.07 3.56 -7.55
N SER A 46 2.22 3.47 -8.56
CA SER A 46 2.06 4.54 -9.53
C SER A 46 0.62 5.03 -9.58
N PHE A 47 -0.02 5.08 -8.40
CA PHE A 47 -1.39 5.54 -8.31
C PHE A 47 -1.49 6.85 -7.55
N LYS A 48 -1.84 7.92 -8.25
CA LYS A 48 -1.95 9.24 -7.63
C LYS A 48 -3.26 9.35 -6.84
N VAL A 49 -3.14 9.74 -5.57
CA VAL A 49 -4.29 9.89 -4.71
C VAL A 49 -4.05 10.94 -3.63
N PRO A 50 -5.14 11.59 -3.18
CA PRO A 50 -5.08 12.63 -2.16
C PRO A 50 -4.72 12.07 -0.79
N LYS A 51 -3.70 12.65 -0.17
CA LYS A 51 -3.26 12.20 1.16
C LYS A 51 -4.17 12.76 2.25
N SER A 52 -4.61 14.00 2.06
CA SER A 52 -5.49 14.64 3.04
C SER A 52 -6.77 13.84 3.24
N SER A 53 -7.35 13.37 2.13
CA SER A 53 -8.58 12.60 2.19
C SER A 53 -8.47 11.48 3.23
N MET A 54 -7.41 10.69 3.13
CA MET A 54 -7.19 9.59 4.06
C MET A 54 -7.34 10.06 5.50
N GLY A 55 -6.79 11.24 5.80
CA GLY A 55 -6.87 11.77 7.14
C GLY A 55 -6.01 13.02 7.32
N ALA A 56 -6.60 14.18 7.06
CA ALA A 56 -5.88 15.44 7.19
C ALA A 56 -4.88 15.39 8.35
N THR A 57 -3.60 15.40 8.01
CA THR A 57 -2.54 15.34 9.01
C THR A 57 -1.47 16.39 8.74
N ALA A 58 -1.89 17.56 8.29
CA ALA A 58 -0.97 18.65 7.98
C ALA A 58 -1.71 19.92 7.60
N PRO A 59 -1.16 21.07 7.99
CA PRO A 59 -1.75 22.38 7.70
C PRO A 59 -1.69 22.73 6.22
N GLU A 60 -0.94 21.94 5.46
CA GLU A 60 -0.79 22.17 4.03
C GLU A 60 -1.47 21.07 3.22
N ALA A 61 -1.22 19.82 3.61
CA ALA A 61 -1.81 18.68 2.92
C ALA A 61 -3.33 18.81 2.84
N GLN A 62 -3.81 19.29 1.70
CA GLN A 62 -5.24 19.48 1.49
C GLN A 62 -5.67 18.91 0.14
N ARG A 63 -5.01 19.36 -0.91
CA ARG A 63 -5.32 18.90 -2.27
C ARG A 63 -4.07 18.40 -2.98
N GLU A 64 -3.21 17.71 -2.24
CA GLU A 64 -1.97 17.18 -2.79
C GLU A 64 -2.22 15.81 -3.44
N THR A 65 -1.18 15.28 -4.07
CA THR A 65 -1.29 13.99 -4.75
C THR A 65 -0.07 13.11 -4.42
N VAL A 66 -0.34 11.92 -3.88
CA VAL A 66 0.72 10.98 -3.54
C VAL A 66 0.57 9.67 -4.29
N PHE A 67 1.63 8.88 -4.32
CA PHE A 67 1.62 7.60 -5.00
C PHE A 67 1.37 6.45 -4.02
N VAL A 68 0.41 5.60 -4.35
CA VAL A 68 0.06 4.47 -3.50
C VAL A 68 0.12 3.16 -4.27
N CYS A 69 0.08 2.04 -3.55
CA CYS A 69 0.13 0.72 -4.17
C CYS A 69 -1.26 0.27 -4.60
N ALA A 70 -1.35 -0.36 -5.77
CA ALA A 70 -2.61 -0.85 -6.29
C ALA A 70 -3.52 -1.31 -5.17
N SER A 71 -3.03 -2.25 -4.36
CA SER A 71 -3.81 -2.78 -3.25
C SER A 71 -4.56 -1.67 -2.51
N CYS A 72 -3.87 -0.56 -2.27
CA CYS A 72 -4.46 0.58 -1.59
C CYS A 72 -5.33 1.40 -2.55
N ASN A 73 -4.72 1.85 -3.64
CA ASN A 73 -5.44 2.65 -4.63
C ASN A 73 -6.86 2.12 -4.83
N GLN A 74 -7.00 0.80 -4.84
CA GLN A 74 -8.31 0.19 -5.02
C GLN A 74 -9.21 0.44 -3.81
N THR A 75 -8.63 0.27 -2.61
CA THR A 75 -9.38 0.49 -1.38
C THR A 75 -9.78 1.95 -1.23
N LEU A 76 -8.83 2.85 -1.44
CA LEU A 76 -9.07 4.28 -1.32
C LEU A 76 -10.20 4.71 -2.26
N SER A 77 -10.03 4.44 -3.55
CA SER A 77 -11.04 4.79 -4.55
C SER A 77 -12.36 4.07 -4.27
N LYS A 78 -12.25 2.83 -3.81
CA LYS A 78 -13.44 2.04 -3.51
C LYS A 78 -14.41 2.80 -2.62
N SER A 79 -15.67 2.89 -3.07
CA SER A 79 -16.69 3.60 -2.31
C SER A 79 -16.57 3.33 -0.81
N GLY A 80 -16.04 4.30 -0.09
CA GLY A 80 -15.88 4.15 1.35
C GLY A 80 -15.80 5.48 2.07
N PRO A 81 -15.87 5.43 3.41
CA PRO A 81 -15.81 6.64 4.24
C PRO A 81 -14.43 7.29 4.24
N SER A 82 -14.35 8.51 4.75
CA SER A 82 -13.08 9.24 4.80
C SER A 82 -12.47 9.17 6.19
N SER A 83 -11.61 8.18 6.41
CA SER A 83 -10.96 8.01 7.70
C SER A 83 -9.90 6.91 7.63
N GLY A 84 -8.63 7.31 7.67
CA GLY A 84 -7.55 6.34 7.62
C GLY A 84 -6.93 6.25 6.24
N GLY A 1 -17.45 -15.45 26.95
CA GLY A 1 -16.39 -16.07 26.16
C GLY A 1 -15.09 -15.31 26.24
N SER A 2 -14.10 -15.74 25.46
CA SER A 2 -12.80 -15.09 25.45
C SER A 2 -12.35 -14.79 24.04
N SER A 3 -11.45 -13.81 23.89
CA SER A 3 -10.95 -13.42 22.58
C SER A 3 -9.52 -12.90 22.69
N GLY A 4 -8.87 -12.73 21.54
CA GLY A 4 -7.50 -12.25 21.52
C GLY A 4 -6.78 -12.62 20.25
N SER A 5 -7.39 -12.32 19.10
CA SER A 5 -6.80 -12.64 17.81
C SER A 5 -5.44 -11.97 17.66
N SER A 6 -4.40 -12.77 17.45
CA SER A 6 -3.05 -12.26 17.29
C SER A 6 -2.43 -12.74 15.97
N GLY A 7 -1.30 -12.13 15.60
CA GLY A 7 -0.64 -12.51 14.37
C GLY A 7 0.50 -11.57 14.02
N ARG A 8 1.47 -12.08 13.27
CA ARG A 8 2.62 -11.27 12.87
C ARG A 8 3.26 -11.83 11.60
N TYR A 9 3.65 -10.94 10.70
CA TYR A 9 4.28 -11.34 9.44
C TYR A 9 5.19 -12.53 9.65
N PRO A 10 4.74 -13.72 9.19
CA PRO A 10 5.52 -14.96 9.31
C PRO A 10 6.75 -14.97 8.41
N THR A 11 6.93 -13.88 7.66
CA THR A 11 8.07 -13.77 6.75
C THR A 11 9.25 -13.08 7.45
N ASN A 12 10.46 -13.51 7.10
CA ASN A 12 11.67 -12.93 7.69
C ASN A 12 12.38 -12.02 6.69
N ASN A 13 12.75 -12.59 5.54
CA ASN A 13 13.45 -11.83 4.51
C ASN A 13 12.52 -11.58 3.32
N PHE A 14 11.98 -10.37 3.25
CA PHE A 14 11.08 -10.00 2.16
C PHE A 14 11.58 -8.75 1.44
N GLY A 15 12.30 -8.96 0.34
CA GLY A 15 12.83 -7.83 -0.41
C GLY A 15 12.23 -7.75 -1.81
N ASN A 16 10.91 -7.83 -1.90
CA ASN A 16 10.23 -7.77 -3.18
C ASN A 16 8.92 -6.99 -3.06
N CYS A 17 8.26 -6.76 -4.20
CA CYS A 17 7.00 -6.05 -4.22
C CYS A 17 5.94 -6.79 -3.44
N THR A 18 4.89 -6.08 -3.02
CA THR A 18 3.80 -6.68 -2.27
C THR A 18 2.60 -6.97 -3.16
N GLY A 19 2.77 -6.74 -4.46
CA GLY A 19 1.69 -6.99 -5.40
C GLY A 19 2.08 -8.01 -6.47
N CYS A 20 3.14 -7.71 -7.21
CA CYS A 20 3.61 -8.60 -8.27
C CYS A 20 4.84 -9.37 -7.82
N SER A 21 5.12 -9.32 -6.51
CA SER A 21 6.27 -10.02 -5.96
C SER A 21 7.50 -9.83 -6.85
N ALA A 22 7.59 -8.68 -7.51
CA ALA A 22 8.70 -8.37 -8.39
C ALA A 22 9.89 -7.83 -7.60
N THR A 23 10.86 -8.69 -7.33
CA THR A 23 12.05 -8.30 -6.58
C THR A 23 12.69 -7.05 -7.17
N PHE A 24 13.30 -6.23 -6.32
CA PHE A 24 13.95 -5.01 -6.77
C PHE A 24 15.45 -5.21 -6.95
N SER A 25 15.82 -6.34 -7.57
CA SER A 25 17.22 -6.66 -7.80
C SER A 25 17.61 -6.32 -9.23
N VAL A 26 16.82 -6.78 -10.19
CA VAL A 26 17.10 -6.51 -11.60
C VAL A 26 16.99 -5.03 -11.91
N LEU A 27 18.03 -4.27 -11.53
CA LEU A 27 18.05 -2.84 -11.77
C LEU A 27 16.64 -2.25 -11.70
N LYS A 28 15.87 -2.70 -10.72
CA LYS A 28 14.50 -2.21 -10.54
C LYS A 28 14.38 -1.38 -9.27
N LYS A 29 14.15 -0.08 -9.44
CA LYS A 29 14.02 0.83 -8.31
C LYS A 29 12.84 0.42 -7.43
N ARG A 30 13.08 0.38 -6.12
CA ARG A 30 12.04 0.00 -5.16
C ARG A 30 11.31 1.24 -4.64
N ARG A 31 9.99 1.25 -4.79
CA ARG A 31 9.18 2.37 -4.33
C ARG A 31 8.58 2.09 -2.96
N SER A 32 7.90 3.08 -2.40
CA SER A 32 7.28 2.94 -1.09
C SER A 32 5.92 3.63 -1.04
N CYS A 33 4.89 2.86 -0.73
CA CYS A 33 3.53 3.40 -0.66
C CYS A 33 3.47 4.59 0.29
N SER A 34 2.43 5.41 0.15
CA SER A 34 2.25 6.59 0.99
C SER A 34 1.19 6.34 2.06
N ASN A 35 0.27 5.43 1.76
CA ASN A 35 -0.81 5.10 2.70
C ASN A 35 -0.37 4.01 3.66
N CYS A 36 -0.28 2.78 3.13
CA CYS A 36 0.13 1.64 3.95
C CYS A 36 1.59 1.75 4.36
N GLY A 37 2.42 2.21 3.42
CA GLY A 37 3.84 2.36 3.71
C GLY A 37 4.62 1.08 3.44
N ASN A 38 4.22 0.35 2.41
CA ASN A 38 4.90 -0.90 2.05
C ASN A 38 5.72 -0.73 0.78
N SER A 39 6.55 -1.73 0.49
CA SER A 39 7.39 -1.68 -0.70
C SER A 39 6.61 -2.08 -1.95
N PHE A 40 6.91 -1.42 -3.06
CA PHE A 40 6.24 -1.71 -4.32
C PHE A 40 7.12 -1.32 -5.51
N CYS A 41 6.81 -1.90 -6.67
CA CYS A 41 7.57 -1.62 -7.88
C CYS A 41 7.10 -0.33 -8.54
N SER A 42 7.67 -0.02 -9.70
CA SER A 42 7.30 1.19 -10.43
C SER A 42 6.02 0.99 -11.23
N ARG A 43 5.45 -0.22 -11.12
CA ARG A 43 4.23 -0.54 -11.84
C ARG A 43 3.04 -0.61 -10.88
N CYS A 44 3.33 -0.86 -9.61
CA CYS A 44 2.29 -0.96 -8.59
C CYS A 44 2.18 0.34 -7.80
N CYS A 45 3.32 1.03 -7.65
CA CYS A 45 3.35 2.28 -6.92
C CYS A 45 3.22 3.47 -7.86
N SER A 46 2.32 3.35 -8.84
CA SER A 46 2.11 4.41 -9.82
C SER A 46 0.67 4.88 -9.79
N PHE A 47 0.11 5.05 -8.60
CA PHE A 47 -1.26 5.49 -8.44
C PHE A 47 -1.34 6.73 -7.54
N LYS A 48 -1.81 7.83 -8.11
CA LYS A 48 -1.93 9.08 -7.37
C LYS A 48 -3.29 9.16 -6.67
N VAL A 49 -3.26 9.45 -5.37
CA VAL A 49 -4.48 9.57 -4.59
C VAL A 49 -4.36 10.66 -3.53
N PRO A 50 -5.49 11.27 -3.17
CA PRO A 50 -5.54 12.33 -2.16
C PRO A 50 -5.26 11.82 -0.75
N LYS A 51 -4.38 12.51 -0.04
CA LYS A 51 -4.03 12.13 1.33
C LYS A 51 -5.00 12.73 2.33
N SER A 52 -6.29 12.72 1.99
CA SER A 52 -7.32 13.27 2.86
C SER A 52 -8.31 12.19 3.28
N SER A 53 -8.84 11.47 2.30
CA SER A 53 -9.80 10.41 2.56
C SER A 53 -9.22 9.37 3.52
N MET A 54 -7.95 9.03 3.31
CA MET A 54 -7.27 8.05 4.15
C MET A 54 -7.76 8.15 5.60
N GLY A 55 -7.42 9.26 6.26
CA GLY A 55 -7.84 9.45 7.64
C GLY A 55 -7.36 10.78 8.21
N ALA A 56 -6.99 10.77 9.48
CA ALA A 56 -6.51 11.98 10.14
C ALA A 56 -5.67 12.82 9.19
N THR A 57 -6.29 13.86 8.63
CA THR A 57 -5.61 14.76 7.71
C THR A 57 -5.65 16.19 8.19
N ALA A 58 -4.53 16.90 8.02
CA ALA A 58 -4.45 18.31 8.44
C ALA A 58 -5.06 19.23 7.40
N PRO A 59 -5.25 20.50 7.78
CA PRO A 59 -5.83 21.51 6.89
C PRO A 59 -4.89 21.89 5.75
N GLU A 60 -3.67 21.36 5.79
CA GLU A 60 -2.67 21.66 4.77
C GLU A 60 -2.63 20.53 3.74
N ALA A 61 -2.51 19.30 4.21
CA ALA A 61 -2.46 18.14 3.32
C ALA A 61 -3.59 18.17 2.31
N GLN A 62 -4.67 18.88 2.65
CA GLN A 62 -5.81 18.99 1.75
C GLN A 62 -5.38 19.40 0.35
N ARG A 63 -6.08 18.89 -0.66
CA ARG A 63 -5.76 19.20 -2.05
C ARG A 63 -4.34 18.75 -2.40
N GLU A 64 -3.95 17.59 -1.88
CA GLU A 64 -2.63 17.05 -2.14
C GLU A 64 -2.70 15.71 -2.89
N THR A 65 -1.63 15.36 -3.58
CA THR A 65 -1.58 14.12 -4.33
C THR A 65 -0.35 13.30 -3.97
N VAL A 66 -0.57 12.08 -3.48
CA VAL A 66 0.52 11.20 -3.09
C VAL A 66 0.50 9.91 -3.90
N PHE A 67 1.59 9.15 -3.82
CA PHE A 67 1.69 7.89 -4.54
C PHE A 67 1.43 6.71 -3.62
N VAL A 68 0.55 5.81 -4.05
CA VAL A 68 0.21 4.64 -3.26
C VAL A 68 0.30 3.36 -4.09
N CYS A 69 0.03 2.23 -3.46
CA CYS A 69 0.10 0.94 -4.15
C CYS A 69 -1.29 0.51 -4.61
N ALA A 70 -1.34 -0.11 -5.80
CA ALA A 70 -2.60 -0.56 -6.36
C ALA A 70 -3.55 -1.06 -5.27
N SER A 71 -3.09 -2.05 -4.50
CA SER A 71 -3.89 -2.62 -3.42
C SER A 71 -4.63 -1.51 -2.67
N CYS A 72 -3.92 -0.42 -2.39
CA CYS A 72 -4.51 0.70 -1.66
C CYS A 72 -5.34 1.58 -2.60
N ASN A 73 -4.67 2.19 -3.58
CA ASN A 73 -5.36 3.05 -4.54
C ASN A 73 -6.77 2.54 -4.83
N GLN A 74 -6.91 1.22 -4.86
CA GLN A 74 -8.20 0.60 -5.13
C GLN A 74 -9.14 0.74 -3.93
N THR A 75 -8.62 0.43 -2.75
CA THR A 75 -9.41 0.51 -1.53
C THR A 75 -9.78 1.95 -1.21
N LEU A 76 -8.83 2.86 -1.40
CA LEU A 76 -9.06 4.28 -1.14
C LEU A 76 -10.15 4.84 -2.07
N SER A 77 -10.02 4.55 -3.36
CA SER A 77 -10.99 5.01 -4.35
C SER A 77 -12.39 4.50 -4.03
N LYS A 78 -12.47 3.21 -3.69
CA LYS A 78 -13.75 2.59 -3.35
C LYS A 78 -14.66 3.58 -2.63
N SER A 79 -15.75 3.97 -3.29
CA SER A 79 -16.70 4.92 -2.72
C SER A 79 -17.59 4.23 -1.69
N GLY A 80 -18.39 5.02 -0.98
CA GLY A 80 -19.27 4.47 0.02
C GLY A 80 -19.48 5.42 1.20
N PRO A 81 -20.46 5.10 2.05
CA PRO A 81 -20.77 5.92 3.23
C PRO A 81 -19.69 5.85 4.30
N SER A 82 -19.77 6.73 5.28
CA SER A 82 -18.79 6.77 6.36
C SER A 82 -19.45 6.47 7.70
N SER A 83 -18.79 5.65 8.51
CA SER A 83 -19.30 5.28 9.82
C SER A 83 -19.82 6.50 10.57
N GLY A 84 -20.94 6.33 11.27
CA GLY A 84 -21.51 7.43 12.02
C GLY A 84 -22.79 7.03 12.75
N GLY A 1 -1.68 -35.67 33.10
CA GLY A 1 -1.51 -35.84 31.66
C GLY A 1 -0.91 -34.61 31.01
N SER A 2 -0.34 -34.79 29.82
CA SER A 2 0.28 -33.70 29.08
C SER A 2 -0.62 -33.21 27.96
N SER A 3 -0.61 -31.90 27.72
CA SER A 3 -1.43 -31.31 26.67
C SER A 3 -0.58 -30.94 25.46
N GLY A 4 -1.24 -30.72 24.33
CA GLY A 4 -0.53 -30.37 23.11
C GLY A 4 -0.91 -28.99 22.60
N SER A 5 0.01 -28.04 22.74
CA SER A 5 -0.25 -26.67 22.29
C SER A 5 0.81 -26.23 21.28
N SER A 6 0.44 -26.22 20.00
CA SER A 6 1.35 -25.82 18.94
C SER A 6 1.93 -24.44 19.21
N GLY A 7 3.20 -24.26 18.86
CA GLY A 7 3.86 -23.00 19.07
C GLY A 7 4.97 -22.73 18.08
N ARG A 8 4.59 -22.39 16.85
CA ARG A 8 5.56 -22.12 15.80
C ARG A 8 4.89 -21.55 14.56
N TYR A 9 5.57 -20.64 13.88
CA TYR A 9 5.03 -20.03 12.67
C TYR A 9 6.06 -20.01 11.55
N PRO A 10 5.58 -19.94 10.30
CA PRO A 10 6.44 -19.93 9.12
C PRO A 10 7.22 -18.61 8.99
N THR A 11 8.29 -18.64 8.20
CA THR A 11 9.11 -17.45 7.99
C THR A 11 9.86 -17.53 6.67
N ASN A 12 9.88 -16.43 5.94
CA ASN A 12 10.57 -16.37 4.65
C ASN A 12 11.03 -14.95 4.34
N ASN A 13 12.22 -14.83 3.76
CA ASN A 13 12.78 -13.53 3.41
C ASN A 13 11.72 -12.66 2.74
N PHE A 14 11.77 -11.36 3.02
CA PHE A 14 10.82 -10.42 2.43
C PHE A 14 11.55 -9.27 1.74
N GLY A 15 11.63 -9.35 0.42
CA GLY A 15 12.31 -8.31 -0.34
C GLY A 15 11.78 -8.21 -1.76
N ASN A 16 10.46 -8.25 -1.91
CA ASN A 16 9.84 -8.16 -3.21
C ASN A 16 8.57 -7.31 -3.16
N CYS A 17 8.11 -6.86 -4.32
CA CYS A 17 6.92 -6.02 -4.40
C CYS A 17 5.74 -6.70 -3.71
N THR A 18 4.86 -5.89 -3.13
CA THR A 18 3.68 -6.41 -2.43
C THR A 18 2.46 -6.40 -3.33
N GLY A 19 2.69 -6.37 -4.64
CA GLY A 19 1.59 -6.36 -5.58
C GLY A 19 1.76 -7.39 -6.69
N CYS A 20 2.95 -7.43 -7.28
CA CYS A 20 3.24 -8.38 -8.34
C CYS A 20 4.30 -9.38 -7.91
N SER A 21 4.87 -9.16 -6.73
CA SER A 21 5.91 -10.04 -6.20
C SER A 21 7.11 -10.09 -7.15
N ALA A 22 7.54 -8.93 -7.61
CA ALA A 22 8.69 -8.84 -8.51
C ALA A 22 9.90 -8.22 -7.82
N THR A 23 10.85 -9.06 -7.45
CA THR A 23 12.06 -8.61 -6.77
C THR A 23 12.60 -7.34 -7.42
N PHE A 24 13.18 -6.46 -6.61
CA PHE A 24 13.73 -5.21 -7.11
C PHE A 24 15.21 -5.38 -7.48
N SER A 25 15.45 -5.86 -8.69
CA SER A 25 16.81 -6.07 -9.17
C SER A 25 17.53 -4.75 -9.39
N VAL A 26 18.83 -4.82 -9.65
CA VAL A 26 19.63 -3.62 -9.88
C VAL A 26 18.94 -2.68 -10.86
N LEU A 27 18.26 -3.26 -11.85
CA LEU A 27 17.55 -2.48 -12.86
C LEU A 27 16.15 -2.12 -12.39
N LYS A 28 16.00 -1.91 -11.09
CA LYS A 28 14.71 -1.55 -10.51
C LYS A 28 14.88 -0.77 -9.22
N LYS A 29 13.83 -0.07 -8.80
CA LYS A 29 13.87 0.72 -7.58
C LYS A 29 12.71 0.36 -6.66
N ARG A 30 13.03 -0.08 -5.45
CA ARG A 30 12.00 -0.46 -4.48
C ARG A 30 11.33 0.77 -3.89
N ARG A 31 10.23 1.19 -4.51
CA ARG A 31 9.49 2.36 -4.04
C ARG A 31 8.75 2.06 -2.74
N SER A 32 8.28 3.11 -2.07
CA SER A 32 7.55 2.94 -0.82
C SER A 32 6.20 3.66 -0.88
N CYS A 33 5.13 2.91 -0.61
CA CYS A 33 3.78 3.46 -0.64
C CYS A 33 3.69 4.69 0.26
N SER A 34 2.62 5.46 0.08
CA SER A 34 2.40 6.67 0.87
C SER A 34 1.36 6.43 1.97
N ASN A 35 0.42 5.53 1.69
CA ASN A 35 -0.64 5.22 2.65
C ASN A 35 -0.17 4.11 3.60
N CYS A 36 -0.16 2.87 3.09
CA CYS A 36 0.25 1.73 3.89
C CYS A 36 1.72 1.84 4.28
N GLY A 37 2.53 2.38 3.39
CA GLY A 37 3.95 2.54 3.66
C GLY A 37 4.72 1.25 3.45
N ASN A 38 4.34 0.48 2.44
CA ASN A 38 5.00 -0.79 2.15
C ASN A 38 5.89 -0.65 0.92
N SER A 39 6.49 -1.78 0.51
CA SER A 39 7.37 -1.78 -0.66
C SER A 39 6.61 -2.13 -1.93
N PHE A 40 6.97 -1.49 -3.03
CA PHE A 40 6.32 -1.74 -4.31
C PHE A 40 7.22 -1.33 -5.47
N CYS A 41 6.91 -1.84 -6.66
CA CYS A 41 7.69 -1.54 -7.85
C CYS A 41 7.27 -0.21 -8.46
N SER A 42 7.91 0.16 -9.57
CA SER A 42 7.60 1.42 -10.25
C SER A 42 6.40 1.25 -11.17
N ARG A 43 5.61 0.21 -10.91
CA ARG A 43 4.42 -0.06 -11.72
C ARG A 43 3.18 -0.22 -10.83
N CYS A 44 3.39 -0.66 -9.60
CA CYS A 44 2.30 -0.86 -8.66
C CYS A 44 2.07 0.40 -7.82
N CYS A 45 3.16 1.07 -7.47
CA CYS A 45 3.08 2.30 -6.68
C CYS A 45 2.97 3.52 -7.58
N SER A 46 2.17 3.41 -8.63
CA SER A 46 1.99 4.50 -9.58
C SER A 46 0.53 4.96 -9.61
N PHE A 47 -0.08 5.02 -8.44
CA PHE A 47 -1.48 5.43 -8.33
C PHE A 47 -1.61 6.71 -7.50
N LYS A 48 -2.06 7.78 -8.15
CA LYS A 48 -2.22 9.06 -7.48
C LYS A 48 -3.52 9.10 -6.68
N VAL A 49 -3.42 9.55 -5.44
CA VAL A 49 -4.60 9.63 -4.56
C VAL A 49 -4.47 10.79 -3.58
N PRO A 50 -5.62 11.34 -3.15
CA PRO A 50 -5.66 12.46 -2.21
C PRO A 50 -5.22 12.05 -0.81
N LYS A 51 -4.26 12.78 -0.25
CA LYS A 51 -3.76 12.50 1.08
C LYS A 51 -4.52 13.31 2.13
N SER A 52 -5.83 13.41 1.95
CA SER A 52 -6.67 14.15 2.88
C SER A 52 -7.63 13.23 3.61
N SER A 53 -8.29 12.35 2.85
CA SER A 53 -9.25 11.41 3.42
C SER A 53 -8.64 10.02 3.53
N MET A 54 -7.80 9.83 4.54
CA MET A 54 -7.14 8.54 4.77
C MET A 54 -7.30 8.09 6.22
N GLY A 55 -6.81 8.92 7.13
CA GLY A 55 -6.90 8.60 8.55
C GLY A 55 -7.03 9.82 9.42
N ALA A 56 -5.98 10.63 9.46
CA ALA A 56 -5.99 11.86 10.26
C ALA A 56 -4.84 12.78 9.87
N THR A 57 -5.17 13.92 9.28
CA THR A 57 -4.16 14.88 8.86
C THR A 57 -4.74 16.29 8.83
N ALA A 58 -3.91 17.27 9.18
CA ALA A 58 -4.33 18.67 9.19
C ALA A 58 -5.05 19.04 7.90
N PRO A 59 -5.74 20.18 7.91
CA PRO A 59 -6.49 20.67 6.74
C PRO A 59 -5.56 21.13 5.62
N GLU A 60 -4.26 21.02 5.85
CA GLU A 60 -3.27 21.43 4.85
C GLU A 60 -3.32 20.50 3.63
N ALA A 61 -3.21 19.21 3.88
CA ALA A 61 -3.25 18.23 2.79
C ALA A 61 -4.66 18.06 2.24
N GLN A 62 -5.00 18.88 1.25
CA GLN A 62 -6.32 18.83 0.64
C GLN A 62 -6.22 18.41 -0.82
N ARG A 63 -5.62 19.25 -1.64
CA ARG A 63 -5.47 18.97 -3.07
C ARG A 63 -4.25 18.08 -3.31
N GLU A 64 -3.24 18.21 -2.45
CA GLU A 64 -2.03 17.41 -2.58
C GLU A 64 -2.35 15.99 -3.06
N THR A 65 -1.45 15.43 -3.84
CA THR A 65 -1.63 14.08 -4.37
C THR A 65 -0.43 13.20 -4.07
N VAL A 66 -0.68 11.99 -3.58
CA VAL A 66 0.38 11.06 -3.27
C VAL A 66 0.27 9.79 -4.10
N PHE A 67 1.38 9.05 -4.20
CA PHE A 67 1.41 7.81 -4.97
C PHE A 67 1.34 6.59 -4.05
N VAL A 68 0.28 5.81 -4.19
CA VAL A 68 0.09 4.61 -3.37
C VAL A 68 0.20 3.35 -4.21
N CYS A 69 0.02 2.20 -3.57
CA CYS A 69 0.11 0.92 -4.25
C CYS A 69 -1.28 0.46 -4.71
N ALA A 70 -1.31 -0.33 -5.78
CA ALA A 70 -2.57 -0.85 -6.31
C ALA A 70 -3.48 -1.32 -5.19
N SER A 71 -2.93 -2.10 -4.27
CA SER A 71 -3.69 -2.63 -3.15
C SER A 71 -4.44 -1.51 -2.42
N CYS A 72 -3.75 -0.41 -2.19
CA CYS A 72 -4.35 0.74 -1.51
C CYS A 72 -5.22 1.54 -2.48
N ASN A 73 -4.60 2.10 -3.50
CA ASN A 73 -5.32 2.90 -4.49
C ASN A 73 -6.71 2.32 -4.76
N GLN A 74 -6.78 0.99 -4.84
CA GLN A 74 -8.05 0.31 -5.09
C GLN A 74 -8.99 0.48 -3.90
N THR A 75 -8.46 0.29 -2.70
CA THR A 75 -9.26 0.42 -1.48
C THR A 75 -9.73 1.86 -1.27
N LEU A 76 -8.82 2.81 -1.47
CA LEU A 76 -9.14 4.21 -1.31
C LEU A 76 -10.25 4.64 -2.28
N SER A 77 -10.07 4.28 -3.55
CA SER A 77 -11.05 4.62 -4.58
C SER A 77 -12.45 4.22 -4.14
N LYS A 78 -12.55 3.04 -3.53
CA LYS A 78 -13.84 2.54 -3.06
C LYS A 78 -14.06 2.86 -1.59
N SER A 79 -13.74 4.10 -1.21
CA SER A 79 -13.90 4.55 0.17
C SER A 79 -15.30 5.14 0.38
N GLY A 80 -16.26 4.28 0.70
CA GLY A 80 -17.61 4.75 0.93
C GLY A 80 -17.84 5.18 2.37
N PRO A 81 -19.01 4.82 2.91
CA PRO A 81 -19.38 5.15 4.28
C PRO A 81 -18.54 4.40 5.32
N SER A 82 -18.41 3.09 5.12
CA SER A 82 -17.64 2.25 6.03
C SER A 82 -16.16 2.61 5.98
N SER A 83 -15.75 3.52 6.87
CA SER A 83 -14.35 3.96 6.92
C SER A 83 -13.77 3.70 8.29
N GLY A 84 -14.46 4.16 9.33
CA GLY A 84 -13.99 3.98 10.69
C GLY A 84 -14.52 5.04 11.64
N GLY A 1 -5.65 -29.67 28.56
CA GLY A 1 -6.19 -28.43 28.03
C GLY A 1 -5.44 -27.96 26.79
N SER A 2 -6.19 -27.72 25.72
CA SER A 2 -5.59 -27.27 24.46
C SER A 2 -5.36 -25.77 24.47
N SER A 3 -4.09 -25.37 24.55
CA SER A 3 -3.73 -23.96 24.58
C SER A 3 -2.37 -23.72 23.93
N GLY A 4 -1.97 -22.47 23.84
CA GLY A 4 -0.69 -22.13 23.23
C GLY A 4 -0.73 -22.17 21.72
N SER A 5 0.30 -21.62 21.09
CA SER A 5 0.38 -21.58 19.63
C SER A 5 1.83 -21.55 19.17
N SER A 6 2.10 -22.20 18.04
CA SER A 6 3.44 -22.24 17.49
C SER A 6 3.73 -21.01 16.63
N GLY A 7 2.92 -20.83 15.59
CA GLY A 7 3.10 -19.69 14.71
C GLY A 7 3.15 -20.10 13.24
N ARG A 8 2.09 -20.72 12.77
CA ARG A 8 2.02 -21.16 11.38
C ARG A 8 2.03 -19.96 10.43
N TYR A 9 3.09 -19.87 9.63
CA TYR A 9 3.24 -18.78 8.68
C TYR A 9 4.32 -19.08 7.66
N PRO A 10 4.06 -18.73 6.39
CA PRO A 10 5.01 -18.95 5.29
C PRO A 10 6.24 -18.05 5.39
N THR A 11 7.36 -18.62 5.83
CA THR A 11 8.60 -17.87 5.97
C THR A 11 9.51 -18.08 4.76
N ASN A 12 10.10 -16.99 4.28
CA ASN A 12 10.99 -17.05 3.14
C ASN A 12 11.64 -15.70 2.87
N ASN A 13 12.87 -15.73 2.35
CA ASN A 13 13.59 -14.50 2.06
C ASN A 13 12.66 -13.41 1.54
N PHE A 14 12.95 -12.17 1.90
CA PHE A 14 12.14 -11.04 1.47
C PHE A 14 12.93 -10.11 0.55
N GLY A 15 12.25 -9.09 0.03
CA GLY A 15 12.90 -8.14 -0.86
C GLY A 15 12.23 -8.06 -2.22
N ASN A 16 10.91 -8.14 -2.22
CA ASN A 16 10.15 -8.08 -3.47
C ASN A 16 8.90 -7.22 -3.29
N CYS A 17 8.26 -6.89 -4.41
CA CYS A 17 7.05 -6.07 -4.39
C CYS A 17 5.93 -6.77 -3.62
N THR A 18 5.14 -5.99 -2.89
CA THR A 18 4.04 -6.54 -2.12
C THR A 18 2.74 -6.51 -2.92
N GLY A 19 2.86 -6.39 -4.23
CA GLY A 19 1.69 -6.35 -5.09
C GLY A 19 1.75 -7.38 -6.19
N CYS A 20 2.88 -7.43 -6.90
CA CYS A 20 3.05 -8.38 -7.99
C CYS A 20 4.08 -9.45 -7.62
N SER A 21 4.88 -9.16 -6.60
CA SER A 21 5.91 -10.10 -6.15
C SER A 21 7.07 -10.16 -7.15
N ALA A 22 7.47 -9.00 -7.65
CA ALA A 22 8.55 -8.92 -8.62
C ALA A 22 9.81 -8.35 -7.99
N THR A 23 10.81 -9.20 -7.77
CA THR A 23 12.06 -8.78 -7.17
C THR A 23 12.68 -7.62 -7.95
N PHE A 24 13.35 -6.72 -7.22
CA PHE A 24 13.98 -5.56 -7.84
C PHE A 24 15.48 -5.80 -8.00
N SER A 25 15.97 -5.67 -9.23
CA SER A 25 17.39 -5.86 -9.52
C SER A 25 18.02 -4.58 -10.03
N VAL A 26 17.58 -4.14 -11.20
CA VAL A 26 18.11 -2.91 -11.80
C VAL A 26 16.97 -1.94 -12.13
N LEU A 27 15.74 -2.44 -12.11
CA LEU A 27 14.59 -1.61 -12.42
C LEU A 27 13.58 -1.65 -11.26
N LYS A 28 12.47 -0.93 -11.43
CA LYS A 28 11.43 -0.88 -10.41
C LYS A 28 12.01 -0.41 -9.08
N LYS A 29 12.76 0.68 -9.11
CA LYS A 29 13.37 1.23 -7.91
C LYS A 29 12.46 1.03 -6.69
N ARG A 30 12.96 0.30 -5.70
CA ARG A 30 12.19 0.04 -4.48
C ARG A 30 11.41 1.27 -4.06
N ARG A 31 10.13 1.31 -4.43
CA ARG A 31 9.28 2.44 -4.09
C ARG A 31 8.49 2.16 -2.81
N SER A 32 8.19 3.21 -2.05
CA SER A 32 7.46 3.06 -0.80
C SER A 32 6.09 3.73 -0.90
N CYS A 33 5.05 2.99 -0.53
CA CYS A 33 3.68 3.50 -0.58
C CYS A 33 3.52 4.71 0.33
N SER A 34 2.43 5.44 0.14
CA SER A 34 2.15 6.62 0.94
C SER A 34 1.12 6.33 2.02
N ASN A 35 0.20 5.41 1.71
CA ASN A 35 -0.84 5.04 2.65
C ASN A 35 -0.37 3.92 3.58
N CYS A 36 -0.30 2.70 3.05
CA CYS A 36 0.15 1.55 3.82
C CYS A 36 1.60 1.71 4.25
N GLY A 37 2.40 2.33 3.38
CA GLY A 37 3.80 2.53 3.68
C GLY A 37 4.62 1.27 3.48
N ASN A 38 4.29 0.51 2.45
CA ASN A 38 5.00 -0.73 2.15
C ASN A 38 5.87 -0.58 0.90
N SER A 39 6.55 -1.65 0.52
CA SER A 39 7.40 -1.64 -0.65
C SER A 39 6.64 -2.06 -1.90
N PHE A 40 6.97 -1.45 -3.03
CA PHE A 40 6.30 -1.76 -4.29
C PHE A 40 7.18 -1.36 -5.48
N CYS A 41 6.84 -1.90 -6.65
CA CYS A 41 7.60 -1.59 -7.86
C CYS A 41 7.12 -0.29 -8.49
N SER A 42 7.75 0.10 -9.59
CA SER A 42 7.39 1.33 -10.29
C SER A 42 6.13 1.13 -11.12
N ARG A 43 5.52 -0.05 -11.00
CA ARG A 43 4.30 -0.37 -11.73
C ARG A 43 3.10 -0.39 -10.79
N CYS A 44 3.34 -0.76 -9.54
CA CYS A 44 2.28 -0.82 -8.54
C CYS A 44 2.13 0.51 -7.81
N CYS A 45 3.26 1.16 -7.55
CA CYS A 45 3.27 2.44 -6.86
C CYS A 45 3.13 3.59 -7.84
N SER A 46 2.20 3.45 -8.77
CA SER A 46 1.96 4.49 -9.78
C SER A 46 0.51 4.96 -9.75
N PHE A 47 -0.01 5.15 -8.54
CA PHE A 47 -1.38 5.62 -8.36
C PHE A 47 -1.43 6.90 -7.53
N LYS A 48 -1.95 7.96 -8.13
CA LYS A 48 -2.06 9.25 -7.45
C LYS A 48 -3.39 9.36 -6.72
N VAL A 49 -3.34 9.52 -5.40
CA VAL A 49 -4.55 9.65 -4.60
C VAL A 49 -4.38 10.71 -3.52
N PRO A 50 -5.49 11.35 -3.14
CA PRO A 50 -5.49 12.41 -2.12
C PRO A 50 -5.21 11.85 -0.73
N LYS A 51 -4.27 12.48 -0.02
CA LYS A 51 -3.90 12.05 1.33
C LYS A 51 -4.80 12.72 2.36
N SER A 52 -5.28 13.92 2.05
CA SER A 52 -6.15 14.65 2.96
C SER A 52 -7.42 13.85 3.26
N SER A 53 -7.88 13.09 2.29
CA SER A 53 -9.09 12.29 2.46
C SER A 53 -8.73 10.85 2.82
N MET A 54 -7.88 10.70 3.84
CA MET A 54 -7.46 9.38 4.28
C MET A 54 -7.93 9.12 5.71
N GLY A 55 -9.11 9.64 6.05
CA GLY A 55 -9.65 9.45 7.38
C GLY A 55 -9.23 10.53 8.34
N ALA A 56 -7.99 10.44 8.82
CA ALA A 56 -7.45 11.43 9.75
C ALA A 56 -6.04 11.86 9.34
N THR A 57 -5.88 13.15 9.11
CA THR A 57 -4.58 13.70 8.71
C THR A 57 -4.40 15.12 9.22
N ALA A 58 -3.17 15.47 9.57
CA ALA A 58 -2.87 16.81 10.08
C ALA A 58 -3.53 17.88 9.22
N PRO A 59 -3.73 19.07 9.81
CA PRO A 59 -4.36 20.20 9.12
C PRO A 59 -3.48 20.78 8.03
N GLU A 60 -2.25 20.29 7.94
CA GLU A 60 -1.30 20.76 6.94
C GLU A 60 -1.59 20.14 5.58
N ALA A 61 -1.60 18.81 5.54
CA ALA A 61 -1.87 18.09 4.30
C ALA A 61 -3.27 18.37 3.79
N GLN A 62 -3.37 18.95 2.61
CA GLN A 62 -4.67 19.28 2.01
C GLN A 62 -4.64 19.07 0.50
N ARG A 63 -5.71 18.50 -0.03
CA ARG A 63 -5.81 18.25 -1.46
C ARG A 63 -4.45 17.88 -2.04
N GLU A 64 -3.67 17.11 -1.28
CA GLU A 64 -2.35 16.69 -1.73
C GLU A 64 -2.40 15.33 -2.39
N THR A 65 -1.77 15.21 -3.55
CA THR A 65 -1.75 13.95 -4.29
C THR A 65 -0.48 13.16 -3.98
N VAL A 66 -0.66 11.92 -3.53
CA VAL A 66 0.47 11.05 -3.21
C VAL A 66 0.44 9.77 -4.03
N PHE A 67 1.56 9.07 -4.08
CA PHE A 67 1.66 7.82 -4.83
C PHE A 67 1.49 6.62 -3.92
N VAL A 68 0.50 5.79 -4.22
CA VAL A 68 0.22 4.60 -3.42
C VAL A 68 0.32 3.34 -4.26
N CYS A 69 0.11 2.19 -3.63
CA CYS A 69 0.19 0.91 -4.33
C CYS A 69 -1.22 0.45 -4.75
N ALA A 70 -1.30 -0.15 -5.93
CA ALA A 70 -2.57 -0.64 -6.45
C ALA A 70 -3.45 -1.17 -5.32
N SER A 71 -2.91 -2.08 -4.52
CA SER A 71 -3.65 -2.67 -3.41
C SER A 71 -4.41 -1.59 -2.63
N CYS A 72 -3.72 -0.48 -2.35
CA CYS A 72 -4.31 0.63 -1.62
C CYS A 72 -5.18 1.48 -2.53
N ASN A 73 -4.58 1.98 -3.60
CA ASN A 73 -5.30 2.83 -4.56
C ASN A 73 -6.70 2.27 -4.81
N GLN A 74 -6.81 0.94 -4.89
CA GLN A 74 -8.08 0.29 -5.14
C GLN A 74 -9.02 0.45 -3.95
N THR A 75 -8.46 0.31 -2.75
CA THR A 75 -9.24 0.43 -1.52
C THR A 75 -9.69 1.87 -1.30
N LEU A 76 -8.77 2.81 -1.49
CA LEU A 76 -9.07 4.22 -1.31
C LEU A 76 -10.20 4.66 -2.23
N SER A 77 -10.00 4.47 -3.54
CA SER A 77 -11.00 4.84 -4.53
C SER A 77 -12.40 4.48 -4.05
N LYS A 78 -12.60 3.20 -3.75
CA LYS A 78 -13.89 2.72 -3.27
C LYS A 78 -14.33 3.47 -2.02
N SER A 79 -15.59 3.29 -1.63
CA SER A 79 -16.13 3.95 -0.45
C SER A 79 -15.51 3.38 0.83
N GLY A 80 -14.39 3.96 1.24
CA GLY A 80 -13.71 3.49 2.43
C GLY A 80 -14.68 3.11 3.53
N PRO A 81 -14.87 1.80 3.73
CA PRO A 81 -15.78 1.28 4.76
C PRO A 81 -15.25 1.51 6.17
N SER A 82 -16.13 1.94 7.07
CA SER A 82 -15.75 2.20 8.45
C SER A 82 -14.72 1.19 8.93
N SER A 83 -15.10 -0.08 8.94
CA SER A 83 -14.21 -1.15 9.37
C SER A 83 -13.28 -1.57 8.24
N GLY A 84 -12.19 -2.25 8.60
CA GLY A 84 -11.24 -2.72 7.62
C GLY A 84 -9.80 -2.42 8.01
N GLY A 1 -16.46 -23.98 23.18
CA GLY A 1 -15.04 -23.82 23.00
C GLY A 1 -14.68 -22.50 22.33
N SER A 2 -13.42 -22.35 21.97
CA SER A 2 -12.95 -21.13 21.32
C SER A 2 -11.54 -21.30 20.77
N SER A 3 -11.41 -21.21 19.45
CA SER A 3 -10.11 -21.37 18.79
C SER A 3 -10.12 -20.73 17.42
N GLY A 4 -9.32 -19.68 17.25
CA GLY A 4 -9.25 -18.98 15.98
C GLY A 4 -7.96 -18.20 15.82
N SER A 5 -7.65 -17.83 14.57
CA SER A 5 -6.43 -17.09 14.28
C SER A 5 -6.54 -15.67 14.82
N SER A 6 -5.40 -15.11 15.23
CA SER A 6 -5.36 -13.76 15.77
C SER A 6 -4.01 -13.10 15.49
N GLY A 7 -4.04 -12.01 14.73
CA GLY A 7 -2.81 -11.31 14.39
C GLY A 7 -3.08 -10.02 13.64
N ARG A 8 -2.55 -8.91 14.16
CA ARG A 8 -2.73 -7.61 13.54
C ARG A 8 -2.26 -7.63 12.09
N TYR A 9 -0.96 -7.89 11.91
CA TYR A 9 -0.38 -7.93 10.57
C TYR A 9 0.81 -8.88 10.53
N PRO A 10 0.78 -9.84 9.59
CA PRO A 10 1.85 -10.82 9.41
C PRO A 10 3.12 -10.19 8.87
N THR A 11 4.05 -9.87 9.78
CA THR A 11 5.32 -9.26 9.38
C THR A 11 6.20 -10.25 8.64
N ASN A 12 6.57 -9.91 7.42
CA ASN A 12 7.41 -10.78 6.60
C ASN A 12 8.66 -10.04 6.13
N ASN A 13 9.70 -10.79 5.82
CA ASN A 13 10.97 -10.21 5.35
C ASN A 13 10.77 -9.51 4.01
N PHE A 14 11.22 -8.26 3.92
CA PHE A 14 11.10 -7.49 2.69
C PHE A 14 12.15 -7.91 1.67
N GLY A 15 12.01 -7.41 0.45
CA GLY A 15 12.95 -7.76 -0.60
C GLY A 15 12.36 -7.58 -1.99
N ASN A 16 11.07 -7.84 -2.12
CA ASN A 16 10.40 -7.71 -3.41
C ASN A 16 9.09 -6.94 -3.25
N CYS A 17 8.40 -6.72 -4.36
CA CYS A 17 7.14 -5.98 -4.36
C CYS A 17 6.07 -6.74 -3.57
N THR A 18 5.21 -6.00 -2.87
CA THR A 18 4.15 -6.60 -2.08
C THR A 18 2.86 -6.72 -2.88
N GLY A 19 2.98 -6.65 -4.21
CA GLY A 19 1.82 -6.75 -5.06
C GLY A 19 1.99 -7.77 -6.16
N CYS A 20 3.12 -7.71 -6.86
CA CYS A 20 3.40 -8.65 -7.94
C CYS A 20 4.60 -9.53 -7.60
N SER A 21 5.15 -9.33 -6.41
CA SER A 21 6.30 -10.11 -5.96
C SER A 21 7.39 -10.13 -7.02
N ALA A 22 7.76 -8.96 -7.50
CA ALA A 22 8.79 -8.84 -8.52
C ALA A 22 10.03 -8.12 -7.98
N THR A 23 11.07 -8.88 -7.70
CA THR A 23 12.31 -8.31 -7.17
C THR A 23 12.64 -6.98 -7.83
N PHE A 24 13.27 -6.09 -7.08
CA PHE A 24 13.63 -4.77 -7.59
C PHE A 24 15.04 -4.79 -8.18
N SER A 25 15.28 -3.92 -9.16
CA SER A 25 16.58 -3.84 -9.81
C SER A 25 16.88 -2.40 -10.23
N VAL A 26 18.04 -2.22 -10.87
CA VAL A 26 18.45 -0.89 -11.32
C VAL A 26 17.28 -0.15 -11.97
N LEU A 27 16.58 -0.81 -12.87
CA LEU A 27 15.44 -0.22 -13.56
C LEU A 27 14.26 -0.07 -12.60
N LYS A 28 13.83 -1.19 -12.02
CA LYS A 28 12.71 -1.19 -11.10
C LYS A 28 13.15 -0.75 -9.70
N LYS A 29 12.97 0.54 -9.41
CA LYS A 29 13.35 1.09 -8.12
C LYS A 29 12.30 0.76 -7.05
N ARG A 30 12.75 0.29 -5.90
CA ARG A 30 11.85 -0.06 -4.81
C ARG A 30 11.15 1.19 -4.27
N ARG A 31 9.90 1.39 -4.69
CA ARG A 31 9.12 2.53 -4.26
C ARG A 31 8.37 2.22 -2.97
N SER A 32 8.18 3.24 -2.14
CA SER A 32 7.47 3.06 -0.87
C SER A 32 6.11 3.74 -0.92
N CYS A 33 5.07 2.99 -0.53
CA CYS A 33 3.71 3.52 -0.53
C CYS A 33 3.58 4.69 0.42
N SER A 34 2.49 5.44 0.29
CA SER A 34 2.25 6.61 1.15
C SER A 34 1.16 6.30 2.17
N ASN A 35 0.24 5.42 1.80
CA ASN A 35 -0.86 5.04 2.69
C ASN A 35 -0.45 3.90 3.62
N CYS A 36 -0.34 2.70 3.05
CA CYS A 36 0.04 1.52 3.82
C CYS A 36 1.50 1.63 4.29
N GLY A 37 2.34 2.20 3.42
CA GLY A 37 3.75 2.34 3.76
C GLY A 37 4.53 1.07 3.52
N ASN A 38 4.20 0.36 2.44
CA ASN A 38 4.88 -0.88 2.10
C ASN A 38 5.72 -0.73 0.83
N SER A 39 6.44 -1.78 0.47
CA SER A 39 7.28 -1.76 -0.72
C SER A 39 6.48 -2.13 -1.97
N PHE A 40 6.80 -1.51 -3.08
CA PHE A 40 6.11 -1.78 -4.34
C PHE A 40 6.97 -1.37 -5.54
N CYS A 41 6.66 -1.94 -6.70
CA CYS A 41 7.41 -1.64 -7.92
C CYS A 41 6.90 -0.35 -8.55
N SER A 42 7.52 0.03 -9.67
CA SER A 42 7.14 1.25 -10.38
C SER A 42 5.86 1.03 -11.18
N ARG A 43 5.31 -0.18 -11.10
CA ARG A 43 4.09 -0.51 -11.82
C ARG A 43 2.89 -0.55 -10.87
N CYS A 44 3.14 -0.92 -9.62
CA CYS A 44 2.09 -1.00 -8.61
C CYS A 44 1.96 0.32 -7.86
N CYS A 45 3.10 1.01 -7.67
CA CYS A 45 3.11 2.28 -6.96
C CYS A 45 3.05 3.45 -7.94
N SER A 46 2.25 3.30 -8.99
CA SER A 46 2.11 4.34 -10.01
C SER A 46 0.72 4.95 -9.97
N PHE A 47 0.10 4.94 -8.80
CA PHE A 47 -1.25 5.49 -8.64
C PHE A 47 -1.24 6.67 -7.67
N LYS A 48 -1.69 7.82 -8.14
CA LYS A 48 -1.74 9.02 -7.30
C LYS A 48 -3.10 9.17 -6.64
N VAL A 49 -3.11 9.48 -5.35
CA VAL A 49 -4.35 9.65 -4.61
C VAL A 49 -4.23 10.79 -3.61
N PRO A 50 -5.38 11.43 -3.30
CA PRO A 50 -5.43 12.55 -2.35
C PRO A 50 -5.17 12.10 -0.92
N LYS A 51 -4.28 12.82 -0.23
CA LYS A 51 -3.95 12.51 1.15
C LYS A 51 -4.92 13.18 2.12
N SER A 52 -6.17 13.32 1.69
CA SER A 52 -7.19 13.94 2.52
C SER A 52 -8.27 12.93 2.90
N SER A 53 -8.68 12.12 1.95
CA SER A 53 -9.71 11.10 2.19
C SER A 53 -9.22 10.05 3.17
N MET A 54 -7.92 9.77 3.13
CA MET A 54 -7.32 8.78 4.02
C MET A 54 -7.53 9.18 5.48
N GLY A 55 -8.36 8.42 6.19
CA GLY A 55 -8.62 8.70 7.58
C GLY A 55 -8.75 10.18 7.86
N ALA A 56 -8.11 10.65 8.93
CA ALA A 56 -8.15 12.05 9.31
C ALA A 56 -7.27 12.89 8.38
N THR A 57 -7.49 14.20 8.40
CA THR A 57 -6.71 15.11 7.57
C THR A 57 -6.45 16.44 8.28
N ALA A 58 -5.27 16.99 8.07
CA ALA A 58 -4.89 18.25 8.69
C ALA A 58 -5.52 19.43 7.97
N PRO A 59 -5.50 20.61 8.62
CA PRO A 59 -6.07 21.84 8.04
C PRO A 59 -5.25 22.36 6.86
N GLU A 60 -4.21 21.61 6.50
CA GLU A 60 -3.35 22.01 5.39
C GLU A 60 -3.38 20.96 4.28
N ALA A 61 -3.12 19.71 4.64
CA ALA A 61 -3.11 18.62 3.67
C ALA A 61 -4.52 18.34 3.16
N GLN A 62 -4.93 19.09 2.14
CA GLN A 62 -6.26 18.93 1.56
C GLN A 62 -6.17 18.75 0.05
N ARG A 63 -5.44 19.64 -0.61
CA ARG A 63 -5.28 19.57 -2.06
C ARG A 63 -3.92 19.01 -2.43
N GLU A 64 -3.43 18.07 -1.61
CA GLU A 64 -2.13 17.45 -1.85
C GLU A 64 -2.30 16.06 -2.44
N THR A 65 -1.38 15.68 -3.33
CA THR A 65 -1.44 14.37 -3.97
C THR A 65 -0.25 13.51 -3.55
N VAL A 66 -0.47 12.20 -3.46
CA VAL A 66 0.57 11.27 -3.06
C VAL A 66 0.52 10.00 -3.90
N PHE A 67 1.61 9.25 -3.89
CA PHE A 67 1.69 8.00 -4.65
C PHE A 67 1.45 6.79 -3.75
N VAL A 68 0.50 5.95 -4.13
CA VAL A 68 0.17 4.76 -3.35
C VAL A 68 0.26 3.51 -4.21
N CYS A 69 0.06 2.35 -3.58
CA CYS A 69 0.12 1.07 -4.29
C CYS A 69 -1.28 0.63 -4.70
N ALA A 70 -1.36 -0.04 -5.85
CA ALA A 70 -2.63 -0.54 -6.36
C ALA A 70 -3.50 -1.07 -5.23
N SER A 71 -2.99 -2.07 -4.51
CA SER A 71 -3.72 -2.66 -3.41
C SER A 71 -4.46 -1.60 -2.60
N CYS A 72 -3.81 -0.45 -2.42
CA CYS A 72 -4.40 0.64 -1.66
C CYS A 72 -5.31 1.48 -2.54
N ASN A 73 -4.73 2.11 -3.56
CA ASN A 73 -5.49 2.95 -4.49
C ASN A 73 -6.87 2.36 -4.75
N GLN A 74 -6.93 1.03 -4.87
CA GLN A 74 -8.18 0.34 -5.13
C GLN A 74 -9.14 0.51 -3.94
N THR A 75 -8.61 0.36 -2.73
CA THR A 75 -9.43 0.49 -1.53
C THR A 75 -9.84 1.94 -1.30
N LEU A 76 -8.87 2.86 -1.40
CA LEU A 76 -9.15 4.27 -1.21
C LEU A 76 -10.28 4.74 -2.11
N SER A 77 -10.10 4.56 -3.42
CA SER A 77 -11.11 4.96 -4.38
C SER A 77 -12.10 3.83 -4.64
N LYS A 78 -12.48 3.13 -3.58
CA LYS A 78 -13.42 2.02 -3.70
C LYS A 78 -14.86 2.50 -3.49
N SER A 79 -15.13 3.04 -2.31
CA SER A 79 -16.47 3.53 -1.99
C SER A 79 -17.54 2.60 -2.55
N GLY A 80 -17.28 1.31 -2.48
CA GLY A 80 -18.24 0.34 -2.99
C GLY A 80 -19.23 -0.10 -1.94
N PRO A 81 -19.44 -1.41 -1.82
CA PRO A 81 -20.38 -1.99 -0.85
C PRO A 81 -19.90 -1.84 0.59
N SER A 82 -20.82 -1.91 1.54
CA SER A 82 -20.49 -1.78 2.95
C SER A 82 -19.74 -0.47 3.22
N SER A 83 -20.20 0.60 2.56
CA SER A 83 -19.58 1.91 2.73
C SER A 83 -20.47 2.83 3.56
N GLY A 84 -20.22 2.85 4.87
CA GLY A 84 -21.01 3.69 5.76
C GLY A 84 -20.85 3.29 7.21
N GLY A 1 -4.11 -36.10 27.86
CA GLY A 1 -2.68 -35.92 28.06
C GLY A 1 -2.24 -34.51 27.77
N SER A 2 -1.06 -34.37 27.15
CA SER A 2 -0.52 -33.06 26.82
C SER A 2 0.38 -33.14 25.60
N SER A 3 0.21 -32.17 24.70
CA SER A 3 1.00 -32.13 23.47
C SER A 3 1.32 -30.69 23.07
N GLY A 4 2.58 -30.45 22.73
CA GLY A 4 2.99 -29.11 22.33
C GLY A 4 3.86 -29.11 21.09
N SER A 5 4.01 -27.95 20.47
CA SER A 5 4.82 -27.82 19.26
C SER A 5 5.29 -26.38 19.07
N SER A 6 6.35 -26.21 18.30
CA SER A 6 6.91 -24.89 18.04
C SER A 6 7.87 -24.93 16.86
N GLY A 7 8.11 -23.76 16.25
CA GLY A 7 9.01 -23.68 15.12
C GLY A 7 8.52 -22.73 14.06
N ARG A 8 9.15 -21.56 13.98
CA ARG A 8 8.76 -20.55 13.00
C ARG A 8 9.99 -19.89 12.38
N TYR A 9 9.90 -19.54 11.10
CA TYR A 9 11.00 -18.92 10.39
C TYR A 9 10.83 -17.41 10.34
N PRO A 10 11.91 -16.67 10.59
CA PRO A 10 11.90 -15.20 10.57
C PRO A 10 11.74 -14.65 9.16
N THR A 11 10.49 -14.57 8.69
CA THR A 11 10.19 -14.06 7.37
C THR A 11 9.45 -12.73 7.44
N ASN A 12 10.20 -11.63 7.56
CA ASN A 12 9.61 -10.31 7.65
C ASN A 12 10.31 -9.33 6.70
N ASN A 13 11.63 -9.40 6.67
CA ASN A 13 12.42 -8.53 5.81
C ASN A 13 12.57 -9.13 4.41
N PHE A 14 11.98 -8.47 3.42
CA PHE A 14 12.04 -8.94 2.05
C PHE A 14 12.49 -7.83 1.11
N GLY A 15 12.76 -8.18 -0.14
CA GLY A 15 13.19 -7.20 -1.12
C GLY A 15 12.43 -7.30 -2.42
N ASN A 16 11.12 -7.47 -2.32
CA ASN A 16 10.27 -7.57 -3.50
C ASN A 16 9.01 -6.74 -3.35
N CYS A 17 8.20 -6.67 -4.41
CA CYS A 17 6.96 -5.92 -4.39
C CYS A 17 5.88 -6.66 -3.60
N THR A 18 5.02 -5.90 -2.92
CA THR A 18 3.95 -6.48 -2.13
C THR A 18 2.64 -6.49 -2.91
N GLY A 19 2.74 -6.47 -4.23
CA GLY A 19 1.55 -6.49 -5.08
C GLY A 19 1.66 -7.49 -6.20
N CYS A 20 2.83 -7.60 -6.80
CA CYS A 20 3.05 -8.53 -7.90
C CYS A 20 4.21 -9.47 -7.59
N SER A 21 4.84 -9.26 -6.45
CA SER A 21 5.96 -10.09 -6.03
C SER A 21 7.07 -10.08 -7.09
N ALA A 22 7.40 -8.89 -7.57
CA ALA A 22 8.44 -8.74 -8.59
C ALA A 22 9.67 -8.03 -8.01
N THR A 23 10.73 -8.80 -7.77
CA THR A 23 11.97 -8.25 -7.22
C THR A 23 12.44 -7.05 -8.05
N PHE A 24 12.93 -6.02 -7.37
CA PHE A 24 13.43 -4.83 -8.03
C PHE A 24 14.91 -4.96 -8.36
N SER A 25 15.21 -5.23 -9.63
CA SER A 25 16.59 -5.38 -10.07
C SER A 25 17.00 -4.22 -10.97
N VAL A 26 16.44 -4.19 -12.18
CA VAL A 26 16.75 -3.13 -13.14
C VAL A 26 15.48 -2.56 -13.75
N LEU A 27 14.46 -3.40 -13.89
CA LEU A 27 13.19 -2.98 -14.46
C LEU A 27 12.48 -2.00 -13.54
N LYS A 28 12.36 -2.36 -12.26
CA LYS A 28 11.71 -1.51 -11.28
C LYS A 28 12.62 -1.27 -10.08
N LYS A 29 12.24 -0.31 -9.24
CA LYS A 29 13.03 0.03 -8.06
C LYS A 29 12.18 -0.10 -6.79
N ARG A 30 12.83 -0.46 -5.69
CA ARG A 30 12.14 -0.62 -4.42
C ARG A 30 11.45 0.67 -4.02
N ARG A 31 10.20 0.84 -4.47
CA ARG A 31 9.43 2.05 -4.15
C ARG A 31 8.79 1.92 -2.78
N SER A 32 8.15 3.00 -2.32
CA SER A 32 7.50 3.02 -1.02
C SER A 32 6.14 3.69 -1.12
N CYS A 33 5.10 2.99 -0.65
CA CYS A 33 3.75 3.51 -0.67
C CYS A 33 3.62 4.74 0.23
N SER A 34 2.55 5.50 0.04
CA SER A 34 2.30 6.70 0.83
C SER A 34 1.28 6.42 1.93
N ASN A 35 0.34 5.53 1.64
CA ASN A 35 -0.70 5.18 2.61
C ASN A 35 -0.23 4.07 3.54
N CYS A 36 -0.18 2.84 3.02
CA CYS A 36 0.25 1.69 3.80
C CYS A 36 1.73 1.80 4.15
N GLY A 37 2.50 2.43 3.26
CA GLY A 37 3.93 2.59 3.49
C GLY A 37 4.69 1.29 3.32
N ASN A 38 4.28 0.48 2.35
CA ASN A 38 4.93 -0.80 2.09
C ASN A 38 5.82 -0.72 0.86
N SER A 39 6.50 -1.82 0.55
CA SER A 39 7.38 -1.86 -0.60
C SER A 39 6.62 -2.27 -1.87
N PHE A 40 6.94 -1.62 -2.98
CA PHE A 40 6.28 -1.90 -4.25
C PHE A 40 7.20 -1.54 -5.42
N CYS A 41 6.82 -2.00 -6.61
CA CYS A 41 7.60 -1.73 -7.82
C CYS A 41 7.23 -0.36 -8.40
N SER A 42 7.81 -0.05 -9.56
CA SER A 42 7.54 1.22 -10.22
C SER A 42 6.31 1.13 -11.09
N ARG A 43 5.54 0.06 -10.92
CA ARG A 43 4.32 -0.15 -11.70
C ARG A 43 3.10 -0.27 -10.78
N CYS A 44 3.35 -0.67 -9.54
CA CYS A 44 2.28 -0.82 -8.56
C CYS A 44 2.09 0.46 -7.75
N CYS A 45 3.19 1.11 -7.43
CA CYS A 45 3.15 2.36 -6.67
C CYS A 45 3.11 3.57 -7.59
N SER A 46 2.28 3.50 -8.62
CA SER A 46 2.16 4.58 -9.59
C SER A 46 0.71 5.06 -9.67
N PHE A 47 0.09 5.26 -8.52
CA PHE A 47 -1.29 5.72 -8.47
C PHE A 47 -1.42 6.97 -7.60
N LYS A 48 -1.92 8.04 -8.20
CA LYS A 48 -2.10 9.30 -7.48
C LYS A 48 -3.44 9.33 -6.75
N VAL A 49 -3.39 9.52 -5.43
CA VAL A 49 -4.60 9.57 -4.62
C VAL A 49 -4.51 10.68 -3.58
N PRO A 50 -5.67 11.23 -3.19
CA PRO A 50 -5.75 12.29 -2.20
C PRO A 50 -5.41 11.81 -0.79
N LYS A 51 -4.42 12.46 -0.18
CA LYS A 51 -3.99 12.09 1.17
C LYS A 51 -4.95 12.66 2.22
N SER A 52 -5.26 13.95 2.09
CA SER A 52 -6.16 14.61 3.03
C SER A 52 -7.33 13.70 3.39
N SER A 53 -7.69 12.81 2.47
CA SER A 53 -8.80 11.89 2.70
C SER A 53 -8.28 10.52 3.12
N MET A 54 -7.44 10.51 4.15
CA MET A 54 -6.88 9.26 4.66
C MET A 54 -7.52 8.89 5.99
N GLY A 55 -7.50 9.82 6.94
CA GLY A 55 -8.08 9.56 8.25
C GLY A 55 -7.73 10.65 9.26
N ALA A 56 -6.53 11.19 9.16
CA ALA A 56 -6.09 12.25 10.07
C ALA A 56 -6.16 13.62 9.39
N THR A 57 -7.20 14.38 9.73
CA THR A 57 -7.38 15.70 9.16
C THR A 57 -6.44 16.71 9.79
N ALA A 58 -5.60 17.34 8.97
CA ALA A 58 -4.65 18.34 9.45
C ALA A 58 -4.62 19.55 8.54
N PRO A 59 -4.17 20.69 9.09
CA PRO A 59 -4.07 21.95 8.34
C PRO A 59 -2.97 21.91 7.29
N GLU A 60 -2.27 20.78 7.20
CA GLU A 60 -1.19 20.62 6.23
C GLU A 60 -1.68 19.90 4.98
N ALA A 61 -2.43 18.82 5.18
CA ALA A 61 -2.95 18.04 4.07
C ALA A 61 -4.26 18.64 3.56
N GLN A 62 -4.20 19.26 2.38
CA GLN A 62 -5.39 19.86 1.78
C GLN A 62 -5.48 19.52 0.29
N ARG A 63 -6.40 18.62 -0.04
CA ARG A 63 -6.60 18.20 -1.42
C ARG A 63 -5.27 17.91 -2.09
N GLU A 64 -4.33 17.35 -1.33
CA GLU A 64 -3.01 17.02 -1.85
C GLU A 64 -3.05 15.73 -2.66
N THR A 65 -1.93 15.41 -3.30
CA THR A 65 -1.84 14.19 -4.12
C THR A 65 -0.62 13.38 -3.74
N VAL A 66 -0.81 12.09 -3.51
CA VAL A 66 0.29 11.19 -3.15
C VAL A 66 0.25 9.92 -3.98
N PHE A 67 1.39 9.24 -4.07
CA PHE A 67 1.50 8.01 -4.84
C PHE A 67 1.39 6.79 -3.92
N VAL A 68 0.43 5.91 -4.22
CA VAL A 68 0.23 4.71 -3.42
C VAL A 68 0.30 3.46 -4.30
N CYS A 69 0.15 2.30 -3.67
CA CYS A 69 0.19 1.03 -4.38
C CYS A 69 -1.21 0.59 -4.80
N ALA A 70 -1.29 -0.14 -5.90
CA ALA A 70 -2.56 -0.63 -6.42
C ALA A 70 -3.43 -1.16 -5.28
N SER A 71 -2.86 -2.01 -4.45
CA SER A 71 -3.59 -2.60 -3.34
C SER A 71 -4.33 -1.54 -2.54
N CYS A 72 -3.67 -0.40 -2.32
CA CYS A 72 -4.27 0.70 -1.58
C CYS A 72 -5.17 1.54 -2.48
N ASN A 73 -4.57 2.18 -3.49
CA ASN A 73 -5.32 3.00 -4.43
C ASN A 73 -6.69 2.39 -4.73
N GLN A 74 -6.71 1.07 -4.86
CA GLN A 74 -7.96 0.36 -5.14
C GLN A 74 -8.91 0.43 -3.96
N THR A 75 -8.38 0.23 -2.76
CA THR A 75 -9.18 0.29 -1.55
C THR A 75 -9.67 1.70 -1.26
N LEU A 76 -8.80 2.67 -1.49
CA LEU A 76 -9.14 4.07 -1.26
C LEU A 76 -10.29 4.52 -2.17
N SER A 77 -10.10 4.36 -3.47
CA SER A 77 -11.11 4.74 -4.45
C SER A 77 -11.81 3.50 -5.02
N LYS A 78 -12.20 2.59 -4.14
CA LYS A 78 -12.87 1.36 -4.55
C LYS A 78 -14.26 1.67 -5.10
N SER A 79 -14.99 2.54 -4.40
CA SER A 79 -16.33 2.91 -4.82
C SER A 79 -16.71 4.29 -4.27
N GLY A 80 -17.52 5.02 -5.03
CA GLY A 80 -17.94 6.34 -4.61
C GLY A 80 -18.64 6.33 -3.27
N PRO A 81 -18.45 7.40 -2.48
CA PRO A 81 -19.07 7.53 -1.16
C PRO A 81 -20.58 7.72 -1.23
N SER A 82 -21.04 8.35 -2.31
CA SER A 82 -22.47 8.60 -2.50
C SER A 82 -23.05 9.31 -1.29
N SER A 83 -22.34 10.33 -0.79
CA SER A 83 -22.80 11.09 0.37
C SER A 83 -24.26 11.48 0.22
N GLY A 84 -24.62 11.95 -0.97
CA GLY A 84 -25.99 12.36 -1.21
C GLY A 84 -26.42 12.12 -2.65
N GLY A 1 -13.98 -38.43 16.45
CA GLY A 1 -13.66 -37.17 17.11
C GLY A 1 -12.17 -36.89 17.11
N SER A 2 -11.70 -36.15 16.11
CA SER A 2 -10.29 -35.83 16.01
C SER A 2 -10.05 -34.35 16.33
N SER A 3 -8.90 -34.06 16.93
CA SER A 3 -8.55 -32.70 17.30
C SER A 3 -7.11 -32.36 16.89
N GLY A 4 -6.98 -31.67 15.76
CA GLY A 4 -5.65 -31.31 15.28
C GLY A 4 -5.70 -30.17 14.29
N SER A 5 -4.71 -29.28 14.37
CA SER A 5 -4.64 -28.13 13.47
C SER A 5 -3.23 -27.95 12.92
N SER A 6 -3.12 -27.27 11.79
CA SER A 6 -1.83 -27.03 11.16
C SER A 6 -1.76 -25.63 10.58
N GLY A 7 -0.56 -25.05 10.58
CA GLY A 7 -0.38 -23.71 10.06
C GLY A 7 0.81 -23.00 10.66
N ARG A 8 1.87 -22.85 9.89
CA ARG A 8 3.09 -22.18 10.35
C ARG A 8 3.61 -21.20 9.32
N TYR A 9 4.21 -20.11 9.79
CA TYR A 9 4.75 -19.09 8.91
C TYR A 9 6.28 -19.11 8.91
N PRO A 10 6.86 -19.70 7.85
CA PRO A 10 8.31 -19.80 7.70
C PRO A 10 8.97 -18.45 7.44
N THR A 11 8.17 -17.39 7.52
CA THR A 11 8.68 -16.04 7.29
C THR A 11 10.13 -15.92 7.70
N ASN A 12 10.98 -15.49 6.78
CA ASN A 12 12.41 -15.33 7.04
C ASN A 12 12.91 -13.97 6.56
N ASN A 13 12.49 -13.59 5.35
CA ASN A 13 12.89 -12.32 4.78
C ASN A 13 12.19 -12.08 3.44
N PHE A 14 11.71 -10.85 3.25
CA PHE A 14 11.01 -10.49 2.03
C PHE A 14 11.77 -9.42 1.26
N GLY A 15 11.93 -9.63 -0.05
CA GLY A 15 12.65 -8.67 -0.86
C GLY A 15 12.00 -8.48 -2.23
N ASN A 16 10.68 -8.52 -2.26
CA ASN A 16 9.94 -8.35 -3.51
C ASN A 16 8.72 -7.46 -3.31
N CYS A 17 8.16 -6.96 -4.41
CA CYS A 17 6.98 -6.11 -4.36
C CYS A 17 5.85 -6.78 -3.57
N THR A 18 5.01 -5.96 -2.95
CA THR A 18 3.89 -6.46 -2.17
C THR A 18 2.61 -6.48 -2.99
N GLY A 19 2.75 -6.44 -4.31
CA GLY A 19 1.60 -6.45 -5.18
C GLY A 19 1.71 -7.47 -6.29
N CYS A 20 2.81 -7.41 -7.04
CA CYS A 20 3.04 -8.33 -8.15
C CYS A 20 4.16 -9.31 -7.80
N SER A 21 4.69 -9.20 -6.59
CA SER A 21 5.77 -10.06 -6.15
C SER A 21 6.89 -10.12 -7.19
N ALA A 22 7.31 -8.94 -7.66
CA ALA A 22 8.36 -8.86 -8.66
C ALA A 22 9.65 -8.29 -8.05
N THR A 23 10.61 -9.17 -7.78
CA THR A 23 11.87 -8.75 -7.19
C THR A 23 12.37 -7.46 -7.82
N PHE A 24 13.08 -6.66 -7.02
CA PHE A 24 13.61 -5.39 -7.50
C PHE A 24 15.03 -5.56 -8.04
N SER A 25 15.16 -5.59 -9.36
CA SER A 25 16.46 -5.76 -10.00
C SER A 25 17.10 -4.40 -10.30
N VAL A 26 18.40 -4.41 -10.56
CA VAL A 26 19.12 -3.19 -10.87
C VAL A 26 18.33 -2.28 -11.80
N LEU A 27 17.43 -2.89 -12.57
CA LEU A 27 16.61 -2.14 -13.52
C LEU A 27 15.29 -1.73 -12.87
N LYS A 28 15.31 -1.56 -11.55
CA LYS A 28 14.12 -1.16 -10.81
C LYS A 28 14.49 -0.61 -9.44
N LYS A 29 13.68 0.32 -8.94
CA LYS A 29 13.92 0.94 -7.64
C LYS A 29 12.76 0.67 -6.69
N ARG A 30 13.08 0.18 -5.49
CA ARG A 30 12.06 -0.11 -4.49
C ARG A 30 11.40 1.17 -3.99
N ARG A 31 10.13 1.34 -4.32
CA ARG A 31 9.39 2.53 -3.90
C ARG A 31 8.73 2.31 -2.54
N SER A 32 8.10 3.35 -2.01
CA SER A 32 7.43 3.27 -0.73
C SER A 32 6.04 3.90 -0.79
N CYS A 33 5.02 3.08 -0.50
CA CYS A 33 3.65 3.55 -0.53
C CYS A 33 3.45 4.74 0.41
N SER A 34 2.35 5.45 0.25
CA SER A 34 2.05 6.61 1.08
C SER A 34 1.01 6.27 2.16
N ASN A 35 0.13 5.32 1.83
CA ASN A 35 -0.91 4.89 2.76
C ASN A 35 -0.40 3.78 3.67
N CYS A 36 -0.30 2.58 3.13
CA CYS A 36 0.17 1.43 3.90
C CYS A 36 1.64 1.60 4.29
N GLY A 37 2.41 2.24 3.41
CA GLY A 37 3.82 2.45 3.67
C GLY A 37 4.65 1.21 3.44
N ASN A 38 4.30 0.44 2.41
CA ASN A 38 5.01 -0.78 2.08
C ASN A 38 5.87 -0.59 0.83
N SER A 39 6.67 -1.59 0.50
CA SER A 39 7.53 -1.55 -0.67
C SER A 39 6.80 -2.03 -1.91
N PHE A 40 6.95 -1.30 -3.01
CA PHE A 40 6.30 -1.65 -4.26
C PHE A 40 7.17 -1.28 -5.46
N CYS A 41 6.87 -1.87 -6.61
CA CYS A 41 7.63 -1.60 -7.82
C CYS A 41 7.25 -0.26 -8.43
N SER A 42 7.81 0.05 -9.59
CA SER A 42 7.53 1.31 -10.27
C SER A 42 6.25 1.22 -11.09
N ARG A 43 5.61 0.05 -11.05
CA ARG A 43 4.38 -0.17 -11.79
C ARG A 43 3.18 -0.26 -10.85
N CYS A 44 3.46 -0.57 -9.58
CA CYS A 44 2.42 -0.69 -8.57
C CYS A 44 2.27 0.61 -7.78
N CYS A 45 3.39 1.28 -7.56
CA CYS A 45 3.38 2.54 -6.81
C CYS A 45 3.29 3.73 -7.75
N SER A 46 2.48 3.60 -8.78
CA SER A 46 2.30 4.67 -9.76
C SER A 46 0.85 5.13 -9.80
N PHE A 47 0.17 5.05 -8.66
CA PHE A 47 -1.21 5.47 -8.57
C PHE A 47 -1.36 6.71 -7.70
N LYS A 48 -1.74 7.82 -8.33
CA LYS A 48 -1.91 9.08 -7.61
C LYS A 48 -3.24 9.10 -6.87
N VAL A 49 -3.21 9.51 -5.60
CA VAL A 49 -4.41 9.58 -4.78
C VAL A 49 -4.31 10.71 -3.76
N PRO A 50 -5.46 11.31 -3.42
CA PRO A 50 -5.54 12.40 -2.46
C PRO A 50 -5.25 11.94 -1.03
N LYS A 51 -4.23 12.53 -0.42
CA LYS A 51 -3.84 12.17 0.95
C LYS A 51 -4.86 12.73 1.95
N SER A 52 -5.90 13.38 1.44
CA SER A 52 -6.92 13.97 2.30
C SER A 52 -8.19 13.11 2.28
N SER A 53 -8.43 12.46 1.15
CA SER A 53 -9.61 11.61 0.99
C SER A 53 -9.23 10.13 0.96
N MET A 54 -8.16 9.80 1.69
CA MET A 54 -7.69 8.41 1.76
C MET A 54 -7.88 7.84 3.15
N GLY A 55 -8.74 8.47 3.94
CA GLY A 55 -9.00 8.01 5.29
C GLY A 55 -9.09 9.14 6.29
N ALA A 56 -7.99 9.88 6.45
CA ALA A 56 -7.96 11.00 7.38
C ALA A 56 -7.94 12.34 6.63
N THR A 57 -8.08 13.42 7.37
CA THR A 57 -8.07 14.76 6.78
C THR A 57 -7.29 15.74 7.65
N ALA A 58 -6.73 16.76 7.01
CA ALA A 58 -5.94 17.77 7.71
C ALA A 58 -5.91 19.08 6.93
N PRO A 59 -5.77 20.20 7.67
CA PRO A 59 -5.72 21.53 7.06
C PRO A 59 -4.43 21.77 6.27
N GLU A 60 -3.55 20.77 6.29
CA GLU A 60 -2.29 20.87 5.57
C GLU A 60 -2.21 19.84 4.44
N ALA A 61 -2.49 18.59 4.79
CA ALA A 61 -2.47 17.51 3.80
C ALA A 61 -3.72 17.50 2.95
N GLN A 62 -3.94 18.59 2.21
CA GLN A 62 -5.10 18.71 1.35
C GLN A 62 -4.71 19.17 -0.05
N ARG A 63 -5.55 18.87 -1.03
CA ARG A 63 -5.28 19.26 -2.41
C ARG A 63 -3.92 18.74 -2.87
N GLU A 64 -3.47 17.66 -2.26
CA GLU A 64 -2.19 17.07 -2.59
C GLU A 64 -2.36 15.65 -3.13
N THR A 65 -1.58 15.30 -4.14
CA THR A 65 -1.65 13.97 -4.74
C THR A 65 -0.41 13.14 -4.39
N VAL A 66 -0.62 12.04 -3.69
CA VAL A 66 0.47 11.16 -3.29
C VAL A 66 0.46 9.87 -4.11
N PHE A 67 1.56 9.12 -4.03
CA PHE A 67 1.67 7.86 -4.76
C PHE A 67 1.43 6.67 -3.83
N VAL A 68 0.47 5.83 -4.20
CA VAL A 68 0.14 4.65 -3.41
C VAL A 68 0.22 3.38 -4.25
N CYS A 69 0.10 2.23 -3.59
CA CYS A 69 0.15 0.95 -4.27
C CYS A 69 -1.24 0.51 -4.72
N ALA A 70 -1.31 -0.09 -5.90
CA ALA A 70 -2.58 -0.56 -6.45
C ALA A 70 -3.48 -1.10 -5.35
N SER A 71 -2.98 -2.09 -4.63
CA SER A 71 -3.74 -2.71 -3.54
C SER A 71 -4.49 -1.64 -2.73
N CYS A 72 -3.82 -0.53 -2.48
CA CYS A 72 -4.42 0.56 -1.72
C CYS A 72 -5.32 1.42 -2.60
N ASN A 73 -4.74 2.07 -3.60
CA ASN A 73 -5.49 2.91 -4.51
C ASN A 73 -6.88 2.33 -4.77
N GLN A 74 -6.95 1.01 -4.90
CA GLN A 74 -8.21 0.34 -5.15
C GLN A 74 -9.14 0.45 -3.94
N THR A 75 -8.60 0.16 -2.76
CA THR A 75 -9.38 0.22 -1.53
C THR A 75 -9.70 1.66 -1.17
N LEU A 76 -8.67 2.50 -1.09
CA LEU A 76 -8.85 3.90 -0.76
C LEU A 76 -10.04 4.50 -1.50
N SER A 77 -10.05 4.34 -2.82
CA SER A 77 -11.13 4.86 -3.65
C SER A 77 -12.06 3.74 -4.09
N LYS A 78 -12.86 3.24 -3.15
CA LYS A 78 -13.80 2.16 -3.44
C LYS A 78 -15.19 2.50 -2.89
N SER A 79 -16.21 1.95 -3.55
CA SER A 79 -17.59 2.19 -3.12
C SER A 79 -17.81 1.71 -1.70
N GLY A 80 -18.20 2.65 -0.82
CA GLY A 80 -18.45 2.31 0.56
C GLY A 80 -19.32 1.08 0.72
N PRO A 81 -18.99 0.22 1.69
CA PRO A 81 -19.74 -1.00 1.97
C PRO A 81 -21.12 -0.73 2.55
N SER A 82 -22.02 -1.70 2.43
CA SER A 82 -23.38 -1.55 2.94
C SER A 82 -23.40 -1.68 4.45
N SER A 83 -23.72 -0.58 5.13
CA SER A 83 -23.78 -0.57 6.59
C SER A 83 -24.61 -1.74 7.11
N GLY A 84 -25.85 -1.84 6.63
CA GLY A 84 -26.73 -2.90 7.06
C GLY A 84 -26.01 -4.24 7.17
N GLY A 1 11.52 -28.57 25.78
CA GLY A 1 10.50 -29.58 25.56
C GLY A 1 10.39 -29.97 24.10
N SER A 2 9.95 -29.03 23.26
CA SER A 2 9.80 -29.30 21.84
C SER A 2 9.86 -28.00 21.04
N SER A 3 10.35 -28.11 19.80
CA SER A 3 10.47 -26.93 18.93
C SER A 3 9.13 -26.22 18.80
N GLY A 4 9.16 -25.05 18.17
CA GLY A 4 7.94 -24.28 17.98
C GLY A 4 8.07 -23.24 16.88
N SER A 5 7.69 -23.61 15.67
CA SER A 5 7.77 -22.71 14.53
C SER A 5 6.43 -22.00 14.31
N SER A 6 6.43 -20.68 14.51
CA SER A 6 5.22 -19.89 14.34
C SER A 6 5.50 -18.67 13.46
N GLY A 7 4.60 -18.41 12.52
CA GLY A 7 4.75 -17.27 11.63
C GLY A 7 4.21 -17.54 10.24
N ARG A 8 4.53 -16.66 9.30
CA ARG A 8 4.07 -16.81 7.93
C ARG A 8 5.19 -16.50 6.93
N TYR A 9 5.20 -17.24 5.83
CA TYR A 9 6.22 -17.05 4.81
C TYR A 9 5.63 -16.40 3.56
N PRO A 10 6.47 -15.65 2.82
CA PRO A 10 6.06 -14.96 1.60
C PRO A 10 5.75 -15.93 0.45
N THR A 11 4.93 -15.48 -0.49
CA THR A 11 4.55 -16.31 -1.63
C THR A 11 5.78 -16.98 -2.24
N ASN A 12 6.86 -16.23 -2.38
CA ASN A 12 8.09 -16.77 -2.95
C ASN A 12 9.28 -16.50 -2.03
N ASN A 13 9.47 -15.23 -1.68
CA ASN A 13 10.57 -14.84 -0.81
C ASN A 13 10.48 -13.36 -0.45
N PHE A 14 11.47 -12.88 0.30
CA PHE A 14 11.50 -11.48 0.71
C PHE A 14 12.24 -10.63 -0.33
N GLY A 15 12.23 -9.31 -0.11
CA GLY A 15 12.91 -8.41 -1.03
C GLY A 15 12.21 -8.32 -2.38
N ASN A 16 10.88 -8.37 -2.35
CA ASN A 16 10.10 -8.30 -3.58
C ASN A 16 8.85 -7.44 -3.38
N CYS A 17 8.30 -6.93 -4.48
CA CYS A 17 7.11 -6.09 -4.42
C CYS A 17 6.00 -6.79 -3.65
N THR A 18 5.17 -5.99 -2.98
CA THR A 18 4.06 -6.53 -2.20
C THR A 18 2.76 -6.50 -2.99
N GLY A 19 2.88 -6.46 -4.32
CA GLY A 19 1.71 -6.44 -5.16
C GLY A 19 1.79 -7.45 -6.29
N CYS A 20 2.86 -7.38 -7.07
CA CYS A 20 3.05 -8.30 -8.20
C CYS A 20 4.12 -9.33 -7.87
N SER A 21 4.70 -9.22 -6.67
CA SER A 21 5.74 -10.15 -6.24
C SER A 21 6.87 -10.21 -7.26
N ALA A 22 7.33 -9.04 -7.68
CA ALA A 22 8.42 -8.94 -8.65
C ALA A 22 9.69 -8.40 -8.00
N THR A 23 10.66 -9.27 -7.77
CA THR A 23 11.92 -8.88 -7.15
C THR A 23 12.46 -7.59 -7.77
N PHE A 24 13.16 -6.80 -6.97
CA PHE A 24 13.73 -5.55 -7.44
C PHE A 24 15.15 -5.75 -7.96
N SER A 25 15.26 -6.04 -9.25
CA SER A 25 16.57 -6.27 -9.87
C SER A 25 16.68 -5.50 -11.18
N VAL A 26 15.73 -5.71 -12.07
CA VAL A 26 15.72 -5.04 -13.37
C VAL A 26 15.52 -3.54 -13.21
N LEU A 27 16.60 -2.83 -12.89
CA LEU A 27 16.55 -1.39 -12.72
C LEU A 27 15.25 -0.97 -12.04
N LYS A 28 14.86 -1.71 -11.00
CA LYS A 28 13.64 -1.42 -10.26
C LYS A 28 13.96 -0.98 -8.84
N LYS A 29 13.82 0.32 -8.58
CA LYS A 29 14.09 0.87 -7.26
C LYS A 29 12.90 0.65 -6.33
N ARG A 30 13.13 -0.11 -5.26
CA ARG A 30 12.07 -0.39 -4.29
C ARG A 30 11.40 0.90 -3.83
N ARG A 31 10.16 1.10 -4.26
CA ARG A 31 9.40 2.29 -3.90
C ARG A 31 8.66 2.09 -2.58
N SER A 32 8.21 3.18 -1.98
CA SER A 32 7.50 3.12 -0.71
C SER A 32 6.13 3.79 -0.83
N CYS A 33 5.09 3.05 -0.47
CA CYS A 33 3.73 3.57 -0.53
C CYS A 33 3.55 4.76 0.41
N SER A 34 2.47 5.50 0.22
CA SER A 34 2.19 6.68 1.04
C SER A 34 1.13 6.36 2.09
N ASN A 35 0.23 5.44 1.75
CA ASN A 35 -0.84 5.05 2.67
C ASN A 35 -0.38 3.92 3.59
N CYS A 36 -0.30 2.71 3.04
CA CYS A 36 0.12 1.54 3.80
C CYS A 36 1.58 1.66 4.21
N GLY A 37 2.38 2.31 3.36
CA GLY A 37 3.79 2.48 3.65
C GLY A 37 4.59 1.21 3.43
N ASN A 38 4.23 0.45 2.39
CA ASN A 38 4.92 -0.79 2.08
C ASN A 38 5.80 -0.63 0.85
N SER A 39 6.57 -1.67 0.53
CA SER A 39 7.46 -1.65 -0.62
C SER A 39 6.73 -2.12 -1.87
N PHE A 40 6.97 -1.43 -2.98
CA PHE A 40 6.33 -1.78 -4.25
C PHE A 40 7.22 -1.40 -5.43
N CYS A 41 6.88 -1.90 -6.60
CA CYS A 41 7.65 -1.61 -7.81
C CYS A 41 7.23 -0.26 -8.41
N SER A 42 7.82 0.07 -9.55
CA SER A 42 7.51 1.32 -10.23
C SER A 42 6.25 1.19 -11.08
N ARG A 43 5.56 0.07 -10.92
CA ARG A 43 4.32 -0.18 -11.67
C ARG A 43 3.12 -0.23 -10.74
N CYS A 44 3.35 -0.67 -9.50
CA CYS A 44 2.28 -0.77 -8.52
C CYS A 44 2.09 0.56 -7.78
N CYS A 45 3.20 1.22 -7.47
CA CYS A 45 3.16 2.49 -6.76
C CYS A 45 3.09 3.65 -7.75
N SER A 46 2.28 3.50 -8.78
CA SER A 46 2.12 4.54 -9.80
C SER A 46 0.70 5.06 -9.83
N PHE A 47 0.10 5.20 -8.65
CA PHE A 47 -1.27 5.70 -8.54
C PHE A 47 -1.32 6.98 -7.71
N LYS A 48 -1.89 8.03 -8.30
CA LYS A 48 -2.01 9.32 -7.62
C LYS A 48 -3.34 9.43 -6.88
N VAL A 49 -3.26 9.55 -5.56
CA VAL A 49 -4.45 9.66 -4.73
C VAL A 49 -4.32 10.79 -3.71
N PRO A 50 -5.45 11.41 -3.36
CA PRO A 50 -5.48 12.52 -2.40
C PRO A 50 -5.18 12.05 -0.98
N LYS A 51 -4.18 12.67 -0.35
CA LYS A 51 -3.80 12.31 1.01
C LYS A 51 -4.82 12.83 2.02
N SER A 52 -5.38 14.01 1.73
CA SER A 52 -6.36 14.62 2.62
C SER A 52 -7.44 13.63 2.99
N SER A 53 -8.03 12.98 1.98
CA SER A 53 -9.08 12.00 2.21
C SER A 53 -8.72 11.05 3.34
N MET A 54 -7.46 10.59 3.34
CA MET A 54 -6.98 9.68 4.36
C MET A 54 -6.88 10.38 5.71
N GLY A 55 -7.93 10.23 6.52
CA GLY A 55 -7.95 10.85 7.83
C GLY A 55 -7.88 12.36 7.75
N ALA A 56 -8.69 13.03 8.57
CA ALA A 56 -8.72 14.49 8.58
C ALA A 56 -7.34 15.06 8.91
N THR A 57 -7.12 16.32 8.52
CA THR A 57 -5.85 16.99 8.76
C THR A 57 -5.95 18.48 8.51
N ALA A 58 -4.90 19.21 8.87
CA ALA A 58 -4.87 20.65 8.68
C ALA A 58 -5.31 21.04 7.27
N PRO A 59 -5.64 22.32 7.08
CA PRO A 59 -6.07 22.84 5.78
C PRO A 59 -4.95 22.86 4.76
N GLU A 60 -3.76 22.42 5.17
CA GLU A 60 -2.61 22.40 4.29
C GLU A 60 -2.73 21.28 3.26
N ALA A 61 -3.02 20.08 3.73
CA ALA A 61 -3.18 18.92 2.84
C ALA A 61 -4.64 18.70 2.47
N GLN A 62 -5.12 19.46 1.49
CA GLN A 62 -6.50 19.35 1.03
C GLN A 62 -6.56 18.97 -0.44
N ARG A 63 -5.81 19.70 -1.27
CA ARG A 63 -5.79 19.44 -2.69
C ARG A 63 -4.43 18.89 -3.12
N GLU A 64 -3.90 17.95 -2.35
CA GLU A 64 -2.61 17.35 -2.65
C GLU A 64 -2.79 15.95 -3.24
N THR A 65 -1.76 15.47 -3.93
CA THR A 65 -1.80 14.15 -4.55
C THR A 65 -0.53 13.36 -4.25
N VAL A 66 -0.69 12.19 -3.66
CA VAL A 66 0.45 11.34 -3.31
C VAL A 66 0.43 10.05 -4.12
N PHE A 67 1.52 9.30 -4.05
CA PHE A 67 1.63 8.04 -4.77
C PHE A 67 1.37 6.85 -3.85
N VAL A 68 0.50 5.95 -4.30
CA VAL A 68 0.16 4.77 -3.51
C VAL A 68 0.21 3.50 -4.37
N CYS A 69 0.21 2.35 -3.71
CA CYS A 69 0.25 1.07 -4.41
C CYS A 69 -1.15 0.62 -4.81
N ALA A 70 -1.26 -0.01 -5.98
CA ALA A 70 -2.54 -0.49 -6.48
C ALA A 70 -3.39 -1.06 -5.35
N SER A 71 -2.81 -2.01 -4.61
CA SER A 71 -3.53 -2.65 -3.51
C SER A 71 -4.30 -1.61 -2.70
N CYS A 72 -3.68 -0.45 -2.48
CA CYS A 72 -4.31 0.62 -1.72
C CYS A 72 -5.25 1.43 -2.60
N ASN A 73 -4.69 2.05 -3.63
CA ASN A 73 -5.47 2.86 -4.55
C ASN A 73 -6.85 2.27 -4.76
N GLN A 74 -6.92 0.93 -4.82
CA GLN A 74 -8.18 0.23 -5.02
C GLN A 74 -9.05 0.31 -3.76
N THR A 75 -8.42 0.08 -2.61
CA THR A 75 -9.14 0.11 -1.34
C THR A 75 -9.63 1.52 -1.02
N LEU A 76 -8.76 2.50 -1.23
CA LEU A 76 -9.11 3.90 -0.97
C LEU A 76 -10.29 4.33 -1.82
N SER A 77 -10.18 4.13 -3.13
CA SER A 77 -11.23 4.51 -4.06
C SER A 77 -12.51 3.74 -3.76
N LYS A 78 -12.37 2.45 -3.51
CA LYS A 78 -13.52 1.59 -3.22
C LYS A 78 -14.35 2.18 -2.09
N SER A 79 -13.69 2.61 -1.02
CA SER A 79 -14.36 3.19 0.13
C SER A 79 -15.18 2.13 0.88
N GLY A 80 -14.58 0.95 1.04
CA GLY A 80 -15.26 -0.13 1.74
C GLY A 80 -14.40 -0.75 2.83
N PRO A 81 -14.50 -0.22 4.05
CA PRO A 81 -13.73 -0.71 5.19
C PRO A 81 -14.19 -2.08 5.65
N SER A 82 -13.47 -3.12 5.24
CA SER A 82 -13.82 -4.49 5.60
C SER A 82 -13.99 -4.62 7.11
N SER A 83 -13.01 -4.13 7.86
CA SER A 83 -13.06 -4.19 9.32
C SER A 83 -12.70 -2.84 9.93
N GLY A 84 -13.18 -2.60 11.15
CA GLY A 84 -12.91 -1.35 11.83
C GLY A 84 -12.03 -1.54 13.05
N GLY A 1 -0.35 -32.07 24.92
CA GLY A 1 -0.70 -30.73 25.35
C GLY A 1 -2.12 -30.35 24.97
N SER A 2 -3.06 -30.64 25.87
CA SER A 2 -4.47 -30.33 25.62
C SER A 2 -4.63 -28.89 25.15
N SER A 3 -3.96 -27.97 25.84
CA SER A 3 -4.03 -26.55 25.49
C SER A 3 -3.66 -26.33 24.04
N GLY A 4 -4.44 -25.51 23.33
CA GLY A 4 -4.16 -25.23 21.94
C GLY A 4 -4.39 -23.77 21.59
N SER A 5 -3.42 -23.17 20.91
CA SER A 5 -3.51 -21.77 20.52
C SER A 5 -2.40 -21.40 19.55
N SER A 6 -2.79 -20.81 18.42
CA SER A 6 -1.82 -20.41 17.40
C SER A 6 -2.25 -19.12 16.72
N GLY A 7 -1.48 -18.05 16.92
CA GLY A 7 -1.80 -16.78 16.31
C GLY A 7 -1.23 -16.64 14.92
N ARG A 8 -1.93 -15.89 14.07
CA ARG A 8 -1.48 -15.67 12.70
C ARG A 8 -0.31 -14.71 12.65
N TYR A 9 0.41 -14.72 11.52
CA TYR A 9 1.57 -13.85 11.35
C TYR A 9 1.58 -13.22 9.96
N PRO A 10 1.98 -11.94 9.88
CA PRO A 10 2.04 -11.22 8.62
C PRO A 10 3.15 -11.71 7.71
N THR A 11 3.41 -10.98 6.63
CA THR A 11 4.45 -11.35 5.68
C THR A 11 5.82 -10.89 6.15
N ASN A 12 6.34 -11.56 7.17
CA ASN A 12 7.65 -11.23 7.72
C ASN A 12 8.71 -11.18 6.62
N ASN A 13 8.65 -12.16 5.72
CA ASN A 13 9.60 -12.23 4.62
C ASN A 13 9.37 -11.09 3.62
N PHE A 14 10.48 -10.50 3.16
CA PHE A 14 10.40 -9.40 2.20
C PHE A 14 11.53 -9.49 1.18
N GLY A 15 11.50 -8.58 0.20
CA GLY A 15 12.53 -8.58 -0.82
C GLY A 15 12.00 -8.11 -2.17
N ASN A 16 10.77 -8.48 -2.48
CA ASN A 16 10.15 -8.09 -3.74
C ASN A 16 8.82 -7.36 -3.49
N CYS A 17 8.30 -6.73 -4.54
CA CYS A 17 7.05 -6.00 -4.44
C CYS A 17 6.02 -6.77 -3.60
N THR A 18 5.02 -6.06 -3.11
CA THR A 18 3.99 -6.68 -2.28
C THR A 18 2.70 -6.88 -3.08
N GLY A 19 2.79 -6.73 -4.40
CA GLY A 19 1.63 -6.90 -5.25
C GLY A 19 1.91 -7.79 -6.44
N CYS A 20 3.10 -7.65 -7.01
CA CYS A 20 3.49 -8.45 -8.17
C CYS A 20 4.78 -9.22 -7.88
N SER A 21 5.17 -9.27 -6.61
CA SER A 21 6.38 -9.98 -6.22
C SER A 21 7.48 -9.80 -7.26
N ALA A 22 7.73 -8.56 -7.64
CA ALA A 22 8.76 -8.25 -8.63
C ALA A 22 10.06 -7.84 -7.95
N THR A 23 11.07 -8.70 -8.05
CA THR A 23 12.36 -8.43 -7.45
C THR A 23 13.00 -7.17 -8.04
N PHE A 24 13.57 -6.35 -7.17
CA PHE A 24 14.21 -5.11 -7.61
C PHE A 24 15.73 -5.25 -7.63
N SER A 25 16.29 -5.30 -8.84
CA SER A 25 17.73 -5.45 -9.01
C SER A 25 18.36 -4.14 -9.52
N VAL A 26 18.15 -3.88 -10.81
CA VAL A 26 18.69 -2.67 -11.43
C VAL A 26 17.61 -1.94 -12.22
N LEU A 27 16.68 -2.70 -12.79
CA LEU A 27 15.60 -2.12 -13.58
C LEU A 27 14.51 -1.56 -12.67
N LYS A 28 13.88 -2.43 -11.89
CA LYS A 28 12.83 -2.03 -10.97
C LYS A 28 13.40 -1.47 -9.68
N LYS A 29 12.80 -0.40 -9.18
CA LYS A 29 13.26 0.22 -7.95
C LYS A 29 12.23 0.06 -6.84
N ARG A 30 12.64 -0.54 -5.72
CA ARG A 30 11.75 -0.75 -4.60
C ARG A 30 11.21 0.57 -4.07
N ARG A 31 10.02 0.94 -4.55
CA ARG A 31 9.39 2.18 -4.13
C ARG A 31 8.73 2.03 -2.77
N SER A 32 8.15 3.12 -2.26
CA SER A 32 7.49 3.10 -0.96
C SER A 32 6.10 3.74 -1.05
N CYS A 33 5.10 3.03 -0.55
CA CYS A 33 3.73 3.53 -0.58
C CYS A 33 3.58 4.76 0.33
N SER A 34 2.48 5.48 0.15
CA SER A 34 2.22 6.68 0.94
C SER A 34 1.15 6.41 1.99
N ASN A 35 0.26 5.47 1.69
CA ASN A 35 -0.82 5.12 2.61
C ASN A 35 -0.37 4.04 3.60
N CYS A 36 -0.28 2.80 3.12
CA CYS A 36 0.14 1.69 3.96
C CYS A 36 1.61 1.83 4.35
N GLY A 37 2.42 2.31 3.42
CA GLY A 37 3.83 2.49 3.69
C GLY A 37 4.62 1.21 3.50
N ASN A 38 4.27 0.44 2.48
CA ASN A 38 4.94 -0.83 2.20
C ASN A 38 5.81 -0.71 0.96
N SER A 39 6.52 -1.79 0.63
CA SER A 39 7.38 -1.80 -0.54
C SER A 39 6.60 -2.17 -1.80
N PHE A 40 6.87 -1.46 -2.88
CA PHE A 40 6.19 -1.71 -4.14
C PHE A 40 7.06 -1.29 -5.33
N CYS A 41 6.67 -1.72 -6.53
CA CYS A 41 7.41 -1.39 -7.73
C CYS A 41 6.89 -0.09 -8.36
N SER A 42 7.48 0.29 -9.49
CA SER A 42 7.08 1.51 -10.18
C SER A 42 5.82 1.28 -11.01
N ARG A 43 5.27 0.06 -10.92
CA ARG A 43 4.06 -0.29 -11.65
C ARG A 43 2.87 -0.40 -10.71
N CYS A 44 3.14 -0.74 -9.46
CA CYS A 44 2.08 -0.90 -8.46
C CYS A 44 1.92 0.39 -7.65
N CYS A 45 3.04 1.08 -7.43
CA CYS A 45 3.01 2.33 -6.67
C CYS A 45 2.93 3.54 -7.60
N SER A 46 2.19 3.38 -8.70
CA SER A 46 2.02 4.45 -9.67
C SER A 46 0.60 4.99 -9.66
N PHE A 47 -0.02 5.00 -8.48
CA PHE A 47 -1.38 5.49 -8.33
C PHE A 47 -1.42 6.78 -7.53
N LYS A 48 -1.87 7.86 -8.17
CA LYS A 48 -1.96 9.16 -7.52
C LYS A 48 -3.27 9.29 -6.75
N VAL A 49 -3.17 9.65 -5.48
CA VAL A 49 -4.35 9.82 -4.64
C VAL A 49 -4.18 10.98 -3.67
N PRO A 50 -5.30 11.59 -3.28
CA PRO A 50 -5.30 12.73 -2.35
C PRO A 50 -4.91 12.32 -0.93
N LYS A 51 -3.97 13.04 -0.35
CA LYS A 51 -3.51 12.76 1.01
C LYS A 51 -4.40 13.43 2.04
N SER A 52 -4.81 14.65 1.76
CA SER A 52 -5.68 15.40 2.67
C SER A 52 -6.65 14.47 3.38
N SER A 53 -7.57 13.89 2.61
CA SER A 53 -8.57 12.98 3.16
C SER A 53 -7.91 11.68 3.63
N MET A 54 -6.90 11.24 2.89
CA MET A 54 -6.19 10.01 3.23
C MET A 54 -5.01 10.29 4.15
N GLY A 55 -5.29 10.39 5.45
CA GLY A 55 -4.24 10.66 6.42
C GLY A 55 -4.55 11.86 7.29
N ALA A 56 -3.62 12.79 7.38
CA ALA A 56 -3.80 13.99 8.19
C ALA A 56 -4.06 15.20 7.31
N THR A 57 -4.74 16.20 7.88
CA THR A 57 -5.06 17.42 7.15
C THR A 57 -3.91 18.43 7.24
N ALA A 58 -3.91 19.40 6.33
CA ALA A 58 -2.87 20.43 6.31
C ALA A 58 -3.25 21.56 5.35
N PRO A 59 -2.48 22.66 5.43
CA PRO A 59 -2.71 23.83 4.58
C PRO A 59 -2.37 23.57 3.12
N GLU A 60 -1.55 22.56 2.88
CA GLU A 60 -1.14 22.21 1.52
C GLU A 60 -1.75 20.86 1.11
N ALA A 61 -2.04 20.02 2.09
CA ALA A 61 -2.64 18.72 1.83
C ALA A 61 -3.93 18.85 1.03
N GLN A 62 -4.69 19.89 1.33
CA GLN A 62 -5.96 20.13 0.64
C GLN A 62 -5.84 19.83 -0.85
N ARG A 63 -4.83 20.42 -1.49
CA ARG A 63 -4.60 20.21 -2.91
C ARG A 63 -3.26 19.52 -3.15
N GLU A 64 -3.10 18.33 -2.57
CA GLU A 64 -1.87 17.57 -2.72
C GLU A 64 -2.14 16.23 -3.38
N THR A 65 -1.07 15.59 -3.87
CA THR A 65 -1.19 14.29 -4.54
C THR A 65 -0.03 13.39 -4.17
N VAL A 66 -0.34 12.19 -3.66
CA VAL A 66 0.68 11.23 -3.28
C VAL A 66 0.52 9.93 -4.05
N PHE A 67 1.59 9.13 -4.07
CA PHE A 67 1.57 7.85 -4.78
C PHE A 67 1.31 6.70 -3.82
N VAL A 68 0.41 5.80 -4.21
CA VAL A 68 0.07 4.65 -3.38
C VAL A 68 0.15 3.36 -4.19
N CYS A 69 0.03 2.23 -3.49
CA CYS A 69 0.10 0.93 -4.13
C CYS A 69 -1.30 0.45 -4.55
N ALA A 70 -1.36 -0.27 -5.65
CA ALA A 70 -2.64 -0.78 -6.15
C ALA A 70 -3.53 -1.25 -5.00
N SER A 71 -3.05 -2.24 -4.26
CA SER A 71 -3.81 -2.78 -3.14
C SER A 71 -4.51 -1.67 -2.37
N CYS A 72 -3.86 -0.51 -2.29
CA CYS A 72 -4.43 0.63 -1.57
C CYS A 72 -5.32 1.46 -2.50
N ASN A 73 -4.74 1.96 -3.58
CA ASN A 73 -5.48 2.77 -4.55
C ASN A 73 -6.87 2.18 -4.79
N GLN A 74 -6.94 0.85 -4.85
CA GLN A 74 -8.21 0.16 -5.08
C GLN A 74 -9.16 0.36 -3.89
N THR A 75 -8.60 0.30 -2.68
CA THR A 75 -9.39 0.47 -1.47
C THR A 75 -9.82 1.93 -1.29
N LEU A 76 -8.90 2.84 -1.53
CA LEU A 76 -9.18 4.26 -1.39
C LEU A 76 -10.28 4.69 -2.36
N SER A 77 -10.13 4.32 -3.62
CA SER A 77 -11.11 4.67 -4.64
C SER A 77 -12.25 3.64 -4.67
N LYS A 78 -12.73 3.25 -3.50
CA LYS A 78 -13.81 2.28 -3.41
C LYS A 78 -15.15 2.97 -3.12
N SER A 79 -15.14 3.86 -2.13
CA SER A 79 -16.36 4.58 -1.77
C SER A 79 -16.89 5.38 -2.95
N GLY A 80 -18.17 5.16 -3.28
CA GLY A 80 -18.77 5.88 -4.38
C GLY A 80 -20.10 6.51 -4.01
N PRO A 81 -21.07 6.46 -4.94
CA PRO A 81 -22.40 7.02 -4.72
C PRO A 81 -23.21 6.23 -3.70
N SER A 82 -22.59 5.21 -3.12
CA SER A 82 -23.25 4.38 -2.12
C SER A 82 -24.21 5.20 -1.28
N SER A 83 -23.75 6.36 -0.83
CA SER A 83 -24.58 7.24 0.00
C SER A 83 -24.90 6.59 1.34
N GLY A 84 -23.88 6.00 1.96
CA GLY A 84 -24.07 5.35 3.24
C GLY A 84 -23.12 5.86 4.30
N GLY A 1 -20.01 -25.05 -16.75
CA GLY A 1 -18.98 -24.10 -17.13
C GLY A 1 -18.30 -23.48 -15.94
N SER A 2 -17.26 -24.14 -15.44
CA SER A 2 -16.52 -23.64 -14.28
C SER A 2 -15.02 -23.67 -14.54
N SER A 3 -14.42 -22.49 -14.61
CA SER A 3 -12.98 -22.38 -14.86
C SER A 3 -12.21 -22.34 -13.54
N GLY A 4 -10.89 -22.49 -13.64
CA GLY A 4 -10.05 -22.47 -12.46
C GLY A 4 -10.13 -21.14 -11.71
N SER A 5 -9.23 -20.95 -10.75
CA SER A 5 -9.20 -19.73 -9.96
C SER A 5 -7.77 -19.35 -9.59
N SER A 6 -7.27 -18.27 -10.18
CA SER A 6 -5.92 -17.80 -9.92
C SER A 6 -5.74 -17.47 -8.44
N GLY A 7 -4.76 -18.10 -7.81
CA GLY A 7 -4.50 -17.86 -6.40
C GLY A 7 -4.02 -19.09 -5.66
N ARG A 8 -4.35 -19.18 -4.38
CA ARG A 8 -3.94 -20.33 -3.57
C ARG A 8 -2.52 -20.75 -3.91
N TYR A 9 -1.58 -19.81 -3.82
CA TYR A 9 -0.18 -20.09 -4.11
C TYR A 9 0.73 -19.45 -3.07
N PRO A 10 1.91 -20.05 -2.88
CA PRO A 10 2.90 -19.55 -1.92
C PRO A 10 3.53 -18.22 -2.35
N THR A 11 3.30 -17.18 -1.57
CA THR A 11 3.84 -15.86 -1.87
C THR A 11 5.05 -15.55 -1.00
N ASN A 12 6.15 -15.15 -1.64
CA ASN A 12 7.37 -14.82 -0.93
C ASN A 12 7.08 -13.91 0.27
N ASN A 13 7.88 -14.05 1.31
CA ASN A 13 7.72 -13.24 2.52
C ASN A 13 8.17 -11.80 2.27
N PHE A 14 9.38 -11.65 1.75
CA PHE A 14 9.94 -10.33 1.48
C PHE A 14 11.03 -10.42 0.42
N GLY A 15 11.50 -9.25 -0.04
CA GLY A 15 12.54 -9.22 -1.05
C GLY A 15 12.03 -8.73 -2.39
N ASN A 16 10.72 -8.83 -2.60
CA ASN A 16 10.11 -8.40 -3.85
C ASN A 16 8.80 -7.65 -3.59
N CYS A 17 8.30 -6.97 -4.61
CA CYS A 17 7.06 -6.22 -4.49
C CYS A 17 6.03 -6.98 -3.66
N THR A 18 5.03 -6.26 -3.17
CA THR A 18 3.98 -6.86 -2.36
C THR A 18 2.77 -7.24 -3.20
N GLY A 19 2.78 -6.79 -4.45
CA GLY A 19 1.67 -7.09 -5.35
C GLY A 19 2.04 -8.09 -6.41
N CYS A 20 2.97 -7.72 -7.29
CA CYS A 20 3.41 -8.60 -8.35
C CYS A 20 4.66 -9.39 -7.94
N SER A 21 5.21 -9.03 -6.79
CA SER A 21 6.40 -9.70 -6.28
C SER A 21 7.54 -9.64 -7.30
N ALA A 22 7.77 -8.46 -7.87
CA ALA A 22 8.81 -8.27 -8.86
C ALA A 22 10.09 -7.76 -8.22
N THR A 23 11.06 -8.65 -8.05
CA THR A 23 12.34 -8.30 -7.43
C THR A 23 12.77 -6.90 -7.86
N PHE A 24 13.46 -6.20 -6.95
CA PHE A 24 13.93 -4.86 -7.22
C PHE A 24 15.40 -4.86 -7.62
N SER A 25 15.71 -5.58 -8.70
CA SER A 25 17.08 -5.67 -9.19
C SER A 25 17.22 -5.01 -10.55
N VAL A 26 16.30 -5.34 -11.46
CA VAL A 26 16.33 -4.78 -12.80
C VAL A 26 16.14 -3.26 -12.77
N LEU A 27 17.21 -2.54 -12.46
CA LEU A 27 17.17 -1.09 -12.40
C LEU A 27 15.82 -0.61 -11.86
N LYS A 28 15.41 -1.19 -10.74
CA LYS A 28 14.14 -0.81 -10.11
C LYS A 28 14.33 -0.51 -8.63
N LYS A 29 14.17 0.75 -8.27
CA LYS A 29 14.33 1.18 -6.87
C LYS A 29 13.06 0.88 -6.08
N ARG A 30 13.18 0.00 -5.09
CA ARG A 30 12.04 -0.36 -4.25
C ARG A 30 11.31 0.89 -3.76
N ARG A 31 10.14 1.14 -4.34
CA ARG A 31 9.34 2.30 -3.96
C ARG A 31 8.59 2.05 -2.66
N SER A 32 8.15 3.13 -2.01
CA SER A 32 7.43 3.02 -0.74
C SER A 32 6.07 3.69 -0.85
N CYS A 33 5.01 2.95 -0.52
CA CYS A 33 3.66 3.47 -0.57
C CYS A 33 3.52 4.69 0.34
N SER A 34 2.44 5.44 0.14
CA SER A 34 2.18 6.63 0.93
C SER A 34 1.15 6.35 2.02
N ASN A 35 0.21 5.46 1.72
CA ASN A 35 -0.83 5.10 2.68
C ASN A 35 -0.35 3.99 3.62
N CYS A 36 -0.28 2.77 3.11
CA CYS A 36 0.16 1.63 3.90
C CYS A 36 1.62 1.78 4.29
N GLY A 37 2.42 2.36 3.39
CA GLY A 37 3.83 2.54 3.66
C GLY A 37 4.63 1.27 3.48
N ASN A 38 4.27 0.48 2.48
CA ASN A 38 4.96 -0.78 2.19
C ASN A 38 5.79 -0.66 0.93
N SER A 39 6.55 -1.72 0.63
CA SER A 39 7.40 -1.73 -0.55
C SER A 39 6.59 -2.13 -1.80
N PHE A 40 6.89 -1.48 -2.91
CA PHE A 40 6.20 -1.76 -4.17
C PHE A 40 7.07 -1.39 -5.37
N CYS A 41 6.68 -1.89 -6.54
CA CYS A 41 7.43 -1.60 -7.76
C CYS A 41 6.94 -0.31 -8.41
N SER A 42 7.59 0.07 -9.51
CA SER A 42 7.23 1.29 -10.22
C SER A 42 5.99 1.08 -11.08
N ARG A 43 5.33 -0.06 -10.88
CA ARG A 43 4.12 -0.39 -11.64
C ARG A 43 2.91 -0.51 -10.71
N CYS A 44 3.16 -0.90 -9.46
CA CYS A 44 2.09 -1.04 -8.49
C CYS A 44 1.89 0.25 -7.70
N CYS A 45 2.97 0.95 -7.43
CA CYS A 45 2.91 2.21 -6.69
C CYS A 45 2.87 3.40 -7.65
N SER A 46 2.16 3.24 -8.76
CA SER A 46 2.05 4.29 -9.76
C SER A 46 0.63 4.85 -9.80
N PHE A 47 0.00 4.93 -8.63
CA PHE A 47 -1.37 5.44 -8.53
C PHE A 47 -1.41 6.69 -7.67
N LYS A 48 -1.81 7.81 -8.26
CA LYS A 48 -1.91 9.08 -7.55
C LYS A 48 -3.28 9.23 -6.90
N VAL A 49 -3.29 9.36 -5.57
CA VAL A 49 -4.53 9.52 -4.83
C VAL A 49 -4.44 10.70 -3.85
N PRO A 50 -5.59 11.31 -3.56
CA PRO A 50 -5.67 12.44 -2.64
C PRO A 50 -5.41 12.04 -1.19
N LYS A 51 -4.56 12.81 -0.51
CA LYS A 51 -4.23 12.52 0.88
C LYS A 51 -5.28 13.10 1.83
N SER A 52 -6.54 12.99 1.42
CA SER A 52 -7.65 13.52 2.23
C SER A 52 -8.73 12.45 2.42
N SER A 53 -8.32 11.18 2.36
CA SER A 53 -9.25 10.08 2.51
C SER A 53 -8.83 9.17 3.66
N MET A 54 -7.52 8.93 3.77
CA MET A 54 -6.99 8.08 4.83
C MET A 54 -7.52 8.51 6.19
N GLY A 55 -7.59 9.81 6.42
CA GLY A 55 -8.09 10.34 7.68
C GLY A 55 -7.31 11.55 8.15
N ALA A 56 -7.05 12.47 7.23
CA ALA A 56 -6.31 13.69 7.55
C ALA A 56 -7.01 14.92 6.99
N THR A 57 -8.34 14.95 7.11
CA THR A 57 -9.12 16.07 6.60
C THR A 57 -8.45 17.40 6.92
N ALA A 58 -7.92 18.06 5.89
CA ALA A 58 -7.25 19.34 6.06
C ALA A 58 -7.54 20.26 4.88
N PRO A 59 -7.60 21.57 5.17
CA PRO A 59 -7.87 22.59 4.14
C PRO A 59 -6.71 22.76 3.17
N GLU A 60 -5.67 21.95 3.35
CA GLU A 60 -4.50 22.00 2.49
C GLU A 60 -4.13 20.62 1.96
N ALA A 61 -4.32 19.60 2.81
CA ALA A 61 -4.01 18.24 2.44
C ALA A 61 -5.13 17.63 1.60
N GLN A 62 -5.63 18.41 0.65
CA GLN A 62 -6.71 17.94 -0.23
C GLN A 62 -6.32 18.09 -1.70
N ARG A 63 -5.62 19.18 -2.01
CA ARG A 63 -5.18 19.43 -3.38
C ARG A 63 -3.95 18.60 -3.72
N GLU A 64 -3.13 18.34 -2.71
CA GLU A 64 -1.91 17.56 -2.91
C GLU A 64 -2.23 16.16 -3.39
N THR A 65 -1.25 15.51 -4.01
CA THR A 65 -1.43 14.15 -4.51
C THR A 65 -0.28 13.24 -4.09
N VAL A 66 -0.62 12.07 -3.56
CA VAL A 66 0.38 11.12 -3.10
C VAL A 66 0.30 9.82 -3.90
N PHE A 67 1.43 9.15 -4.05
CA PHE A 67 1.49 7.89 -4.79
C PHE A 67 1.33 6.70 -3.85
N VAL A 68 0.40 5.80 -4.19
CA VAL A 68 0.16 4.62 -3.37
C VAL A 68 0.19 3.36 -4.22
N CYS A 69 0.06 2.21 -3.56
CA CYS A 69 0.08 0.92 -4.26
C CYS A 69 -1.34 0.52 -4.67
N ALA A 70 -1.44 -0.19 -5.79
CA ALA A 70 -2.74 -0.65 -6.29
C ALA A 70 -3.62 -1.13 -5.15
N SER A 71 -3.10 -2.07 -4.36
CA SER A 71 -3.86 -2.61 -3.23
C SER A 71 -4.56 -1.51 -2.46
N CYS A 72 -3.85 -0.42 -2.23
CA CYS A 72 -4.41 0.72 -1.49
C CYS A 72 -5.28 1.58 -2.40
N ASN A 73 -4.66 2.16 -3.43
CA ASN A 73 -5.39 3.01 -4.38
C ASN A 73 -6.79 2.47 -4.63
N GLN A 74 -6.90 1.14 -4.77
CA GLN A 74 -8.18 0.50 -5.02
C GLN A 74 -9.12 0.69 -3.82
N THR A 75 -8.58 0.49 -2.62
CA THR A 75 -9.37 0.63 -1.41
C THR A 75 -9.73 2.09 -1.15
N LEU A 76 -8.73 2.97 -1.23
CA LEU A 76 -8.95 4.39 -1.01
C LEU A 76 -9.97 4.95 -2.00
N SER A 77 -9.72 4.73 -3.28
CA SER A 77 -10.62 5.22 -4.33
C SER A 77 -11.80 4.27 -4.51
N LYS A 78 -12.37 3.83 -3.39
CA LYS A 78 -13.51 2.92 -3.42
C LYS A 78 -14.45 3.19 -2.24
N SER A 79 -15.66 3.65 -2.55
CA SER A 79 -16.64 3.96 -1.51
C SER A 79 -17.52 2.74 -1.23
N GLY A 80 -16.88 1.59 -1.03
CA GLY A 80 -17.63 0.37 -0.76
C GLY A 80 -17.02 -0.44 0.37
N PRO A 81 -17.35 -1.74 0.41
CA PRO A 81 -16.84 -2.65 1.45
C PRO A 81 -15.35 -2.92 1.30
N SER A 82 -14.55 -2.23 2.09
CA SER A 82 -13.10 -2.38 2.04
C SER A 82 -12.68 -3.68 2.73
N SER A 83 -11.73 -4.39 2.10
CA SER A 83 -11.24 -5.66 2.65
C SER A 83 -9.90 -5.47 3.32
N GLY A 84 -9.55 -6.40 4.21
CA GLY A 84 -8.29 -6.32 4.92
C GLY A 84 -8.45 -6.46 6.42
#